data_5XQO
#
_entry.id   5XQO
#
_cell.length_a   166.437
_cell.length_b   166.437
_cell.length_c   171.932
_cell.angle_alpha   90.00
_cell.angle_beta   90.00
_cell.angle_gamma   90.00
#
_symmetry.space_group_name_H-M   'P 42 21 2'
#
loop_
_entity.id
_entity.type
_entity.pdbx_description
1 polymer 'Pcrglx protein'
2 branched '2,6-anhydro-3-deoxy-L-threo-hex-2-enonic acid-(1-2)-alpha-L-rhamnopyranose-(1-4)-alpha-D-galactopyranuronic acid-(1-2)-alpha-L-rhamnopyranose'
3 branched '2,6-anhydro-3-deoxy-L-threo-hex-2-enonic acid-(1-3)-alpha-L-rhamnopyranose-(1-4)-alpha-D-galactopyranuronic acid-(1-2)-alpha-L-rhamnopyranose'
4 non-polymer 'CALCIUM ION'
5 water water
#
_entity_poly.entity_id   1
_entity_poly.type   'polypeptide(L)'
_entity_poly.pdbx_seq_one_letter_code
;FNCTSSSATVHWLGDKPTYHAGVTFGLPWPQGKYRPQETSFSLTGDTEDKSELQSWATGYWADGSLKWTAHAIAESNQIY
DQYTVTASSLGCVKSSSSSSESSAPNSSIVVTDNSDALTVNTGEVAVSFPKGGNVIIGDIKTKSGKVIGANGRLVLQSQD
SVPDNFDNRANSPIQYSNFDGNINEVFVNQTSARTLVTVRGNHTVTDGTDHDPWLPFVVRFYLYANSATIKV(MSE)HSI
VFDGDENDFITGLGIRFDVPLKGEEYYDRHIRFAGVDGGIFNEAVQGITGLRRDPGEEIRAAQFAGQKLADTETWEPRVS
TRLKWIPTWADYGLTQLTADGFGLKKRTKAGQSWVNIPSGTRAEGLAYLGGATQGGLAVGLRDFWKRYPVGLDISNAASD
TGELTLWLYSPAAEPLDLRPFHDGLGQDGYEDQLDALEITFEDWEPGFDTPYGIARTSEVYLFAFDQTPTSDKLASLTAY
(MSE)NDPPVLVAEPKYIHETQALGEYWALPGSASPAAATLEDRLQFIFDFYKGQIEQRRWYGFLDYGDF(MSE)HTYDP
DRHTWRYDVGGYAWDNSELSPDLFFWLYFLRTGSKDAYRFAEALTRHTGEVDVYHIGDWKGLGTRHGVQHWSDSAKQARI
SQPQYRKYFFYLSGGDERVGELLEELLDTDKTYGELDPQRKVRTDGWEPSPNSTVSFGLGTDWSGLAAGWLIEWERRGPR
WEEAKTKLTNTIAGIANLTNGFVTGSGLYDPVTWTLGPPPSDPGNRGNVSISHLNAVFGLPEVVSEAIAYLADDIPKGFK
QAWLDYCYYYHASASEQKDRYGVSFSKISLLQAHSRLAAYAAYETKNKTLALRAWKDFYASDGLLPDAPWNITHVDGSDV
LVPVDEAAWLATNDIAQYGLAVIQNLAYVSDSLDDYQS
;
_entity_poly.pdbx_strand_id   A,B
#
# COMPACT_ATOMS: atom_id res chain seq x y z
N ASN A 2 36.59 -54.03 6.59
CA ASN A 2 35.28 -54.19 7.30
C ASN A 2 34.64 -52.83 7.69
N CYS A 3 33.42 -52.87 8.21
CA CYS A 3 32.48 -51.76 8.03
C CYS A 3 32.24 -50.74 9.17
N THR A 4 32.14 -49.47 8.76
CA THR A 4 31.58 -48.40 9.57
C THR A 4 30.38 -47.82 8.81
N SER A 5 29.20 -47.91 9.40
CA SER A 5 27.98 -47.36 8.82
C SER A 5 27.09 -46.78 9.92
N SER A 6 26.53 -45.58 9.65
CA SER A 6 25.66 -44.88 10.60
C SER A 6 24.61 -44.05 9.84
N SER A 7 23.40 -43.95 10.40
CA SER A 7 22.29 -43.25 9.76
C SER A 7 21.93 -41.97 10.51
N ALA A 8 21.35 -41.02 9.80
CA ALA A 8 20.95 -39.78 10.42
C ALA A 8 19.76 -39.25 9.68
N THR A 9 18.70 -38.87 10.41
CA THR A 9 17.41 -38.50 9.85
C THR A 9 17.30 -36.99 9.68
N VAL A 10 16.58 -36.62 8.61
CA VAL A 10 16.36 -35.24 8.22
C VAL A 10 14.83 -35.03 8.10
N HIS A 11 14.33 -33.92 8.62
CA HIS A 11 12.90 -33.65 8.77
C HIS A 11 12.56 -32.38 8.00
N TRP A 12 11.30 -32.25 7.59
CA TRP A 12 10.85 -30.98 7.02
C TRP A 12 10.85 -29.97 8.14
N LEU A 13 11.37 -28.79 7.87
CA LEU A 13 11.31 -27.68 8.80
C LEU A 13 9.92 -27.48 9.44
N GLY A 14 8.88 -27.44 8.62
CA GLY A 14 7.52 -27.29 9.11
C GLY A 14 6.69 -28.54 8.94
N ASP A 15 5.51 -28.40 8.32
CA ASP A 15 4.65 -29.54 7.96
C ASP A 15 5.21 -30.23 6.73
N LYS A 16 4.73 -31.44 6.44
CA LYS A 16 5.08 -32.16 5.20
C LYS A 16 4.50 -31.37 4.05
N PRO A 17 5.37 -30.85 3.15
CA PRO A 17 4.87 -29.97 2.10
C PRO A 17 4.14 -30.73 1.03
N THR A 18 3.20 -30.05 0.39
CA THR A 18 2.36 -30.64 -0.67
C THR A 18 3.14 -30.80 -2.01
N TYR A 19 4.29 -30.14 -2.12
CA TYR A 19 5.08 -30.07 -3.32
C TYR A 19 6.49 -29.57 -2.97
N HIS A 20 7.49 -30.15 -3.61
CA HIS A 20 8.84 -29.58 -3.59
C HIS A 20 9.51 -29.92 -4.90
N ALA A 21 10.46 -29.05 -5.28
CA ALA A 21 11.07 -29.03 -6.61
C ALA A 21 12.56 -29.39 -6.51
N GLY A 22 12.80 -30.41 -5.71
CA GLY A 22 14.13 -30.83 -5.27
C GLY A 22 14.68 -29.93 -4.17
N VAL A 23 15.35 -30.54 -3.18
CA VAL A 23 15.99 -29.78 -2.09
C VAL A 23 17.42 -30.23 -1.78
N THR A 24 18.18 -29.29 -1.22
CA THR A 24 19.52 -29.55 -0.74
C THR A 24 19.57 -29.36 0.79
N PHE A 25 20.09 -30.36 1.50
CA PHE A 25 20.28 -30.28 2.94
C PHE A 25 21.70 -30.60 3.32
N GLY A 26 22.04 -30.31 4.57
CA GLY A 26 23.30 -30.68 5.19
C GLY A 26 23.08 -31.72 6.28
N LEU A 27 24.04 -32.61 6.44
CA LEU A 27 24.14 -33.47 7.60
C LEU A 27 25.51 -33.27 8.20
N PRO A 28 25.59 -33.34 9.54
CA PRO A 28 26.86 -33.38 10.23
C PRO A 28 27.26 -34.81 10.45
N TRP A 29 28.51 -35.00 10.83
CA TRP A 29 29.08 -36.32 11.05
C TRP A 29 30.13 -36.25 12.17
N PRO A 30 30.20 -37.27 13.04
CA PRO A 30 31.21 -37.36 14.10
C PRO A 30 32.65 -37.21 13.65
N GLN A 31 33.41 -36.45 14.40
CA GLN A 31 34.84 -36.28 14.18
C GLN A 31 35.55 -37.65 14.14
N GLY A 32 36.34 -37.88 13.10
CA GLY A 32 37.07 -39.12 12.91
C GLY A 32 36.35 -40.33 12.32
N LYS A 33 35.10 -40.17 11.87
CA LYS A 33 34.30 -41.34 11.50
C LYS A 33 34.29 -41.69 10.01
N TYR A 34 34.31 -40.70 9.13
CA TYR A 34 34.23 -41.00 7.69
C TYR A 34 35.27 -40.27 6.82
N ARG A 35 36.07 -41.05 6.07
CA ARG A 35 37.02 -40.50 5.13
C ARG A 35 36.30 -40.08 3.85
N PRO A 36 36.66 -38.91 3.29
CA PRO A 36 35.99 -38.44 2.07
C PRO A 36 36.22 -39.34 0.86
N GLN A 37 35.21 -39.36 -0.02
CA GLN A 37 35.27 -40.11 -1.27
C GLN A 37 35.47 -41.63 -1.00
N GLU A 38 35.48 -42.04 0.27
CA GLU A 38 35.54 -43.45 0.68
C GLU A 38 34.32 -43.77 1.56
N THR A 39 33.23 -43.06 1.32
CA THR A 39 32.01 -43.20 2.07
C THR A 39 30.91 -42.96 1.05
N SER A 40 29.96 -43.89 0.92
CA SER A 40 28.78 -43.69 0.07
C SER A 40 27.57 -43.37 0.94
N PHE A 41 26.53 -42.81 0.34
CA PHE A 41 25.35 -42.35 1.08
C PHE A 41 24.05 -42.81 0.40
N SER A 42 23.28 -43.65 1.10
CA SER A 42 21.93 -44.09 0.68
C SER A 42 20.79 -43.37 1.37
N LEU A 43 19.60 -43.46 0.78
CA LEU A 43 18.42 -42.72 1.23
C LEU A 43 17.26 -43.68 1.47
N THR A 44 16.63 -43.57 2.64
CA THR A 44 15.35 -44.22 2.92
C THR A 44 14.31 -43.14 3.22
N GLY A 45 13.21 -43.14 2.49
CA GLY A 45 12.06 -42.35 2.87
C GLY A 45 10.97 -43.27 3.38
N ASP A 46 11.02 -43.61 4.67
CA ASP A 46 10.03 -44.53 5.31
C ASP A 46 10.04 -45.96 4.67
N THR A 47 9.63 -46.06 3.38
CA THR A 47 9.54 -47.32 2.59
C THR A 47 10.74 -48.26 2.69
N LEU A 53 21.46 -41.19 -3.47
CA LEU A 53 21.45 -39.84 -2.89
C LEU A 53 22.69 -39.06 -3.25
N GLN A 54 22.48 -37.91 -3.87
CA GLN A 54 23.57 -37.10 -4.40
C GLN A 54 24.35 -36.37 -3.29
N SER A 55 25.51 -36.88 -2.91
CA SER A 55 26.25 -36.33 -1.76
C SER A 55 27.56 -35.62 -2.12
N TRP A 56 27.91 -34.60 -1.33
CA TRP A 56 29.25 -34.00 -1.34
C TRP A 56 29.67 -33.33 -0.02
N ALA A 57 30.98 -33.21 0.19
CA ALA A 57 31.52 -32.55 1.40
C ALA A 57 31.45 -31.02 1.32
N THR A 58 31.03 -30.39 2.40
CA THR A 58 31.06 -28.93 2.53
C THR A 58 32.09 -28.42 3.50
N GLY A 59 32.52 -29.29 4.43
CA GLY A 59 33.52 -28.96 5.47
C GLY A 59 34.07 -30.26 6.06
N TYR A 60 35.32 -30.20 6.52
CA TYR A 60 36.07 -31.38 7.04
C TYR A 60 36.62 -31.10 8.45
N TRP A 61 36.95 -32.17 9.16
CA TRP A 61 37.51 -32.06 10.50
C TRP A 61 39.00 -31.76 10.42
N ALA A 62 39.57 -31.46 11.60
CA ALA A 62 41.00 -31.37 11.84
C ALA A 62 41.75 -32.47 11.09
N ASP A 63 41.34 -33.71 11.37
CA ASP A 63 42.05 -34.90 10.89
C ASP A 63 41.83 -35.22 9.41
N GLY A 64 40.85 -34.58 8.79
CA GLY A 64 40.54 -34.78 7.36
C GLY A 64 39.29 -35.60 7.08
N SER A 65 38.67 -36.16 8.11
CA SER A 65 37.37 -36.79 8.00
C SER A 65 36.24 -35.80 7.66
N LEU A 66 35.11 -36.32 7.21
CA LEU A 66 33.93 -35.51 6.91
C LEU A 66 33.36 -34.95 8.19
N LYS A 67 33.13 -33.62 8.17
CA LYS A 67 32.46 -32.89 9.25
C LYS A 67 31.02 -32.56 8.85
N TRP A 68 30.89 -31.79 7.78
CA TRP A 68 29.60 -31.49 7.20
C TRP A 68 29.60 -31.95 5.73
N THR A 69 28.52 -32.59 5.32
CA THR A 69 28.27 -32.92 3.92
C THR A 69 27.05 -32.15 3.47
N ALA A 70 26.72 -32.28 2.21
CA ALA A 70 25.49 -31.71 1.66
C ALA A 70 24.91 -32.71 0.70
N HIS A 71 23.59 -32.67 0.56
CA HIS A 71 22.87 -33.71 -0.16
C HIS A 71 21.76 -33.10 -0.96
N ALA A 72 21.39 -33.76 -2.05
CA ALA A 72 20.44 -33.22 -3.01
C ALA A 72 19.53 -34.32 -3.52
N ILE A 73 18.22 -34.09 -3.39
CA ILE A 73 17.24 -35.02 -3.92
C ILE A 73 16.49 -34.36 -5.06
N ALA A 74 16.11 -35.17 -6.06
CA ALA A 74 15.36 -34.69 -7.21
C ALA A 74 13.93 -34.32 -6.82
N GLU A 75 13.24 -33.57 -7.69
CA GLU A 75 11.81 -33.38 -7.53
C GLU A 75 11.14 -34.75 -7.51
N SER A 76 10.06 -34.88 -6.76
CA SER A 76 9.25 -36.09 -6.76
C SER A 76 7.82 -35.72 -6.45
N ASN A 77 6.90 -36.64 -6.75
CA ASN A 77 5.54 -36.58 -6.22
C ASN A 77 5.41 -37.32 -4.88
N GLN A 78 6.30 -38.30 -4.64
CA GLN A 78 6.44 -38.93 -3.32
C GLN A 78 7.15 -37.97 -2.36
N ILE A 79 6.44 -37.58 -1.31
CA ILE A 79 7.00 -36.71 -0.28
C ILE A 79 6.75 -37.40 1.04
N TYR A 80 7.84 -37.67 1.75
CA TYR A 80 7.79 -38.48 2.94
C TYR A 80 7.86 -37.61 4.17
N ASP A 81 7.37 -38.13 5.29
CA ASP A 81 7.39 -37.41 6.57
C ASP A 81 8.81 -37.20 7.08
N GLN A 82 9.67 -38.20 6.84
CA GLN A 82 11.12 -38.09 7.09
C GLN A 82 11.96 -38.79 6.04
N TYR A 83 13.17 -38.27 5.84
CA TYR A 83 14.18 -38.86 4.98
C TYR A 83 15.32 -39.27 5.88
N THR A 84 15.71 -40.55 5.79
CA THR A 84 16.87 -41.07 6.53
C THR A 84 17.97 -41.35 5.53
N VAL A 85 19.18 -40.94 5.90
CA VAL A 85 20.38 -41.03 5.07
C VAL A 85 21.33 -41.97 5.79
N THR A 86 21.55 -43.16 5.26
CA THR A 86 22.57 -44.06 5.81
C THR A 86 23.92 -43.76 5.14
N ALA A 87 25.00 -43.99 5.86
CA ALA A 87 26.35 -43.78 5.35
C ALA A 87 27.10 -45.07 5.58
N SER A 88 27.53 -45.72 4.51
CA SER A 88 28.42 -46.87 4.61
C SER A 88 29.81 -46.48 4.13
N SER A 89 30.84 -46.98 4.80
CA SER A 89 32.21 -46.83 4.33
C SER A 89 32.44 -47.84 3.20
N LEU A 90 33.67 -47.92 2.73
CA LEU A 90 34.01 -48.83 1.63
C LEU A 90 34.10 -50.28 2.09
N GLY A 91 34.53 -50.49 3.33
CA GLY A 91 34.56 -51.83 3.94
C GLY A 91 33.24 -52.59 3.81
N CYS A 92 32.14 -51.84 3.80
CA CYS A 92 30.81 -52.42 3.66
C CYS A 92 30.59 -53.13 2.33
N VAL A 93 30.76 -52.43 1.21
CA VAL A 93 30.53 -53.05 -0.10
C VAL A 93 31.63 -54.07 -0.51
N LYS A 94 32.83 -53.97 0.09
CA LYS A 94 33.95 -54.85 -0.25
C LYS A 94 34.11 -56.05 0.71
N SER A 95 33.03 -56.44 1.38
CA SER A 95 32.86 -57.82 1.88
C SER A 95 31.41 -58.22 1.52
N SER A 96 31.25 -58.72 0.30
CA SER A 96 29.94 -58.94 -0.29
C SER A 96 29.64 -60.44 -0.52
N SER A 97 29.61 -60.86 -1.79
CA SER A 97 28.89 -62.03 -2.25
C SER A 97 27.41 -61.98 -1.91
N SER A 98 26.88 -60.78 -2.07
CA SER A 98 25.49 -60.54 -2.39
C SER A 98 25.56 -59.60 -3.60
N SER A 99 24.42 -59.31 -4.20
CA SER A 99 24.39 -58.55 -5.45
C SER A 99 23.26 -57.54 -5.48
N SER A 100 23.62 -56.26 -5.48
CA SER A 100 22.67 -55.19 -5.76
C SER A 100 22.07 -55.33 -7.15
N GLU A 101 20.86 -54.82 -7.37
CA GLU A 101 20.46 -54.37 -8.72
C GLU A 101 21.03 -52.94 -8.95
N SER A 102 21.36 -52.61 -10.20
CA SER A 102 21.82 -51.24 -10.55
C SER A 102 20.57 -50.44 -10.90
N SER A 103 20.51 -49.19 -10.41
CA SER A 103 19.27 -48.43 -10.33
C SER A 103 18.78 -47.88 -11.69
N ALA A 104 19.25 -46.69 -12.08
CA ALA A 104 18.66 -45.88 -13.18
C ALA A 104 17.45 -45.07 -12.68
N PRO A 105 17.67 -43.81 -12.26
CA PRO A 105 16.59 -42.85 -12.04
C PRO A 105 15.65 -42.68 -13.25
N ASN A 106 14.34 -42.47 -13.01
CA ASN A 106 13.35 -42.20 -14.08
C ASN A 106 13.73 -40.94 -14.89
N SER A 107 14.36 -39.98 -14.21
CA SER A 107 14.88 -38.76 -14.81
C SER A 107 16.24 -38.42 -14.16
N SER A 108 17.14 -37.82 -14.94
CA SER A 108 18.49 -37.46 -14.46
C SER A 108 19.22 -36.47 -15.36
N ILE A 109 19.65 -35.34 -14.80
CA ILE A 109 20.19 -34.20 -15.57
C ILE A 109 21.30 -34.59 -16.56
N VAL A 110 21.26 -33.96 -17.74
CA VAL A 110 22.34 -34.04 -18.73
C VAL A 110 22.64 -32.64 -19.27
N VAL A 111 23.92 -32.34 -19.44
CA VAL A 111 24.32 -31.04 -19.98
C VAL A 111 25.11 -31.24 -21.27
N THR A 112 25.16 -30.16 -22.05
CA THR A 112 25.96 -30.06 -23.26
C THR A 112 26.76 -28.77 -23.16
N ASP A 113 28.04 -28.90 -22.83
CA ASP A 113 29.02 -27.80 -22.83
C ASP A 113 29.48 -27.44 -24.26
N ASN A 114 29.58 -26.14 -24.53
CA ASN A 114 29.58 -25.63 -25.90
C ASN A 114 30.46 -24.41 -26.07
N SER A 115 30.93 -24.17 -27.29
CA SER A 115 31.67 -22.96 -27.60
C SER A 115 30.78 -21.71 -27.41
N ASP A 116 29.53 -21.76 -27.91
CA ASP A 116 28.59 -20.63 -27.84
C ASP A 116 27.77 -20.60 -26.54
N ALA A 117 26.94 -21.62 -26.33
CA ALA A 117 26.03 -21.69 -25.17
C ALA A 117 26.37 -22.81 -24.15
N LEU A 118 25.38 -23.25 -23.38
CA LEU A 118 25.49 -24.37 -22.42
C LEU A 118 24.06 -24.79 -22.03
N THR A 119 23.66 -26.02 -22.32
CA THR A 119 22.28 -26.44 -22.07
C THR A 119 22.20 -27.40 -20.90
N VAL A 120 21.11 -27.34 -20.16
CA VAL A 120 20.94 -28.15 -18.97
C VAL A 120 19.54 -28.72 -19.07
N ASN A 121 19.47 -30.06 -19.24
CA ASN A 121 18.20 -30.77 -19.36
C ASN A 121 17.82 -31.56 -18.10
N THR A 122 16.82 -31.05 -17.38
CA THR A 122 16.30 -31.67 -16.17
C THR A 122 15.48 -32.91 -16.45
N GLY A 123 14.92 -33.02 -17.65
CA GLY A 123 13.94 -34.06 -17.96
C GLY A 123 12.54 -33.50 -18.16
N GLU A 124 12.28 -32.31 -17.63
CA GLU A 124 11.02 -31.58 -17.85
C GLU A 124 11.22 -30.22 -18.53
N VAL A 125 12.39 -29.60 -18.34
CA VAL A 125 12.84 -28.50 -19.17
C VAL A 125 14.30 -28.62 -19.57
N ALA A 126 14.61 -27.93 -20.67
CA ALA A 126 15.96 -27.71 -21.12
C ALA A 126 16.11 -26.20 -21.20
N VAL A 127 17.11 -25.65 -20.51
CA VAL A 127 17.40 -24.22 -20.61
C VAL A 127 18.84 -23.97 -21.11
N SER A 128 19.00 -22.94 -21.94
CA SER A 128 20.31 -22.54 -22.50
C SER A 128 20.92 -21.38 -21.71
N PHE A 129 22.23 -21.43 -21.50
CA PHE A 129 22.96 -20.35 -20.82
C PHE A 129 24.10 -19.80 -21.69
N PRO A 130 23.83 -18.75 -22.50
CA PRO A 130 24.85 -18.04 -23.23
C PRO A 130 26.11 -17.83 -22.43
N LYS A 131 27.26 -18.16 -23.02
CA LYS A 131 28.57 -17.94 -22.39
C LYS A 131 29.08 -16.49 -22.54
N GLY A 132 28.41 -15.70 -23.37
CA GLY A 132 28.62 -14.24 -23.43
C GLY A 132 27.37 -13.54 -23.93
N GLY A 133 27.45 -12.21 -23.96
CA GLY A 133 26.36 -11.36 -24.48
C GLY A 133 25.50 -10.73 -23.41
N ASN A 134 24.35 -10.18 -23.82
CA ASN A 134 23.46 -9.48 -22.91
C ASN A 134 22.15 -10.24 -22.73
N VAL A 135 22.25 -11.57 -22.64
CA VAL A 135 21.10 -12.44 -22.37
C VAL A 135 21.55 -13.65 -21.52
N ILE A 136 21.00 -13.78 -20.31
CA ILE A 136 21.42 -14.84 -19.40
C ILE A 136 20.91 -16.21 -19.80
N ILE A 137 19.62 -16.25 -20.12
CA ILE A 137 18.97 -17.48 -20.57
C ILE A 137 18.48 -17.26 -21.99
N GLY A 138 19.01 -18.04 -22.92
CA GLY A 138 18.65 -17.97 -24.33
C GLY A 138 17.23 -18.43 -24.60
N ASP A 139 16.88 -19.60 -24.10
CA ASP A 139 15.51 -20.12 -24.23
C ASP A 139 15.27 -21.19 -23.18
N ILE A 140 14.01 -21.36 -22.79
CA ILE A 140 13.59 -22.41 -21.86
C ILE A 140 12.57 -23.27 -22.62
N LYS A 141 12.88 -24.57 -22.74
CA LYS A 141 12.07 -25.48 -23.55
C LYS A 141 11.35 -26.48 -22.69
N THR A 142 10.10 -26.80 -23.04
CA THR A 142 9.40 -27.96 -22.47
C THR A 142 10.09 -29.24 -22.90
N LYS A 143 9.64 -30.36 -22.33
CA LYS A 143 10.02 -31.70 -22.82
C LYS A 143 9.52 -31.92 -24.26
N SER A 144 8.31 -31.44 -24.60
CA SER A 144 7.82 -31.38 -26.01
C SER A 144 8.88 -30.89 -27.01
N GLY A 145 9.76 -30.00 -26.59
CA GLY A 145 10.80 -29.38 -27.43
C GLY A 145 10.51 -27.91 -27.66
N LYS A 146 9.27 -27.50 -27.36
CA LYS A 146 8.77 -26.16 -27.65
C LYS A 146 9.38 -25.14 -26.69
N VAL A 147 9.54 -23.90 -27.16
CA VAL A 147 9.99 -22.77 -26.36
C VAL A 147 8.80 -22.16 -25.61
N ILE A 148 8.96 -22.01 -24.29
CA ILE A 148 7.92 -21.45 -23.41
C ILE A 148 8.26 -20.04 -22.93
N GLY A 149 9.56 -19.79 -22.79
CA GLY A 149 10.05 -18.44 -22.58
C GLY A 149 11.45 -18.36 -23.14
N ALA A 150 11.91 -17.14 -23.42
CA ALA A 150 13.24 -16.97 -24.00
C ALA A 150 13.79 -15.57 -23.84
N ASN A 151 15.09 -15.45 -24.07
CA ASN A 151 15.84 -14.20 -23.95
C ASN A 151 15.67 -13.57 -22.58
N GLY A 152 15.85 -14.42 -21.57
CA GLY A 152 15.87 -13.96 -20.19
C GLY A 152 17.03 -13.00 -20.06
N ARG A 153 16.73 -11.82 -19.51
CA ARG A 153 17.73 -10.75 -19.35
C ARG A 153 17.55 -9.92 -18.03
N LEU A 154 18.67 -9.42 -17.51
CA LEU A 154 18.68 -8.49 -16.37
C LEU A 154 18.61 -7.07 -16.90
N VAL A 155 17.60 -6.33 -16.44
CA VAL A 155 17.44 -4.92 -16.77
C VAL A 155 17.85 -4.07 -15.57
N LEU A 156 18.36 -2.88 -15.87
CA LEU A 156 18.63 -1.85 -14.84
C LEU A 156 18.46 -0.49 -15.48
N GLN A 157 17.66 0.36 -14.86
CA GLN A 157 17.60 1.76 -15.24
C GLN A 157 18.23 2.54 -14.08
N SER A 158 18.85 3.68 -14.37
CA SER A 158 19.30 4.65 -13.35
C SER A 158 18.75 6.03 -13.68
N GLN A 159 18.98 7.00 -12.80
CA GLN A 159 18.90 8.42 -13.18
C GLN A 159 20.17 9.16 -12.68
N ASP A 160 20.48 10.29 -13.33
CA ASP A 160 21.74 10.99 -13.08
C ASP A 160 21.65 11.89 -11.86
N SER A 161 20.42 12.29 -11.56
CA SER A 161 20.13 13.29 -10.56
C SER A 161 18.73 13.01 -10.02
N VAL A 162 18.41 13.62 -8.89
CA VAL A 162 17.06 13.53 -8.33
C VAL A 162 16.64 14.92 -7.80
N PRO A 163 15.40 15.37 -8.06
CA PRO A 163 15.05 16.75 -7.72
C PRO A 163 14.93 16.97 -6.23
N ASP A 164 15.20 18.21 -5.78
CA ASP A 164 15.16 18.53 -4.34
C ASP A 164 13.77 18.26 -3.76
N ASN A 165 12.73 18.87 -4.32
CA ASN A 165 11.32 18.55 -3.97
C ASN A 165 10.45 18.55 -5.25
N PHE A 166 9.17 18.21 -5.12
CA PHE A 166 8.31 17.95 -6.29
C PHE A 166 8.20 19.15 -7.18
N ASP A 167 8.04 20.32 -6.56
CA ASP A 167 7.96 21.57 -7.31
C ASP A 167 9.23 21.79 -8.14
N ASN A 168 10.37 21.46 -7.55
CA ASN A 168 11.68 21.61 -8.23
C ASN A 168 11.87 20.84 -9.56
N ARG A 169 10.95 19.89 -9.89
CA ARG A 169 11.01 19.14 -11.17
C ARG A 169 11.14 20.05 -12.42
N ALA A 170 10.41 21.16 -12.41
CA ALA A 170 10.42 22.13 -13.51
C ALA A 170 11.84 22.60 -13.87
N ASN A 171 12.61 22.97 -12.87
CA ASN A 171 13.93 23.56 -13.09
C ASN A 171 15.13 22.58 -12.98
N SER A 172 14.90 21.32 -12.57
CA SER A 172 15.93 20.24 -12.55
C SER A 172 15.61 19.11 -13.56
N PRO A 173 16.49 18.86 -14.57
CA PRO A 173 16.21 17.76 -15.50
C PRO A 173 16.83 16.43 -15.06
N ILE A 174 16.04 15.36 -14.99
CA ILE A 174 16.56 14.01 -14.70
C ILE A 174 16.99 13.39 -16.02
N GLN A 175 18.26 12.94 -16.11
CA GLN A 175 18.79 12.20 -17.29
C GLN A 175 18.80 10.67 -17.00
N TYR A 176 17.87 9.97 -17.62
CA TYR A 176 17.66 8.54 -17.40
C TYR A 176 18.60 7.75 -18.28
N SER A 177 18.87 6.51 -17.92
CA SER A 177 19.75 5.65 -18.72
C SER A 177 19.56 4.18 -18.42
N ASN A 178 19.54 3.36 -19.48
CA ASN A 178 19.20 1.93 -19.40
C ASN A 178 20.40 1.04 -19.63
N PHE A 179 20.30 -0.15 -19.04
CA PHE A 179 21.39 -1.12 -19.06
C PHE A 179 20.87 -2.53 -19.28
N ASP A 180 21.80 -3.35 -19.76
CA ASP A 180 21.61 -4.75 -20.08
C ASP A 180 22.62 -5.54 -19.25
N GLY A 181 22.18 -6.62 -18.61
CA GLY A 181 23.11 -7.51 -17.91
C GLY A 181 24.13 -8.19 -18.82
N ASN A 182 25.38 -7.77 -18.80
CA ASN A 182 26.40 -8.32 -19.68
C ASN A 182 27.15 -9.49 -19.05
N ILE A 183 27.06 -10.66 -19.66
CA ILE A 183 27.75 -11.85 -19.15
C ILE A 183 29.27 -11.84 -19.36
N ASN A 184 30.00 -12.38 -18.40
CA ASN A 184 31.47 -12.46 -18.45
C ASN A 184 32.03 -13.85 -18.08
N GLU A 185 31.40 -14.60 -17.18
CA GLU A 185 31.78 -16.00 -16.96
C GLU A 185 30.53 -16.85 -16.74
N VAL A 186 30.63 -18.13 -17.10
CA VAL A 186 29.60 -19.11 -16.77
C VAL A 186 30.34 -20.32 -16.16
N PHE A 187 29.77 -20.92 -15.12
CA PHE A 187 30.33 -22.08 -14.46
C PHE A 187 29.25 -23.17 -14.33
N VAL A 188 29.69 -24.41 -14.05
CA VAL A 188 28.77 -25.53 -13.84
C VAL A 188 29.21 -26.50 -12.74
N ASN A 189 28.25 -26.86 -11.89
CA ASN A 189 28.38 -27.96 -10.96
C ASN A 189 27.30 -28.93 -11.33
N GLN A 190 27.66 -29.87 -12.18
CA GLN A 190 26.71 -30.85 -12.67
C GLN A 190 26.57 -32.01 -11.67
N THR A 191 25.35 -32.45 -11.39
CA THR A 191 25.13 -33.81 -10.82
C THR A 191 23.85 -34.39 -11.39
N SER A 192 23.68 -35.72 -11.28
CA SER A 192 22.42 -36.37 -11.69
C SER A 192 21.23 -35.52 -11.25
N ALA A 193 21.21 -35.26 -9.94
CA ALA A 193 20.04 -34.75 -9.25
C ALA A 193 19.93 -33.24 -9.35
N ARG A 194 21.04 -32.51 -9.20
CA ARG A 194 21.02 -31.07 -9.45
C ARG A 194 22.29 -30.44 -9.99
N THR A 195 22.09 -29.39 -10.79
CA THR A 195 23.15 -28.70 -11.48
C THR A 195 23.02 -27.22 -11.16
N LEU A 196 24.05 -26.68 -10.50
CA LEU A 196 24.17 -25.25 -10.26
C LEU A 196 24.83 -24.58 -11.47
N VAL A 197 24.15 -23.57 -12.03
CA VAL A 197 24.70 -22.73 -13.10
C VAL A 197 24.99 -21.34 -12.53
N THR A 198 26.27 -21.03 -12.28
CA THR A 198 26.71 -19.73 -11.76
C THR A 198 27.17 -18.76 -12.88
N VAL A 199 26.42 -17.68 -13.07
CA VAL A 199 26.72 -16.69 -14.11
C VAL A 199 27.15 -15.39 -13.47
N ARG A 200 28.39 -14.97 -13.71
CA ARG A 200 28.92 -13.66 -13.27
C ARG A 200 29.02 -12.65 -14.40
N GLY A 201 28.83 -11.36 -14.07
CA GLY A 201 28.90 -10.28 -15.05
C GLY A 201 28.78 -8.86 -14.50
N ASN A 202 28.29 -7.97 -15.36
CA ASN A 202 28.22 -6.52 -15.18
C ASN A 202 26.91 -5.98 -15.70
N HIS A 203 26.63 -4.73 -15.37
CA HIS A 203 25.59 -3.97 -16.07
C HIS A 203 26.25 -2.95 -17.01
N THR A 204 25.96 -3.10 -18.32
CA THR A 204 26.49 -2.27 -19.42
C THR A 204 25.37 -1.48 -20.10
N VAL A 205 25.72 -0.34 -20.67
CA VAL A 205 24.74 0.61 -21.23
C VAL A 205 24.12 0.07 -22.51
N THR A 206 22.93 0.54 -22.86
CA THR A 206 22.38 0.33 -24.21
C THR A 206 21.66 1.58 -24.73
N ASP A 207 20.59 1.95 -24.02
CA ASP A 207 19.85 3.20 -24.25
C ASP A 207 20.31 4.23 -23.20
N GLY A 208 19.87 5.48 -23.35
CA GLY A 208 20.27 6.60 -22.48
C GLY A 208 21.77 6.84 -22.30
N THR A 209 22.10 7.87 -21.52
CA THR A 209 23.49 8.40 -21.37
C THR A 209 24.62 7.33 -21.12
N ASP A 210 25.80 7.53 -21.73
CA ASP A 210 26.97 6.62 -21.60
C ASP A 210 27.53 6.54 -20.15
N HIS A 211 28.19 5.42 -19.84
CA HIS A 211 28.56 5.01 -18.47
C HIS A 211 29.71 3.96 -18.48
N ASP A 212 30.49 3.89 -17.40
CA ASP A 212 31.34 2.72 -17.10
C ASP A 212 30.47 1.47 -16.89
N PRO A 213 30.98 0.27 -17.20
CA PRO A 213 30.21 -0.90 -16.78
C PRO A 213 30.27 -0.99 -15.24
N TRP A 214 29.13 -1.33 -14.63
CA TRP A 214 28.98 -1.19 -13.18
C TRP A 214 27.89 -2.12 -12.64
N LEU A 215 27.56 -1.96 -11.35
CA LEU A 215 26.59 -2.79 -10.63
C LEU A 215 26.78 -4.27 -10.94
N PRO A 216 27.91 -4.86 -10.49
CA PRO A 216 28.17 -6.28 -10.79
C PRO A 216 27.13 -7.22 -10.22
N PHE A 217 27.16 -8.44 -10.71
CA PHE A 217 26.18 -9.41 -10.33
C PHE A 217 26.79 -10.78 -10.45
N VAL A 218 26.32 -11.65 -9.57
CA VAL A 218 26.41 -13.06 -9.83
C VAL A 218 25.00 -13.62 -9.62
N VAL A 219 24.62 -14.52 -10.51
CA VAL A 219 23.28 -15.11 -10.49
C VAL A 219 23.53 -16.61 -10.51
N ARG A 220 22.86 -17.32 -9.61
CA ARG A 220 22.95 -18.78 -9.53
C ARG A 220 21.61 -19.40 -9.91
N PHE A 221 21.64 -20.25 -10.92
CA PHE A 221 20.48 -20.99 -11.32
C PHE A 221 20.61 -22.41 -10.82
N TYR A 222 19.58 -22.83 -10.10
CA TYR A 222 19.51 -24.16 -9.50
C TYR A 222 18.44 -24.98 -10.21
N LEU A 223 18.87 -26.06 -10.86
CA LEU A 223 17.98 -26.93 -11.61
C LEU A 223 18.13 -28.36 -11.10
N TYR A 224 16.99 -28.93 -10.69
CA TYR A 224 16.94 -30.30 -10.17
C TYR A 224 16.31 -31.26 -11.20
N ALA A 225 16.70 -32.52 -11.13
CA ALA A 225 16.11 -33.58 -11.96
C ALA A 225 14.60 -33.68 -11.78
N ASN A 226 13.90 -33.86 -12.90
CA ASN A 226 12.43 -33.91 -12.93
C ASN A 226 11.71 -32.62 -12.53
N SER A 227 12.38 -31.46 -12.64
CA SER A 227 11.80 -30.17 -12.21
C SER A 227 11.77 -29.09 -13.29
N ALA A 228 10.56 -28.63 -13.61
CA ALA A 228 10.32 -27.40 -14.38
C ALA A 228 10.47 -26.13 -13.54
N THR A 229 10.68 -26.26 -12.23
CA THR A 229 11.04 -25.14 -11.38
C THR A 229 12.55 -24.88 -11.42
N ILE A 230 12.92 -23.60 -11.46
CA ILE A 230 14.32 -23.17 -11.43
C ILE A 230 14.45 -22.10 -10.35
N LYS A 231 15.30 -22.39 -9.36
CA LYS A 231 15.54 -21.47 -8.26
C LYS A 231 16.70 -20.59 -8.67
N VAL A 232 16.50 -19.27 -8.48
CA VAL A 232 17.45 -18.23 -8.89
C VAL A 232 17.86 -17.34 -7.72
N HIS A 234 19.86 -14.25 -7.07
CA HIS A 234 20.38 -13.07 -7.77
C HIS A 234 21.00 -12.11 -6.75
N SER A 235 22.33 -11.96 -6.82
CA SER A 235 23.09 -11.00 -5.98
C SER A 235 23.83 -9.92 -6.81
N ILE A 236 23.76 -8.67 -6.36
CA ILE A 236 24.54 -7.57 -6.93
C ILE A 236 25.34 -6.83 -5.86
N VAL A 237 26.58 -6.48 -6.17
CA VAL A 237 27.38 -5.55 -5.37
C VAL A 237 27.08 -4.14 -5.91
N PHE A 238 26.91 -3.15 -5.04
CA PHE A 238 26.63 -1.78 -5.51
C PHE A 238 27.96 -0.98 -5.55
N ASP A 239 28.30 -0.47 -6.73
CA ASP A 239 29.48 0.42 -6.91
C ASP A 239 29.17 1.79 -7.57
N GLY A 240 27.91 2.20 -7.54
CA GLY A 240 27.57 3.58 -7.90
C GLY A 240 28.28 4.59 -7.02
N ASP A 241 28.28 5.85 -7.49
CA ASP A 241 28.87 7.01 -6.79
C ASP A 241 27.78 8.05 -6.50
N GLU A 242 28.17 9.26 -6.09
CA GLU A 242 27.25 10.37 -5.79
C GLU A 242 26.04 10.54 -6.78
N ASN A 243 26.29 10.27 -8.08
CA ASN A 243 25.32 10.51 -9.17
C ASN A 243 24.79 9.23 -9.83
N ASP A 244 24.52 8.19 -9.05
CA ASP A 244 24.01 6.91 -9.59
C ASP A 244 22.81 6.37 -8.78
N PHE A 245 21.62 6.84 -9.16
CA PHE A 245 20.38 6.51 -8.45
C PHE A 245 19.70 5.40 -9.22
N ILE A 246 19.62 4.21 -8.63
CA ILE A 246 18.88 3.12 -9.27
C ILE A 246 17.38 3.45 -9.20
N THR A 247 16.67 3.14 -10.27
CA THR A 247 15.25 3.47 -10.40
C THR A 247 14.41 2.25 -10.82
N GLY A 248 15.00 1.37 -11.62
CA GLY A 248 14.47 0.04 -11.84
C GLY A 248 15.58 -0.98 -11.78
N LEU A 249 15.26 -2.16 -11.26
CA LEU A 249 16.16 -3.30 -11.26
C LEU A 249 15.24 -4.50 -11.47
N GLY A 250 15.55 -5.36 -12.44
CA GLY A 250 14.57 -6.39 -12.85
C GLY A 250 15.12 -7.58 -13.60
N ILE A 251 14.24 -8.54 -13.88
CA ILE A 251 14.59 -9.76 -14.65
C ILE A 251 13.45 -10.03 -15.64
N ARG A 252 13.76 -10.03 -16.94
CA ARG A 252 12.77 -10.03 -18.04
C ARG A 252 12.92 -11.20 -19.02
N PHE A 253 11.78 -11.79 -19.38
CA PHE A 253 11.71 -12.94 -20.29
C PHE A 253 10.70 -12.67 -21.41
N ASP A 254 11.03 -13.09 -22.64
CA ASP A 254 10.07 -13.11 -23.76
C ASP A 254 9.29 -14.41 -23.73
N VAL A 255 7.95 -14.34 -23.67
CA VAL A 255 7.09 -15.50 -23.86
C VAL A 255 6.60 -15.46 -25.31
N PRO A 256 6.77 -16.55 -26.10
CA PRO A 256 6.27 -16.69 -27.45
C PRO A 256 4.82 -16.23 -27.74
N LEU A 257 3.78 -17.02 -27.49
CA LEU A 257 2.38 -16.61 -27.83
C LEU A 257 1.98 -16.50 -29.32
N LYS A 258 2.87 -16.80 -30.28
CA LYS A 258 2.62 -16.43 -31.70
C LYS A 258 1.38 -17.07 -32.27
N GLY A 259 1.26 -18.39 -32.11
CA GLY A 259 0.14 -19.13 -32.69
C GLY A 259 -1.20 -19.03 -32.00
N GLU A 260 -1.35 -18.11 -31.04
CA GLU A 260 -2.38 -18.22 -30.01
C GLU A 260 -3.55 -17.26 -30.15
N GLU A 261 -4.73 -17.80 -30.39
CA GLU A 261 -5.94 -17.01 -30.34
C GLU A 261 -5.96 -16.25 -28.99
N TYR A 262 -6.15 -14.92 -29.02
CA TYR A 262 -6.12 -14.08 -27.79
C TYR A 262 -6.97 -14.62 -26.63
N TYR A 263 -8.16 -15.15 -26.93
CA TYR A 263 -9.01 -15.78 -25.90
C TYR A 263 -8.42 -17.06 -25.29
N ASP A 264 -7.34 -17.58 -25.89
CA ASP A 264 -6.53 -18.68 -25.35
C ASP A 264 -5.18 -18.25 -24.71
N ARG A 265 -4.85 -16.96 -24.67
CA ARG A 265 -3.65 -16.45 -23.94
C ARG A 265 -4.06 -15.98 -22.56
N HIS A 266 -3.41 -16.50 -21.52
CA HIS A 266 -3.83 -16.24 -20.17
C HIS A 266 -2.83 -15.45 -19.35
N ILE A 267 -3.36 -14.57 -18.50
CA ILE A 267 -2.56 -13.76 -17.58
C ILE A 267 -2.97 -14.14 -16.16
N ARG A 268 -1.98 -14.39 -15.31
CA ARG A 268 -2.25 -14.59 -13.89
C ARG A 268 -1.27 -13.84 -12.99
N PHE A 269 -1.80 -13.34 -11.88
CA PHE A 269 -1.01 -12.76 -10.81
C PHE A 269 -1.46 -13.38 -9.50
N ALA A 270 -0.53 -13.49 -8.56
CA ALA A 270 -0.85 -13.91 -7.21
C ALA A 270 -1.29 -12.69 -6.43
N GLY A 271 -2.39 -12.87 -5.68
CA GLY A 271 -2.97 -11.84 -4.85
C GLY A 271 -2.60 -12.07 -3.39
N VAL A 272 -3.60 -12.36 -2.56
CA VAL A 272 -3.46 -12.32 -1.10
C VAL A 272 -4.06 -13.58 -0.48
N ASP A 273 -3.29 -14.23 0.40
CA ASP A 273 -3.67 -15.50 1.07
C ASP A 273 -3.92 -16.65 0.10
N GLY A 274 -3.11 -16.71 -0.96
CA GLY A 274 -3.17 -17.79 -1.94
C GLY A 274 -4.31 -17.62 -2.92
N GLY A 275 -4.49 -16.36 -3.32
CA GLY A 275 -5.47 -16.00 -4.32
C GLY A 275 -4.77 -15.76 -5.63
N ILE A 276 -5.49 -16.00 -6.72
CA ILE A 276 -4.95 -15.80 -8.05
C ILE A 276 -5.91 -14.94 -8.86
N PHE A 277 -5.31 -14.07 -9.67
CA PHE A 277 -6.02 -13.19 -10.59
C PHE A 277 -6.10 -13.88 -11.95
N ASN A 278 -7.30 -14.01 -12.50
CA ASN A 278 -7.53 -14.89 -13.66
C ASN A 278 -8.19 -14.22 -14.85
N GLU A 279 -7.36 -13.75 -15.78
CA GLU A 279 -7.87 -13.12 -16.99
C GLU A 279 -7.15 -13.63 -18.22
N ALA A 280 -7.80 -13.49 -19.37
CA ALA A 280 -7.17 -13.71 -20.69
C ALA A 280 -7.03 -12.38 -21.44
N VAL A 281 -6.29 -12.39 -22.54
CA VAL A 281 -6.03 -11.16 -23.30
C VAL A 281 -7.31 -10.63 -23.93
N GLN A 282 -8.24 -11.55 -24.25
CA GLN A 282 -9.59 -11.21 -24.76
C GLN A 282 -10.76 -11.70 -23.86
N GLY A 283 -11.56 -10.76 -23.34
CA GLY A 283 -12.53 -11.06 -22.28
C GLY A 283 -13.88 -11.64 -22.68
N ILE A 284 -13.94 -12.96 -22.79
CA ILE A 284 -15.18 -13.69 -23.15
C ILE A 284 -16.20 -13.85 -22.01
N THR A 285 -15.71 -13.83 -20.77
CA THR A 285 -16.58 -13.88 -19.62
C THR A 285 -17.24 -12.51 -19.51
N GLY A 286 -18.51 -12.52 -19.08
CA GLY A 286 -19.26 -11.28 -18.79
C GLY A 286 -19.36 -10.26 -19.92
N LEU A 287 -19.63 -10.73 -21.12
CA LEU A 287 -20.03 -9.87 -22.25
C LEU A 287 -21.56 -9.67 -22.19
N ARG A 288 -22.08 -8.79 -23.02
CA ARG A 288 -23.55 -8.64 -23.13
C ARG A 288 -24.16 -9.96 -23.60
N ARG A 289 -23.52 -10.57 -24.60
CA ARG A 289 -23.93 -11.87 -25.16
C ARG A 289 -23.04 -13.03 -24.68
N ASP A 290 -23.67 -14.19 -24.57
CA ASP A 290 -23.07 -15.41 -24.04
C ASP A 290 -22.62 -16.30 -25.20
N PRO A 291 -21.38 -16.82 -25.16
CA PRO A 291 -21.00 -17.88 -26.09
C PRO A 291 -21.24 -19.33 -25.57
N GLY A 292 -21.71 -19.44 -24.34
CA GLY A 292 -22.12 -20.72 -23.78
C GLY A 292 -21.41 -20.97 -22.46
N GLU A 293 -22.19 -21.39 -21.46
CA GLU A 293 -21.69 -21.79 -20.13
C GLU A 293 -20.29 -22.39 -20.25
N GLU A 294 -20.16 -23.41 -21.10
CA GLU A 294 -18.94 -24.24 -21.16
C GLU A 294 -17.72 -23.48 -21.71
N ILE A 295 -17.93 -22.53 -22.62
CA ILE A 295 -16.81 -21.82 -23.28
C ILE A 295 -16.31 -20.72 -22.35
N ARG A 296 -17.21 -20.14 -21.56
CA ARG A 296 -16.86 -19.21 -20.47
C ARG A 296 -16.16 -19.90 -19.31
N ALA A 297 -16.72 -21.02 -18.89
CA ALA A 297 -16.16 -21.81 -17.80
C ALA A 297 -14.74 -22.29 -18.12
N ALA A 298 -14.49 -22.60 -19.40
CA ALA A 298 -13.19 -23.07 -19.87
C ALA A 298 -12.12 -21.99 -19.98
N GLN A 299 -12.53 -20.74 -20.23
CA GLN A 299 -11.58 -19.64 -20.32
C GLN A 299 -11.06 -19.32 -18.93
N PHE A 300 -11.99 -19.23 -17.98
CA PHE A 300 -11.64 -18.98 -16.60
C PHE A 300 -10.65 -20.01 -16.09
N ALA A 301 -10.81 -21.24 -16.58
CA ALA A 301 -9.97 -22.37 -16.20
C ALA A 301 -8.70 -22.54 -17.05
N GLY A 302 -8.35 -21.54 -17.88
CA GLY A 302 -7.10 -21.55 -18.68
C GLY A 302 -6.96 -22.66 -19.72
N GLN A 303 -8.10 -23.19 -20.19
CA GLN A 303 -8.16 -24.24 -21.20
C GLN A 303 -8.31 -23.60 -22.56
N LYS A 304 -7.96 -24.34 -23.61
CA LYS A 304 -8.20 -23.89 -25.00
C LYS A 304 -9.69 -23.87 -25.31
N LEU A 305 -10.19 -22.77 -25.86
CA LEU A 305 -11.61 -22.65 -26.20
C LEU A 305 -11.85 -23.32 -27.54
N ALA A 306 -13.05 -23.90 -27.67
CA ALA A 306 -13.53 -24.52 -28.90
C ALA A 306 -13.36 -23.62 -30.15
N ASP A 307 -13.35 -24.20 -31.36
CA ASP A 307 -13.30 -23.39 -32.61
C ASP A 307 -14.53 -22.47 -32.67
N THR A 308 -14.34 -21.23 -33.16
CA THR A 308 -15.38 -20.17 -33.15
C THR A 308 -16.77 -20.58 -33.70
N GLU A 309 -16.78 -21.47 -34.70
CA GLU A 309 -18.01 -22.00 -35.32
C GLU A 309 -18.92 -22.83 -34.40
N THR A 310 -18.52 -23.01 -33.13
CA THR A 310 -19.33 -23.70 -32.15
C THR A 310 -20.10 -22.77 -31.19
N TRP A 311 -19.77 -21.47 -31.11
CA TRP A 311 -20.38 -20.57 -30.10
C TRP A 311 -21.52 -19.73 -30.70
N GLU A 312 -22.52 -19.36 -29.87
CA GLU A 312 -23.71 -18.59 -30.33
C GLU A 312 -23.24 -17.29 -31.02
N PRO A 313 -23.36 -17.23 -32.36
CA PRO A 313 -22.49 -16.40 -33.22
C PRO A 313 -22.66 -14.90 -33.07
N ARG A 314 -23.65 -14.51 -32.26
CA ARG A 314 -23.75 -13.18 -31.70
C ARG A 314 -22.51 -12.68 -30.95
N VAL A 315 -21.69 -13.62 -30.46
CA VAL A 315 -20.38 -13.33 -29.91
C VAL A 315 -19.30 -13.52 -30.97
N SER A 316 -19.37 -14.64 -31.69
CA SER A 316 -18.29 -15.04 -32.62
C SER A 316 -18.07 -14.05 -33.75
N THR A 317 -19.16 -13.51 -34.29
CA THR A 317 -19.10 -12.46 -35.33
C THR A 317 -18.65 -11.08 -34.83
N ARG A 318 -18.33 -10.95 -33.54
CA ARG A 318 -18.09 -9.65 -32.89
C ARG A 318 -16.80 -9.46 -32.10
N LEU A 319 -15.94 -10.48 -32.08
CA LEU A 319 -14.54 -10.27 -31.68
C LEU A 319 -14.03 -9.32 -32.75
N LYS A 320 -13.27 -8.32 -32.34
CA LYS A 320 -12.90 -7.14 -33.16
C LYS A 320 -13.34 -6.00 -32.32
N TRP A 321 -14.58 -6.09 -31.85
CA TRP A 321 -15.17 -5.14 -30.92
C TRP A 321 -14.85 -5.44 -29.44
N ILE A 322 -14.53 -6.69 -29.12
CA ILE A 322 -14.08 -7.05 -27.77
C ILE A 322 -12.62 -6.66 -27.69
N PRO A 323 -12.23 -5.75 -26.76
CA PRO A 323 -10.84 -5.24 -26.82
C PRO A 323 -9.78 -6.21 -26.34
N THR A 324 -8.55 -5.76 -26.47
CA THR A 324 -7.40 -6.64 -26.39
C THR A 324 -6.35 -6.01 -25.46
N TRP A 325 -6.13 -6.65 -24.31
CA TRP A 325 -5.32 -6.08 -23.23
C TRP A 325 -3.79 -6.48 -23.26
N ALA A 326 -2.96 -5.58 -23.74
CA ALA A 326 -1.55 -5.86 -23.99
C ALA A 326 -0.69 -5.88 -22.73
N ASP A 327 -0.91 -4.90 -21.86
CA ASP A 327 -0.05 -4.68 -20.70
C ASP A 327 -0.82 -4.84 -19.40
N TYR A 328 -0.17 -5.48 -18.42
CA TYR A 328 -0.65 -5.54 -17.02
C TYR A 328 0.47 -5.02 -16.10
N GLY A 329 0.10 -4.48 -14.94
CA GLY A 329 1.07 -3.97 -13.97
C GLY A 329 0.66 -4.14 -12.52
N LEU A 330 1.37 -5.01 -11.80
CA LEU A 330 1.27 -5.05 -10.33
C LEU A 330 2.45 -4.26 -9.77
N THR A 331 2.18 -3.26 -8.91
CA THR A 331 3.22 -2.54 -8.18
C THR A 331 2.92 -2.59 -6.69
N GLN A 332 3.96 -2.91 -5.91
CA GLN A 332 3.90 -2.95 -4.43
C GLN A 332 4.94 -1.93 -3.92
N LEU A 333 4.48 -0.73 -3.59
CA LEU A 333 5.38 0.37 -3.25
C LEU A 333 5.44 0.64 -1.74
N THR A 334 4.37 0.34 -1.02
CA THR A 334 4.43 0.19 0.43
C THR A 334 4.37 -1.31 0.81
N ALA A 335 4.55 -1.62 2.08
CA ALA A 335 4.35 -2.99 2.60
C ALA A 335 2.85 -3.37 2.82
N ASP A 336 1.93 -2.41 2.71
CA ASP A 336 0.54 -2.71 3.03
C ASP A 336 -0.45 -2.70 1.88
N GLY A 337 -0.09 -2.10 0.75
CA GLY A 337 -1.00 -1.99 -0.37
C GLY A 337 -0.29 -2.19 -1.69
N PHE A 338 -0.95 -2.92 -2.61
CA PHE A 338 -0.50 -3.00 -4.01
C PHE A 338 -1.59 -2.46 -4.94
N GLY A 339 -1.14 -1.75 -5.97
CA GLY A 339 -1.95 -1.35 -7.13
C GLY A 339 -1.72 -2.27 -8.34
N LEU A 340 -2.82 -2.56 -9.03
CA LEU A 340 -2.85 -3.43 -10.21
C LEU A 340 -3.70 -2.76 -11.29
N LYS A 341 -3.20 -2.81 -12.53
CA LYS A 341 -3.81 -2.13 -13.68
C LYS A 341 -3.48 -2.82 -15.01
N LYS A 342 -4.24 -2.46 -16.05
CA LYS A 342 -3.98 -2.92 -17.42
C LYS A 342 -4.38 -1.84 -18.41
N ARG A 343 -3.87 -1.96 -19.64
CA ARG A 343 -4.36 -1.15 -20.76
C ARG A 343 -4.36 -1.92 -22.07
N THR A 344 -5.21 -1.50 -22.99
CA THR A 344 -5.31 -2.10 -24.35
C THR A 344 -4.01 -2.07 -25.18
N LYS A 345 -3.39 -0.89 -25.27
CA LYS A 345 -2.02 -0.76 -25.82
C LYS A 345 -1.37 0.56 -25.48
N ALA A 346 -0.04 0.57 -25.61
CA ALA A 346 0.80 1.74 -25.36
C ALA A 346 0.29 2.98 -26.09
N GLY A 347 -0.23 3.95 -25.34
CA GLY A 347 -0.92 5.11 -25.90
C GLY A 347 -2.22 5.43 -25.18
N GLN A 348 -2.96 4.39 -24.80
CA GLN A 348 -4.18 4.58 -24.03
C GLN A 348 -3.86 4.76 -22.53
N SER A 349 -4.82 5.35 -21.82
CA SER A 349 -4.85 5.35 -20.36
C SER A 349 -4.98 3.92 -19.85
N TRP A 350 -4.55 3.69 -18.62
CA TRP A 350 -4.74 2.37 -18.02
C TRP A 350 -6.09 2.28 -17.30
N VAL A 351 -6.52 1.04 -17.09
CA VAL A 351 -7.72 0.73 -16.34
C VAL A 351 -7.34 0.09 -15.01
N ASN A 352 -7.78 0.73 -13.93
CA ASN A 352 -7.51 0.20 -12.61
C ASN A 352 -8.30 -1.09 -12.45
N ILE A 353 -7.59 -2.10 -11.97
CA ILE A 353 -8.19 -3.36 -11.58
C ILE A 353 -8.32 -3.24 -10.08
N PRO A 354 -9.40 -3.81 -9.47
CA PRO A 354 -9.50 -4.01 -8.02
C PRO A 354 -8.33 -4.81 -7.46
N SER A 355 -7.61 -4.19 -6.51
CA SER A 355 -6.36 -4.73 -6.00
C SER A 355 -6.55 -4.93 -4.50
N GLY A 356 -5.43 -5.04 -3.77
CA GLY A 356 -5.49 -5.40 -2.37
C GLY A 356 -4.27 -5.00 -1.58
N THR A 357 -3.98 -5.82 -0.57
CA THR A 357 -3.03 -5.48 0.47
C THR A 357 -1.60 -5.90 0.13
N ARG A 358 -1.33 -7.21 0.16
CA ARG A 358 0.04 -7.72 0.06
C ARG A 358 0.10 -8.84 -0.94
N ALA A 359 0.56 -8.50 -2.13
CA ALA A 359 0.58 -9.41 -3.25
C ALA A 359 1.63 -10.48 -3.01
N GLU A 360 1.29 -11.76 -3.22
CA GLU A 360 2.24 -12.86 -2.96
C GLU A 360 3.37 -12.99 -3.98
N GLY A 361 3.34 -12.19 -5.05
CA GLY A 361 4.54 -11.92 -5.84
C GLY A 361 4.94 -12.88 -6.93
N LEU A 362 3.95 -13.36 -7.70
CA LEU A 362 4.20 -14.20 -8.88
C LEU A 362 3.28 -13.78 -10.03
N ALA A 363 3.82 -13.75 -11.25
CA ALA A 363 3.01 -13.54 -12.45
C ALA A 363 3.31 -14.60 -13.52
N TYR A 364 2.24 -15.10 -14.15
CA TYR A 364 2.33 -16.06 -15.26
C TYR A 364 1.77 -15.44 -16.54
N LEU A 365 2.39 -15.82 -17.66
CA LEU A 365 1.97 -15.38 -18.99
C LEU A 365 2.18 -16.53 -19.96
N GLY A 366 1.10 -16.97 -20.59
CA GLY A 366 1.20 -18.01 -21.61
C GLY A 366 -0.10 -18.25 -22.34
N GLY A 367 -0.16 -19.41 -22.99
CA GLY A 367 -1.36 -19.85 -23.69
C GLY A 367 -1.66 -21.32 -23.47
N ALA A 368 -2.90 -21.73 -23.77
CA ALA A 368 -3.33 -23.12 -23.59
C ALA A 368 -2.61 -24.11 -24.53
N THR A 369 -2.07 -23.59 -25.63
CA THR A 369 -1.32 -24.36 -26.62
C THR A 369 0.15 -24.01 -26.56
N GLN A 370 0.48 -22.72 -26.65
CA GLN A 370 1.89 -22.28 -26.71
C GLN A 370 2.67 -22.41 -25.39
N GLY A 371 1.94 -22.60 -24.30
CA GLY A 371 2.53 -22.65 -22.98
C GLY A 371 3.00 -21.28 -22.53
N GLY A 372 3.80 -21.29 -21.49
CA GLY A 372 4.35 -20.06 -20.96
C GLY A 372 5.21 -20.33 -19.76
N LEU A 373 5.70 -19.25 -19.17
CA LEU A 373 6.36 -19.34 -17.88
C LEU A 373 5.73 -18.37 -16.92
N ALA A 374 6.07 -18.59 -15.65
CA ALA A 374 5.73 -17.73 -14.54
C ALA A 374 7.02 -17.42 -13.79
N VAL A 375 6.98 -16.30 -13.08
CA VAL A 375 8.14 -15.78 -12.40
C VAL A 375 7.69 -15.13 -11.09
N GLY A 376 8.56 -15.16 -10.10
CA GLY A 376 8.25 -14.55 -8.83
C GLY A 376 9.45 -14.35 -7.94
N LEU A 377 9.21 -13.55 -6.91
CA LEU A 377 10.19 -13.11 -5.92
C LEU A 377 9.73 -13.59 -4.56
N ARG A 378 10.57 -14.34 -3.87
CA ARG A 378 10.25 -14.78 -2.52
C ARG A 378 10.19 -13.58 -1.57
N ASP A 379 9.24 -13.60 -0.65
CA ASP A 379 9.01 -12.50 0.31
C ASP A 379 8.71 -11.18 -0.41
N PHE A 380 7.99 -11.28 -1.53
CA PHE A 380 7.74 -10.16 -2.47
C PHE A 380 7.46 -8.81 -1.78
N TRP A 381 6.28 -8.68 -1.20
CA TRP A 381 5.87 -7.41 -0.57
C TRP A 381 6.80 -6.96 0.59
N LYS A 382 7.43 -7.90 1.27
CA LYS A 382 8.39 -7.56 2.33
C LYS A 382 9.66 -6.94 1.78
N ARG A 383 9.91 -7.09 0.48
CA ARG A 383 11.04 -6.43 -0.13
C ARG A 383 10.62 -5.26 -1.05
N TYR A 384 9.50 -4.59 -0.72
CA TYR A 384 9.05 -3.36 -1.40
C TYR A 384 10.19 -2.32 -1.56
N PRO A 385 10.24 -1.54 -2.65
CA PRO A 385 9.20 -1.46 -3.66
C PRO A 385 9.47 -2.42 -4.82
N VAL A 386 8.53 -3.31 -5.08
CA VAL A 386 8.69 -4.32 -6.13
C VAL A 386 7.48 -4.27 -7.06
N GLY A 387 7.59 -4.96 -8.19
CA GLY A 387 6.51 -5.03 -9.15
C GLY A 387 6.57 -6.22 -10.08
N LEU A 388 5.42 -6.51 -10.72
CA LEU A 388 5.30 -7.55 -11.73
C LEU A 388 4.61 -7.00 -12.95
N ASP A 389 5.35 -7.01 -14.08
CA ASP A 389 4.88 -6.49 -15.37
C ASP A 389 4.65 -7.57 -16.45
N ILE A 390 3.50 -7.50 -17.11
CA ILE A 390 3.27 -8.15 -18.41
C ILE A 390 3.27 -7.06 -19.49
N SER A 391 3.79 -7.38 -20.67
CA SER A 391 3.74 -6.45 -21.78
C SER A 391 3.59 -7.13 -23.14
N ASN A 392 2.86 -6.46 -24.05
CA ASN A 392 2.66 -6.92 -25.42
C ASN A 392 2.03 -8.30 -25.53
N ALA A 393 1.06 -8.57 -24.67
CA ALA A 393 0.39 -9.87 -24.60
C ALA A 393 -0.53 -10.12 -25.78
N ALA A 394 -0.90 -9.04 -26.48
CA ALA A 394 -1.70 -9.12 -27.71
C ALA A 394 -0.85 -9.24 -28.96
N SER A 395 0.48 -9.32 -28.80
CA SER A 395 1.42 -9.32 -29.92
C SER A 395 2.12 -10.69 -30.15
N ASP A 396 3.10 -10.70 -31.04
CA ASP A 396 3.70 -11.94 -31.52
C ASP A 396 4.54 -12.59 -30.42
N THR A 397 5.40 -11.78 -29.80
CA THR A 397 6.23 -12.16 -28.65
C THR A 397 5.83 -11.27 -27.42
N GLY A 398 5.48 -11.90 -26.31
CA GLY A 398 5.15 -11.19 -25.06
C GLY A 398 6.34 -10.96 -24.14
N GLU A 399 6.19 -9.99 -23.25
CA GLU A 399 7.19 -9.65 -22.24
C GLU A 399 6.62 -9.96 -20.84
N LEU A 400 7.41 -10.61 -20.01
CA LEU A 400 7.07 -10.88 -18.60
C LEU A 400 8.24 -10.44 -17.75
N THR A 401 8.00 -9.54 -16.79
CA THR A 401 9.10 -8.97 -15.97
C THR A 401 8.84 -8.91 -14.44
N LEU A 402 9.86 -9.32 -13.69
CA LEU A 402 9.92 -9.17 -12.25
C LEU A 402 10.79 -7.95 -11.98
N TRP A 403 10.15 -6.93 -11.40
CA TRP A 403 10.84 -5.76 -10.89
C TRP A 403 11.27 -5.98 -9.40
N LEU A 404 12.58 -6.10 -9.19
CA LEU A 404 13.16 -6.19 -7.86
C LEU A 404 13.18 -4.83 -7.17
N TYR A 405 13.26 -3.77 -7.98
CA TYR A 405 13.04 -2.41 -7.54
C TYR A 405 12.19 -1.70 -8.60
N SER A 406 10.93 -1.42 -8.26
CA SER A 406 9.95 -0.86 -9.20
C SER A 406 10.33 0.57 -9.57
N PRO A 407 10.35 0.90 -10.89
CA PRO A 407 10.44 2.28 -11.41
C PRO A 407 9.29 3.15 -10.96
N ALA A 408 8.14 2.52 -10.76
CA ALA A 408 6.94 3.18 -10.22
C ALA A 408 7.16 3.80 -8.86
N ALA A 409 8.10 3.25 -8.09
CA ALA A 409 8.56 3.87 -6.86
C ALA A 409 9.49 5.04 -7.15
N GLU A 410 9.51 5.98 -6.21
CA GLU A 410 10.63 6.89 -5.97
C GLU A 410 11.98 6.14 -6.06
N PRO A 411 13.02 6.77 -6.61
CA PRO A 411 14.27 6.02 -6.82
C PRO A 411 15.09 5.73 -5.55
N LEU A 412 15.96 4.71 -5.67
CA LEU A 412 16.82 4.26 -4.59
C LEU A 412 17.87 5.33 -4.27
N ASP A 413 17.76 5.87 -3.06
CA ASP A 413 18.53 7.04 -2.60
C ASP A 413 19.50 6.61 -1.48
N LEU A 414 20.70 6.17 -1.84
CA LEU A 414 21.68 5.73 -0.84
C LEU A 414 22.69 6.82 -0.43
N ARG A 415 22.33 8.10 -0.58
CA ARG A 415 23.23 9.18 -0.18
C ARG A 415 23.13 9.34 1.33
N PRO A 416 24.13 9.99 1.95
CA PRO A 416 24.11 10.19 3.41
C PRO A 416 22.88 10.89 3.91
N PHE A 417 22.35 10.47 5.05
CA PHE A 417 21.09 11.00 5.56
C PHE A 417 21.27 12.40 6.19
N HIS A 418 22.48 12.71 6.66
CA HIS A 418 22.85 14.09 7.04
C HIS A 418 24.14 14.57 6.36
N ASP A 419 24.45 15.85 6.60
CA ASP A 419 25.59 16.57 5.98
C ASP A 419 26.93 16.55 6.73
N GLY A 420 26.91 16.10 7.98
CA GLY A 420 28.07 16.09 8.85
C GLY A 420 27.78 16.93 10.07
N LEU A 421 26.69 17.71 10.03
CA LEU A 421 26.25 18.55 11.14
C LEU A 421 27.32 19.55 11.59
N GLY A 422 28.26 19.85 10.68
CA GLY A 422 29.40 20.70 10.97
C GLY A 422 30.47 20.06 11.84
N GLN A 423 30.51 18.74 11.93
CA GLN A 423 31.53 18.07 12.73
C GLN A 423 32.85 18.18 11.99
N ASP A 424 33.79 18.93 12.60
CA ASP A 424 35.12 19.14 12.04
C ASP A 424 36.14 18.40 12.91
N GLY A 425 36.72 17.32 12.39
CA GLY A 425 37.81 16.55 13.05
C GLY A 425 37.35 15.52 14.08
N TYR A 426 38.28 14.64 14.49
CA TYR A 426 37.95 13.54 15.44
C TYR A 426 37.29 13.96 16.75
N GLU A 427 37.69 15.09 17.31
CA GLU A 427 37.23 15.51 18.64
C GLU A 427 35.70 15.81 18.67
N ASP A 428 35.22 16.50 17.64
CA ASP A 428 33.80 16.76 17.46
C ASP A 428 33.09 15.43 17.23
N GLN A 429 33.69 14.56 16.40
CA GLN A 429 33.11 13.27 16.00
C GLN A 429 32.79 12.43 17.24
N LEU A 430 33.75 12.32 18.14
CA LEU A 430 33.54 11.63 19.40
C LEU A 430 32.54 12.35 20.31
N ASP A 431 32.55 13.69 20.32
CA ASP A 431 31.56 14.41 21.11
C ASP A 431 30.13 14.30 20.54
N ALA A 432 29.97 13.99 19.26
CA ALA A 432 28.65 13.68 18.70
C ALA A 432 28.12 12.34 19.25
N LEU A 433 29.02 11.35 19.27
CA LEU A 433 28.78 10.01 19.83
C LEU A 433 28.25 9.97 21.28
N GLU A 434 28.49 11.02 22.06
CA GLU A 434 28.00 11.06 23.45
C GLU A 434 26.51 11.42 23.59
N ILE A 435 25.88 11.87 22.50
CA ILE A 435 24.46 12.27 22.53
C ILE A 435 23.58 11.44 21.56
N THR A 436 24.09 11.15 20.36
CA THR A 436 23.34 10.36 19.38
C THR A 436 23.82 8.92 19.25
N PHE A 437 24.94 8.58 19.88
CA PHE A 437 25.55 7.24 19.85
C PHE A 437 26.09 6.84 18.47
N GLU A 438 26.42 7.86 17.68
CA GLU A 438 26.93 7.72 16.32
C GLU A 438 28.36 8.20 16.22
N ASP A 439 29.20 7.43 15.55
CA ASP A 439 30.62 7.76 15.38
C ASP A 439 30.80 8.10 13.91
N TRP A 440 30.48 9.34 13.56
CA TRP A 440 30.50 9.78 12.16
C TRP A 440 31.94 10.06 11.67
N GLU A 441 32.16 10.06 10.35
CA GLU A 441 33.42 10.57 9.72
C GLU A 441 33.11 10.90 8.26
N PRO A 442 33.62 12.05 7.74
CA PRO A 442 33.31 12.43 6.36
C PRO A 442 33.74 11.41 5.31
N GLY A 443 32.81 10.99 4.46
CA GLY A 443 33.07 9.97 3.44
C GLY A 443 33.07 8.51 3.92
N PHE A 444 32.70 8.30 5.18
CA PHE A 444 32.49 6.96 5.74
C PHE A 444 31.01 6.57 5.67
N ASP A 445 30.14 7.56 5.54
CA ASP A 445 28.70 7.36 5.42
C ASP A 445 28.29 6.82 4.05
N THR A 446 28.98 5.82 3.55
CA THR A 446 28.85 5.42 2.15
C THR A 446 28.37 3.99 1.99
N PRO A 447 27.52 3.74 0.98
CA PRO A 447 27.14 2.39 0.58
C PRO A 447 28.07 1.74 -0.46
N TYR A 448 29.20 2.37 -0.80
CA TYR A 448 30.08 1.81 -1.81
C TYR A 448 30.57 0.43 -1.38
N GLY A 449 30.02 -0.59 -2.01
CA GLY A 449 30.52 -1.96 -1.86
C GLY A 449 29.57 -2.93 -1.20
N ILE A 450 28.41 -2.43 -0.71
CA ILE A 450 27.39 -3.30 -0.08
C ILE A 450 26.73 -4.21 -1.10
N ALA A 451 25.96 -5.18 -0.63
CA ALA A 451 25.36 -6.17 -1.52
C ALA A 451 23.95 -6.48 -1.14
N ARG A 452 23.29 -7.25 -2.00
CA ARG A 452 21.96 -7.75 -1.68
C ARG A 452 21.64 -8.93 -2.58
N THR A 453 21.14 -10.01 -2.00
CA THR A 453 20.75 -11.16 -2.74
C THR A 453 19.24 -11.24 -2.69
N SER A 454 18.64 -11.86 -3.72
CA SER A 454 17.19 -12.10 -3.76
C SER A 454 16.91 -13.49 -4.34
N GLU A 455 15.97 -14.21 -3.70
CA GLU A 455 15.59 -15.57 -4.08
C GLU A 455 14.38 -15.47 -5.02
N VAL A 456 14.65 -15.78 -6.29
CA VAL A 456 13.72 -15.64 -7.39
C VAL A 456 13.46 -17.02 -7.91
N TYR A 457 12.19 -17.32 -8.25
CA TYR A 457 11.84 -18.60 -8.88
C TYR A 457 11.26 -18.40 -10.28
N LEU A 458 11.63 -19.30 -11.18
CA LEU A 458 11.04 -19.42 -12.51
C LEU A 458 10.32 -20.75 -12.59
N PHE A 459 9.15 -20.77 -13.24
CA PHE A 459 8.38 -22.01 -13.43
C PHE A 459 7.90 -22.11 -14.89
N ALA A 460 8.27 -23.19 -15.58
CA ALA A 460 7.95 -23.41 -17.00
C ALA A 460 6.74 -24.30 -17.15
N PHE A 461 5.90 -23.96 -18.12
CA PHE A 461 4.62 -24.63 -18.31
C PHE A 461 4.39 -24.99 -19.76
N ASP A 462 3.94 -26.21 -19.99
CA ASP A 462 3.61 -26.72 -21.32
C ASP A 462 2.32 -26.08 -21.88
N GLN A 463 1.30 -25.97 -21.03
CA GLN A 463 0.06 -25.27 -21.32
C GLN A 463 -0.22 -24.39 -20.10
N THR A 464 -1.34 -23.69 -20.07
CA THR A 464 -1.66 -22.84 -18.93
C THR A 464 -2.03 -23.74 -17.76
N PRO A 465 -1.34 -23.61 -16.60
CA PRO A 465 -1.60 -24.46 -15.46
C PRO A 465 -2.89 -24.04 -14.79
N THR A 466 -3.44 -24.89 -13.92
CA THR A 466 -4.65 -24.52 -13.20
C THR A 466 -4.25 -23.53 -12.13
N SER A 467 -5.18 -22.62 -11.80
CA SER A 467 -4.93 -21.61 -10.80
C SER A 467 -4.57 -22.21 -9.46
N ASP A 468 -5.21 -23.32 -9.10
CA ASP A 468 -4.80 -24.10 -7.93
C ASP A 468 -3.33 -24.54 -7.96
N LYS A 469 -2.81 -24.92 -9.12
CA LYS A 469 -1.34 -25.20 -9.30
C LYS A 469 -0.50 -23.93 -9.16
N LEU A 470 -1.06 -22.80 -9.62
CA LEU A 470 -0.39 -21.51 -9.49
C LEU A 470 -0.32 -21.02 -8.05
N ALA A 471 -1.46 -20.98 -7.36
CA ALA A 471 -1.50 -20.72 -5.92
C ALA A 471 -0.53 -21.59 -5.10
N SER A 472 -0.41 -22.86 -5.50
CA SER A 472 0.54 -23.78 -4.86
C SER A 472 2.00 -23.36 -5.06
N LEU A 473 2.39 -23.12 -6.30
CA LEU A 473 3.77 -22.73 -6.59
C LEU A 473 4.09 -21.39 -5.96
N THR A 474 3.08 -20.53 -5.90
CA THR A 474 3.17 -19.22 -5.24
C THR A 474 3.43 -19.41 -3.76
N ALA A 475 2.67 -20.30 -3.11
CA ALA A 475 2.99 -20.71 -1.73
C ALA A 475 4.40 -21.32 -1.60
N TYR A 476 4.67 -22.36 -2.41
CA TYR A 476 5.98 -23.00 -2.47
C TYR A 476 7.08 -21.98 -2.35
N ASN A 478 7.17 -18.64 -1.62
CA ASN A 478 7.18 -17.85 -0.39
C ASN A 478 7.53 -18.66 0.86
N ASP A 479 7.40 -19.98 0.82
CA ASP A 479 7.87 -20.85 1.89
C ASP A 479 8.60 -22.05 1.29
N PRO A 480 9.80 -21.83 0.75
CA PRO A 480 10.51 -22.96 0.12
C PRO A 480 10.86 -24.09 1.10
N PRO A 481 10.31 -25.30 0.88
CA PRO A 481 10.57 -26.45 1.74
C PRO A 481 12.06 -26.66 2.01
N VAL A 482 12.34 -26.98 3.28
CA VAL A 482 13.70 -27.11 3.79
C VAL A 482 13.77 -28.36 4.61
N LEU A 483 14.80 -29.18 4.39
CA LEU A 483 15.10 -30.34 5.23
C LEU A 483 16.25 -30.00 6.18
N VAL A 484 16.15 -30.42 7.44
CA VAL A 484 17.16 -30.12 8.47
C VAL A 484 17.41 -31.30 9.39
N ALA A 485 18.66 -31.44 9.85
CA ALA A 485 19.04 -32.54 10.70
C ALA A 485 18.40 -32.38 12.08
N GLU A 486 18.31 -33.47 12.85
CA GLU A 486 17.77 -33.41 14.20
C GLU A 486 18.68 -32.58 15.14
N PRO A 487 18.07 -31.69 15.96
CA PRO A 487 18.78 -31.01 17.03
C PRO A 487 19.65 -31.92 17.89
N LYS A 488 19.06 -33.01 18.37
CA LYS A 488 19.77 -34.00 19.17
C LYS A 488 21.05 -34.43 18.42
N TYR A 489 20.91 -34.81 17.14
CA TYR A 489 22.04 -35.33 16.35
C TYR A 489 23.06 -34.26 16.02
N ILE A 490 22.61 -33.04 15.71
CA ILE A 490 23.56 -31.95 15.41
C ILE A 490 24.45 -31.66 16.62
N HIS A 491 23.89 -31.80 17.82
CA HIS A 491 24.69 -31.68 19.04
C HIS A 491 25.70 -32.85 19.23
N GLU A 492 25.23 -34.09 19.10
CA GLU A 492 26.06 -35.28 19.28
C GLU A 492 27.35 -35.13 18.49
N THR A 493 27.23 -34.76 17.23
CA THR A 493 28.36 -34.67 16.30
C THR A 493 29.43 -33.69 16.77
N GLN A 494 28.98 -32.65 17.46
CA GLN A 494 29.81 -31.54 17.90
C GLN A 494 30.30 -30.73 16.72
N ALA A 495 29.60 -30.86 15.60
CA ALA A 495 30.05 -30.27 14.36
C ALA A 495 29.58 -28.82 14.23
N LEU A 496 29.00 -28.27 15.28
CA LEU A 496 28.51 -26.89 15.24
C LEU A 496 28.62 -26.23 16.63
N GLY A 497 29.70 -26.56 17.36
CA GLY A 497 29.97 -26.00 18.68
C GLY A 497 29.54 -26.85 19.86
N GLU A 498 30.31 -26.75 20.94
CA GLU A 498 29.96 -27.40 22.19
C GLU A 498 28.95 -26.61 22.98
N TYR A 499 28.89 -25.29 22.75
CA TYR A 499 28.38 -24.30 23.71
C TYR A 499 26.85 -24.10 23.66
N TRP A 500 26.12 -25.15 23.30
CA TRP A 500 24.65 -25.14 23.36
C TRP A 500 24.18 -26.59 23.56
N ALA A 501 22.94 -26.76 24.02
CA ALA A 501 22.36 -28.09 24.24
C ALA A 501 20.87 -27.96 24.24
N LEU A 502 20.17 -29.09 24.19
CA LEU A 502 18.71 -29.04 24.01
C LEU A 502 18.02 -28.51 25.28
N PRO A 503 16.71 -28.20 25.23
CA PRO A 503 15.93 -27.80 26.41
C PRO A 503 15.68 -28.85 27.50
N SER A 505 16.17 -29.62 30.50
CA SER A 505 16.33 -29.67 31.96
C SER A 505 14.98 -29.59 32.72
N ALA A 506 15.08 -29.85 34.02
CA ALA A 506 13.93 -30.10 34.91
C ALA A 506 13.64 -28.97 35.87
N SER A 507 14.71 -28.29 36.31
CA SER A 507 14.62 -27.14 37.20
C SER A 507 13.55 -26.16 36.72
N PRO A 508 12.62 -25.76 37.59
CA PRO A 508 11.60 -24.82 37.10
C PRO A 508 12.17 -23.44 36.75
N ALA A 509 13.40 -23.19 37.21
CA ALA A 509 14.15 -22.00 36.85
C ALA A 509 14.59 -22.10 35.41
N ALA A 510 15.17 -23.25 35.08
CA ALA A 510 15.55 -23.57 33.71
C ALA A 510 14.36 -23.55 32.79
N ALA A 511 13.20 -23.92 33.30
CA ALA A 511 11.99 -23.96 32.52
C ALA A 511 11.52 -22.57 32.15
N THR A 512 11.52 -21.63 33.10
CA THR A 512 11.07 -20.27 32.75
C THR A 512 12.11 -19.47 31.98
N LEU A 513 13.39 -19.86 32.07
CA LEU A 513 14.40 -19.33 31.14
C LEU A 513 14.07 -19.66 29.67
N GLU A 514 13.55 -20.85 29.42
CA GLU A 514 13.11 -21.20 28.06
C GLU A 514 11.91 -20.33 27.70
N ASP A 515 11.01 -20.12 28.65
CA ASP A 515 9.80 -19.32 28.37
C ASP A 515 10.13 -17.89 28.01
N ARG A 516 11.23 -17.38 28.55
CA ARG A 516 11.68 -16.02 28.27
C ARG A 516 12.44 -15.93 26.97
N LEU A 517 13.08 -17.01 26.54
CA LEU A 517 13.62 -17.05 25.20
C LEU A 517 12.50 -17.03 24.16
N GLN A 518 11.40 -17.71 24.45
CA GLN A 518 10.25 -17.69 23.56
C GLN A 518 9.50 -16.35 23.61
N PHE A 519 9.49 -15.71 24.77
CA PHE A 519 8.96 -14.37 24.88
C PHE A 519 9.79 -13.47 23.96
N ILE A 520 11.09 -13.41 24.21
CA ILE A 520 11.97 -12.57 23.41
C ILE A 520 11.78 -12.81 21.94
N PHE A 521 11.69 -14.08 21.54
CA PHE A 521 11.54 -14.42 20.13
C PHE A 521 10.17 -13.99 19.57
N ASP A 522 9.08 -14.45 20.20
CA ASP A 522 7.72 -14.03 19.84
C ASP A 522 7.59 -12.52 19.70
N PHE A 523 8.28 -11.77 20.57
CA PHE A 523 8.26 -10.30 20.51
C PHE A 523 8.87 -9.78 19.21
N TYR A 524 10.13 -10.14 19.02
CA TYR A 524 10.94 -9.68 17.90
C TYR A 524 10.35 -10.05 16.56
N LYS A 525 9.76 -11.24 16.48
CA LYS A 525 9.06 -11.69 15.27
C LYS A 525 7.85 -10.80 15.04
N GLY A 526 7.04 -10.62 16.10
CA GLY A 526 5.90 -9.70 16.09
C GLY A 526 6.27 -8.26 15.78
N GLN A 527 7.45 -7.82 16.24
CA GLN A 527 7.92 -6.45 16.04
C GLN A 527 8.37 -6.11 14.64
N ILE A 528 8.66 -7.10 13.81
CA ILE A 528 8.99 -6.82 12.43
C ILE A 528 7.75 -6.26 11.74
N GLU A 529 6.65 -6.99 11.86
CA GLU A 529 5.42 -6.66 11.18
C GLU A 529 4.89 -5.34 11.68
N GLN A 530 4.89 -5.16 13.00
CA GLN A 530 4.30 -3.99 13.62
C GLN A 530 5.04 -2.70 13.29
N ARG A 531 6.37 -2.77 13.19
CA ARG A 531 7.22 -1.63 12.84
C ARG A 531 7.54 -1.60 11.35
N ARG A 532 6.97 -2.55 10.59
CA ARG A 532 7.20 -2.68 9.17
C ARG A 532 8.68 -2.67 8.86
N TRP A 533 9.45 -3.60 9.44
CA TRP A 533 10.88 -3.74 9.10
C TRP A 533 11.02 -4.55 7.82
N TYR A 534 10.49 -3.92 6.76
CA TYR A 534 10.40 -4.49 5.43
C TYR A 534 11.10 -3.50 4.53
N GLY A 535 11.47 -3.96 3.34
CA GLY A 535 12.11 -3.10 2.35
C GLY A 535 13.13 -3.84 1.53
N PHE A 536 13.41 -3.34 0.33
CA PHE A 536 14.32 -4.01 -0.59
C PHE A 536 15.69 -4.23 0.07
N LEU A 537 16.20 -3.22 0.78
CA LEU A 537 17.41 -3.42 1.59
C LEU A 537 17.13 -3.68 3.07
N ASP A 538 16.04 -3.13 3.61
CA ASP A 538 15.83 -3.21 5.05
C ASP A 538 15.50 -4.64 5.56
N TYR A 539 14.79 -5.45 4.77
CA TYR A 539 14.15 -6.67 5.29
C TYR A 539 15.18 -7.66 5.85
N GLY A 540 14.92 -8.12 7.06
CA GLY A 540 15.76 -9.12 7.72
C GLY A 540 16.37 -8.62 9.00
N ASP A 541 16.60 -7.30 9.06
CA ASP A 541 17.18 -6.60 10.20
C ASP A 541 16.08 -6.05 11.07
N PHE A 542 16.47 -5.57 12.24
CA PHE A 542 15.59 -4.98 13.24
C PHE A 542 16.42 -3.88 13.90
N HIS A 544 17.89 -1.31 17.48
CA HIS A 544 18.81 -1.38 18.59
C HIS A 544 18.26 -0.91 19.95
N THR A 545 17.35 0.06 19.97
CA THR A 545 16.82 0.60 21.24
C THR A 545 15.47 1.30 21.03
N TYR A 546 14.64 1.32 22.07
CA TYR A 546 13.30 1.89 21.98
C TYR A 546 13.33 3.29 22.55
N ASP A 547 12.44 4.14 22.05
CA ASP A 547 12.21 5.47 22.59
C ASP A 547 10.85 5.40 23.33
N PRO A 548 10.88 5.27 24.67
CA PRO A 548 9.66 5.02 25.46
C PRO A 548 8.71 6.18 25.54
N ASP A 549 9.23 7.40 25.29
CA ASP A 549 8.43 8.62 25.22
C ASP A 549 7.54 8.60 23.97
N ARG A 550 8.22 8.45 22.83
CA ARG A 550 7.56 8.43 21.52
C ARG A 550 6.86 7.13 21.19
N HIS A 551 7.30 6.03 21.81
CA HIS A 551 6.83 4.68 21.49
C HIS A 551 7.19 4.25 20.05
N THR A 552 8.31 4.72 19.51
CA THR A 552 8.88 4.09 18.33
C THR A 552 10.13 3.47 18.83
N TRP A 553 10.73 2.65 17.99
CA TRP A 553 12.14 2.36 18.09
C TRP A 553 12.87 3.58 17.59
N ARG A 554 14.12 3.69 17.98
CA ARG A 554 14.95 4.86 17.68
C ARG A 554 15.53 4.83 16.28
N TYR A 555 14.67 4.95 15.28
CA TYR A 555 15.10 4.88 13.89
C TYR A 555 15.93 6.04 13.42
N ASP A 556 15.87 7.17 14.14
CA ASP A 556 16.45 8.48 13.73
C ASP A 556 17.55 9.05 14.64
N VAL A 557 17.99 8.24 15.59
CA VAL A 557 18.97 8.68 16.57
C VAL A 557 20.19 7.79 16.35
N GLY A 558 21.12 8.31 15.57
CA GLY A 558 22.42 7.65 15.29
C GLY A 558 22.53 6.15 15.41
N GLY A 559 23.25 5.70 16.43
CA GLY A 559 23.49 4.29 16.67
C GLY A 559 22.32 3.48 17.23
N TYR A 560 21.27 4.15 17.73
CA TYR A 560 20.16 3.42 18.33
C TYR A 560 19.15 2.87 17.34
N ALA A 561 19.43 3.00 16.03
CA ALA A 561 18.55 2.52 14.95
C ALA A 561 18.92 1.10 14.46
N TRP A 562 19.29 0.93 13.18
CA TRP A 562 19.37 -0.41 12.63
C TRP A 562 20.45 -1.18 13.40
N ASP A 563 20.15 -2.43 13.78
CA ASP A 563 20.97 -3.14 14.77
C ASP A 563 22.29 -3.64 14.19
N ASN A 564 22.33 -4.01 12.91
CA ASN A 564 23.61 -4.38 12.25
C ASN A 564 24.44 -5.29 13.16
N SER A 565 23.87 -6.45 13.49
CA SER A 565 24.54 -7.48 14.27
C SER A 565 25.31 -7.05 15.54
N GLU A 566 24.82 -6.02 16.24
CA GLU A 566 25.43 -5.59 17.50
C GLU A 566 25.14 -6.50 18.68
N LEU A 567 26.24 -7.01 19.25
CA LEU A 567 26.27 -8.04 20.29
C LEU A 567 25.62 -9.34 19.84
N SER A 568 26.02 -9.78 18.66
CA SER A 568 25.77 -11.15 18.24
C SER A 568 24.31 -11.64 18.31
N PRO A 569 23.35 -10.80 17.94
CA PRO A 569 21.99 -11.34 17.83
C PRO A 569 21.90 -12.54 16.86
N ASP A 570 22.69 -12.50 15.79
CA ASP A 570 22.86 -13.63 14.88
C ASP A 570 23.07 -14.95 15.63
N LEU A 571 24.02 -14.94 16.57
CA LEU A 571 24.37 -16.12 17.36
C LEU A 571 23.19 -16.55 18.21
N PHE A 572 22.54 -15.61 18.88
CA PHE A 572 21.40 -15.96 19.69
C PHE A 572 20.37 -16.70 18.87
N PHE A 573 19.95 -16.11 17.77
CA PHE A 573 18.85 -16.69 17.00
C PHE A 573 19.24 -17.98 16.30
N TRP A 574 20.48 -18.11 15.84
CA TRP A 574 20.89 -19.38 15.20
C TRP A 574 21.05 -20.48 16.25
N LEU A 575 21.67 -20.18 17.38
CA LEU A 575 21.70 -21.12 18.48
C LEU A 575 20.26 -21.50 18.99
N TYR A 576 19.33 -20.55 18.99
CA TYR A 576 17.95 -20.88 19.34
C TYR A 576 17.40 -21.92 18.36
N PHE A 577 17.66 -21.76 17.07
CA PHE A 577 17.21 -22.76 16.11
C PHE A 577 17.85 -24.15 16.33
N LEU A 578 19.17 -24.15 16.52
CA LEU A 578 19.88 -25.40 16.71
C LEU A 578 19.32 -26.21 17.87
N ARG A 579 18.94 -25.53 18.95
CA ARG A 579 18.31 -26.19 20.12
C ARG A 579 16.88 -26.65 19.92
N THR A 580 16.07 -25.78 19.33
CA THR A 580 14.62 -25.95 19.25
C THR A 580 14.17 -26.76 18.05
N GLY A 581 14.78 -26.51 16.88
CA GLY A 581 14.23 -26.98 15.60
C GLY A 581 12.96 -26.29 15.12
N SER A 582 12.72 -25.09 15.64
CA SER A 582 11.54 -24.30 15.28
C SER A 582 11.69 -23.81 13.84
N LYS A 583 10.61 -23.88 13.07
CA LYS A 583 10.60 -23.26 11.73
C LYS A 583 10.89 -21.76 11.84
N ASP A 584 10.11 -21.09 12.67
CA ASP A 584 10.15 -19.64 12.81
C ASP A 584 11.53 -19.15 13.22
N ALA A 585 12.20 -19.90 14.08
CA ALA A 585 13.55 -19.51 14.50
C ALA A 585 14.45 -19.47 13.31
N TYR A 586 14.34 -20.51 12.45
CA TYR A 586 15.12 -20.59 11.21
C TYR A 586 14.72 -19.46 10.32
N ARG A 587 13.43 -19.34 10.05
CA ARG A 587 12.95 -18.36 9.08
C ARG A 587 13.38 -16.96 9.49
N PHE A 588 13.35 -16.69 10.79
CA PHE A 588 13.80 -15.39 11.30
C PHE A 588 15.33 -15.23 11.09
N ALA A 589 16.09 -16.27 11.43
CA ALA A 589 17.57 -16.21 11.32
C ALA A 589 18.06 -16.25 9.86
N GLU A 590 17.25 -16.87 9.01
CA GLU A 590 17.53 -16.91 7.61
C GLU A 590 17.48 -15.48 7.13
N ALA A 591 16.37 -14.80 7.40
CA ALA A 591 16.22 -13.42 6.95
C ALA A 591 17.33 -12.49 7.50
N LEU A 592 17.74 -12.69 8.75
CA LEU A 592 18.84 -11.91 9.34
C LEU A 592 20.19 -12.14 8.67
N THR A 593 20.50 -13.39 8.36
CA THR A 593 21.79 -13.74 7.76
C THR A 593 21.86 -13.27 6.31
N ARG A 594 20.69 -13.21 5.68
CA ARG A 594 20.58 -12.66 4.34
C ARG A 594 20.77 -11.15 4.28
N HIS A 595 20.30 -10.44 5.30
CA HIS A 595 20.50 -8.98 5.34
C HIS A 595 21.93 -8.69 5.74
N THR A 596 22.28 -9.11 6.95
CA THR A 596 23.51 -8.70 7.60
C THR A 596 24.73 -9.10 6.77
N GLY A 597 24.72 -10.35 6.32
CA GLY A 597 25.75 -10.87 5.44
C GLY A 597 25.98 -10.06 4.18
N GLU A 598 24.93 -9.41 3.67
CA GLU A 598 24.95 -8.77 2.36
C GLU A 598 24.95 -7.25 2.43
N VAL A 599 23.96 -6.68 3.11
CA VAL A 599 23.86 -5.21 3.23
C VAL A 599 24.93 -4.61 4.16
N ASP A 600 25.16 -5.25 5.31
CA ASP A 600 25.97 -4.63 6.37
C ASP A 600 27.47 -4.91 6.30
N VAL A 601 27.95 -5.54 5.23
CA VAL A 601 29.38 -5.73 5.05
C VAL A 601 29.81 -5.16 3.68
N TYR A 602 31.03 -4.65 3.63
CA TYR A 602 31.66 -4.15 2.40
C TYR A 602 32.38 -5.27 1.65
N HIS A 603 31.97 -5.53 0.40
CA HIS A 603 32.46 -6.68 -0.38
C HIS A 603 33.57 -6.33 -1.38
N ILE A 604 33.60 -5.09 -1.86
CA ILE A 604 34.70 -4.57 -2.73
C ILE A 604 35.40 -3.46 -1.94
N GLY A 605 36.29 -2.71 -2.57
CA GLY A 605 36.86 -1.50 -1.94
C GLY A 605 38.12 -1.75 -1.13
N ASP A 606 38.58 -0.70 -0.45
CA ASP A 606 39.67 -0.82 0.55
C ASP A 606 39.16 -1.37 1.90
N TRP A 607 37.84 -1.40 2.07
CA TRP A 607 37.19 -1.91 3.28
C TRP A 607 36.55 -3.30 3.10
N LYS A 608 36.90 -4.00 2.01
CA LYS A 608 36.43 -5.35 1.78
C LYS A 608 36.84 -6.19 2.98
N GLY A 609 35.83 -6.68 3.71
CA GLY A 609 36.02 -7.48 4.93
C GLY A 609 35.36 -6.87 6.17
N LEU A 610 35.33 -5.55 6.22
CA LEU A 610 34.73 -4.85 7.33
C LEU A 610 33.24 -4.78 7.07
N GLY A 611 32.50 -4.53 8.15
CA GLY A 611 31.09 -4.21 8.10
C GLY A 611 30.87 -2.94 8.90
N THR A 612 29.68 -2.35 8.76
CA THR A 612 29.41 -1.04 9.32
C THR A 612 28.56 -1.15 10.57
N ARG A 613 29.04 -0.52 11.64
CA ARG A 613 28.32 -0.48 12.93
C ARG A 613 26.90 0.09 12.82
N HIS A 614 26.02 -0.38 13.70
CA HIS A 614 24.66 0.16 13.81
C HIS A 614 24.56 1.67 13.59
N GLY A 615 23.58 2.04 12.77
CA GLY A 615 23.35 3.44 12.38
C GLY A 615 21.92 3.63 11.93
N VAL A 616 21.63 4.81 11.39
CA VAL A 616 20.29 5.15 10.90
C VAL A 616 20.11 4.61 9.47
N GLN A 617 21.21 4.61 8.72
CA GLN A 617 21.34 3.82 7.52
C GLN A 617 22.29 2.69 7.88
N HIS A 618 22.40 1.71 6.97
CA HIS A 618 23.13 0.48 7.21
C HIS A 618 24.63 0.65 6.87
N TRP A 619 24.98 1.87 6.46
CA TRP A 619 26.35 2.21 6.15
C TRP A 619 26.67 3.62 6.68
N SER A 620 25.79 4.20 7.50
CA SER A 620 25.95 5.59 7.95
C SER A 620 27.20 5.83 8.86
N ASP A 621 27.53 4.87 9.72
CA ASP A 621 28.49 5.08 10.80
C ASP A 621 29.93 4.85 10.35
N SER A 622 30.89 5.52 10.97
CA SER A 622 32.29 5.40 10.55
C SER A 622 33.00 4.15 11.05
N ALA A 623 32.42 3.46 12.02
CA ALA A 623 33.05 2.29 12.58
C ALA A 623 32.93 1.11 11.60
N LYS A 624 33.91 1.02 10.70
CA LYS A 624 34.01 -0.12 9.79
C LYS A 624 34.94 -1.17 10.42
N GLN A 625 34.33 -2.21 10.99
CA GLN A 625 35.04 -3.19 11.83
C GLN A 625 34.70 -4.63 11.47
N ALA A 626 35.59 -5.55 11.82
CA ALA A 626 35.36 -6.97 11.54
C ALA A 626 34.20 -7.61 12.33
N ARG A 627 33.86 -7.07 13.49
CA ARG A 627 32.75 -7.60 14.32
C ARG A 627 31.32 -7.50 13.79
N ILE A 628 31.15 -6.93 12.59
CA ILE A 628 29.87 -6.87 11.88
C ILE A 628 29.84 -7.93 10.76
N SER A 629 30.94 -8.00 10.01
CA SER A 629 31.16 -9.03 9.00
C SER A 629 31.38 -10.43 9.56
N GLN A 630 31.97 -10.48 10.76
CA GLN A 630 32.13 -11.70 11.56
C GLN A 630 31.60 -12.99 10.91
N PRO A 631 32.49 -13.78 10.25
CA PRO A 631 32.12 -15.04 9.60
C PRO A 631 31.32 -15.98 10.46
N GLN A 632 31.69 -16.09 11.72
CA GLN A 632 31.00 -16.98 12.67
C GLN A 632 29.48 -16.83 12.62
N TYR A 633 28.99 -15.60 12.46
CA TYR A 633 27.56 -15.36 12.36
C TYR A 633 26.90 -16.09 11.18
N ARG A 634 27.64 -16.31 10.09
CA ARG A 634 27.15 -17.07 8.90
C ARG A 634 27.37 -18.59 8.95
N LYS A 635 28.26 -19.03 9.83
CA LYS A 635 28.74 -20.42 9.86
C LYS A 635 27.65 -21.50 9.95
N TYR A 636 26.58 -21.18 10.67
CA TYR A 636 25.55 -22.17 11.03
C TYR A 636 24.71 -22.41 9.78
N PHE A 637 24.26 -21.32 9.17
CA PHE A 637 23.45 -21.36 7.95
C PHE A 637 24.21 -21.81 6.70
N PHE A 638 25.52 -21.62 6.69
CA PHE A 638 26.30 -22.17 5.60
C PHE A 638 26.11 -23.69 5.61
N TYR A 639 26.30 -24.31 6.77
CA TYR A 639 26.30 -25.77 6.87
C TYR A 639 24.92 -26.43 6.87
N LEU A 640 24.02 -26.02 7.77
CA LEU A 640 22.59 -26.28 7.57
C LEU A 640 22.38 -25.64 6.24
N SER A 641 21.56 -26.23 5.38
CA SER A 641 21.33 -25.71 3.99
C SER A 641 22.22 -26.36 2.91
N GLY A 642 23.33 -26.97 3.31
CA GLY A 642 24.15 -27.76 2.39
C GLY A 642 25.04 -26.86 1.58
N GLY A 643 25.77 -26.01 2.31
CA GLY A 643 26.72 -25.08 1.72
C GLY A 643 26.06 -24.17 0.71
N ASP A 644 25.21 -23.27 1.19
CA ASP A 644 24.59 -22.28 0.32
C ASP A 644 25.74 -21.51 -0.34
N GLU A 645 25.86 -21.69 -1.67
CA GLU A 645 27.05 -21.32 -2.45
C GLU A 645 27.32 -19.81 -2.50
N ARG A 646 26.26 -19.03 -2.28
CA ARG A 646 26.39 -17.58 -2.06
C ARG A 646 27.06 -17.26 -0.72
N VAL A 647 26.54 -17.82 0.36
CA VAL A 647 27.10 -17.61 1.68
C VAL A 647 28.53 -18.15 1.72
N GLY A 648 28.78 -19.21 0.97
CA GLY A 648 30.13 -19.70 0.75
C GLY A 648 31.06 -18.64 0.15
N GLU A 649 30.62 -18.02 -0.94
CA GLU A 649 31.35 -16.88 -1.52
C GLU A 649 31.59 -15.77 -0.48
N LEU A 650 30.58 -15.51 0.35
CA LEU A 650 30.66 -14.42 1.31
C LEU A 650 31.68 -14.70 2.39
N LEU A 651 31.77 -15.95 2.83
CA LEU A 651 32.82 -16.36 3.75
C LEU A 651 34.21 -16.27 3.13
N GLU A 652 34.32 -16.58 1.83
CA GLU A 652 35.60 -16.48 1.09
C GLU A 652 36.08 -15.03 1.04
N GLU A 653 35.27 -14.14 0.47
CA GLU A 653 35.47 -12.66 0.57
C GLU A 653 36.21 -12.17 1.84
N LEU A 654 35.69 -12.64 2.97
CA LEU A 654 36.17 -12.22 4.26
C LEU A 654 37.59 -12.67 4.56
N LEU A 655 38.12 -13.65 3.84
CA LEU A 655 39.54 -14.01 3.98
C LEU A 655 40.54 -12.90 3.63
N ASP A 656 40.05 -11.76 3.13
CA ASP A 656 40.87 -10.57 2.91
C ASP A 656 40.79 -9.50 4.02
N THR A 657 40.03 -9.77 5.08
CA THR A 657 39.80 -8.80 6.17
C THR A 657 41.11 -8.26 6.73
N ASP A 658 42.04 -9.16 7.05
CA ASP A 658 43.35 -8.78 7.60
C ASP A 658 44.10 -7.66 6.88
N LYS A 659 43.99 -7.61 5.54
CA LYS A 659 44.58 -6.54 4.72
C LYS A 659 44.13 -5.15 5.09
N THR A 660 42.84 -4.99 5.42
CA THR A 660 42.22 -3.68 5.75
C THR A 660 42.85 -2.92 6.91
N TYR A 661 43.60 -3.63 7.74
CA TYR A 661 44.33 -3.01 8.86
C TYR A 661 45.60 -2.27 8.38
N GLY A 662 46.05 -2.54 7.16
CA GLY A 662 47.00 -1.68 6.44
C GLY A 662 46.41 -0.33 6.06
N GLU A 663 45.11 -0.33 5.70
CA GLU A 663 44.36 0.86 5.29
C GLU A 663 43.77 1.67 6.43
N LEU A 664 43.11 0.98 7.36
CA LEU A 664 42.22 1.62 8.34
C LEU A 664 42.35 0.97 9.72
N ASP A 665 42.55 1.82 10.73
CA ASP A 665 42.62 1.43 12.13
C ASP A 665 41.26 1.79 12.76
N PRO A 666 40.57 0.81 13.38
CA PRO A 666 39.28 1.14 14.05
C PRO A 666 39.43 1.95 15.37
N GLN A 667 40.65 1.97 15.90
CA GLN A 667 40.99 2.72 17.10
C GLN A 667 41.59 4.11 16.82
N ARG A 668 41.67 4.49 15.55
CA ARG A 668 42.30 5.76 15.14
C ARG A 668 41.91 6.95 16.01
N LYS A 669 40.64 7.01 16.40
CA LYS A 669 40.10 8.16 17.13
C LYS A 669 40.36 8.19 18.64
N VAL A 670 40.67 7.04 19.23
CA VAL A 670 40.71 6.87 20.72
C VAL A 670 42.04 6.34 21.27
N ARG A 671 42.69 5.48 20.49
CA ARG A 671 44.07 5.11 20.67
C ARG A 671 44.94 6.27 21.19
N THR A 672 45.36 6.18 22.46
CA THR A 672 46.30 7.14 23.08
C THR A 672 47.79 6.97 22.65
N ASP A 673 48.21 5.77 22.27
CA ASP A 673 49.60 5.52 21.81
C ASP A 673 49.80 5.90 20.34
N GLY A 674 50.26 7.12 20.08
CA GLY A 674 50.16 7.78 18.75
C GLY A 674 50.69 6.98 17.58
N TRP A 675 49.93 5.94 17.18
CA TRP A 675 50.44 4.86 16.33
C TRP A 675 50.31 5.12 14.84
N GLU A 676 49.09 5.07 14.28
CA GLU A 676 48.86 5.19 12.82
C GLU A 676 49.57 4.12 11.93
N PRO A 677 48.84 3.50 10.97
CA PRO A 677 49.54 2.53 10.10
C PRO A 677 50.38 3.23 9.03
N SER A 678 51.46 2.58 8.59
CA SER A 678 52.23 3.00 7.41
C SER A 678 52.34 1.83 6.43
N PRO A 679 52.56 2.11 5.12
CA PRO A 679 52.86 0.99 4.22
C PRO A 679 54.16 0.24 4.60
N ASN A 680 54.25 -1.02 4.19
CA ASN A 680 55.37 -1.91 4.54
C ASN A 680 55.75 -1.82 6.02
N SER A 681 54.79 -2.18 6.85
CA SER A 681 54.95 -2.21 8.30
C SER A 681 53.88 -3.10 8.96
N THR A 682 54.01 -3.27 10.26
CA THR A 682 53.12 -4.15 11.02
C THR A 682 51.82 -3.37 11.27
N VAL A 683 50.68 -4.06 11.24
CA VAL A 683 49.35 -3.41 11.40
C VAL A 683 48.71 -3.73 12.76
N SER A 684 47.81 -2.88 13.26
CA SER A 684 47.29 -3.05 14.63
C SER A 684 45.80 -3.33 14.72
N PHE A 685 45.45 -4.58 14.99
CA PHE A 685 44.07 -4.98 15.25
C PHE A 685 43.86 -5.43 16.68
N GLY A 686 42.60 -5.43 17.08
CA GLY A 686 42.10 -5.95 18.36
C GLY A 686 42.25 -7.45 18.56
N LEU A 687 42.43 -7.88 19.81
CA LEU A 687 42.58 -9.30 20.14
C LEU A 687 41.27 -9.94 20.54
N GLY A 688 40.21 -9.13 20.67
CA GLY A 688 38.89 -9.65 20.99
C GLY A 688 37.94 -9.59 19.81
N THR A 689 37.46 -8.38 19.52
CA THR A 689 36.44 -8.17 18.48
C THR A 689 37.03 -8.35 17.08
N ASP A 690 38.11 -7.65 16.81
CA ASP A 690 38.72 -7.73 15.50
C ASP A 690 39.14 -9.17 15.25
N TRP A 691 39.94 -9.74 16.16
CA TRP A 691 40.52 -11.08 15.94
C TRP A 691 39.45 -12.19 15.95
N SER A 692 38.33 -11.97 16.65
CA SER A 692 37.27 -12.99 16.67
C SER A 692 36.74 -13.20 15.25
N GLY A 693 36.67 -12.13 14.48
CA GLY A 693 36.32 -12.21 13.07
C GLY A 693 37.37 -12.83 12.16
N LEU A 694 38.60 -12.36 12.30
CA LEU A 694 39.69 -12.88 11.48
C LEU A 694 39.79 -14.41 11.65
N ALA A 695 39.82 -14.82 12.92
CA ALA A 695 39.97 -16.21 13.32
C ALA A 695 38.78 -17.11 12.99
N ALA A 696 37.58 -16.54 13.04
CA ALA A 696 36.39 -17.23 12.56
C ALA A 696 36.51 -17.57 11.07
N GLY A 697 36.88 -16.57 10.28
CA GLY A 697 37.06 -16.75 8.85
C GLY A 697 38.17 -17.73 8.51
N TRP A 698 39.28 -17.64 9.25
CA TRP A 698 40.41 -18.56 9.05
C TRP A 698 40.07 -19.99 9.44
N LEU A 699 39.33 -20.18 10.52
CA LEU A 699 38.84 -21.51 10.86
C LEU A 699 37.97 -22.13 9.75
N ILE A 700 37.02 -21.34 9.25
CA ILE A 700 36.08 -21.79 8.23
C ILE A 700 36.77 -22.18 6.90
N GLU A 701 37.79 -21.43 6.46
CA GLU A 701 38.49 -21.80 5.22
C GLU A 701 39.30 -23.06 5.44
N TRP A 702 39.90 -23.18 6.62
CA TRP A 702 40.61 -24.40 7.02
C TRP A 702 39.63 -25.57 6.94
N GLU A 703 38.55 -25.49 7.69
CA GLU A 703 37.45 -26.48 7.62
C GLU A 703 36.95 -26.81 6.23
N ARG A 704 36.71 -25.82 5.38
CA ARG A 704 36.21 -26.10 4.03
C ARG A 704 37.28 -26.65 3.06
N ARG A 705 38.55 -26.53 3.43
CA ARG A 705 39.67 -26.94 2.58
C ARG A 705 39.51 -26.24 1.22
N GLY A 706 39.45 -24.92 1.32
CA GLY A 706 39.31 -24.07 0.15
C GLY A 706 40.66 -23.75 -0.46
N PRO A 707 40.65 -22.94 -1.52
CA PRO A 707 41.91 -22.54 -2.17
C PRO A 707 42.98 -22.08 -1.17
N ARG A 708 42.56 -21.30 -0.16
CA ARG A 708 43.44 -20.61 0.81
C ARG A 708 43.41 -21.23 2.20
N TRP A 709 43.24 -22.54 2.28
CA TRP A 709 43.12 -23.22 3.56
C TRP A 709 44.46 -23.35 4.25
N GLU A 710 45.52 -23.67 3.51
CA GLU A 710 46.85 -23.85 4.10
C GLU A 710 47.31 -22.52 4.74
N GLU A 711 47.09 -21.43 4.00
CA GLU A 711 47.23 -20.03 4.46
C GLU A 711 46.40 -19.67 5.69
N ALA A 712 45.08 -19.90 5.59
CA ALA A 712 44.12 -19.62 6.69
C ALA A 712 44.45 -20.43 7.95
N LYS A 713 44.70 -21.73 7.77
CA LYS A 713 45.25 -22.58 8.83
C LYS A 713 46.48 -21.93 9.46
N THR A 714 47.45 -21.59 8.62
CA THR A 714 48.71 -20.99 9.12
C THR A 714 48.48 -19.72 9.94
N LYS A 715 47.64 -18.81 9.44
CA LYS A 715 47.41 -17.53 10.13
C LYS A 715 46.77 -17.73 11.51
N LEU A 716 45.74 -18.58 11.55
CA LEU A 716 45.09 -18.94 12.81
C LEU A 716 46.06 -19.53 13.86
N THR A 717 46.93 -20.46 13.45
CA THR A 717 47.88 -21.07 14.39
C THR A 717 48.93 -20.06 14.83
N ASN A 718 49.49 -19.29 13.90
CA ASN A 718 50.47 -18.25 14.26
C ASN A 718 49.92 -17.20 15.23
N THR A 719 48.72 -16.72 14.92
CA THR A 719 48.07 -15.71 15.76
C THR A 719 47.66 -16.28 17.14
N ILE A 720 47.29 -17.57 17.18
CA ILE A 720 46.92 -18.26 18.45
C ILE A 720 48.15 -18.43 19.33
N ALA A 721 49.29 -18.80 18.73
CA ALA A 721 50.56 -18.81 19.45
C ALA A 721 50.95 -17.40 19.91
N GLY A 722 50.84 -16.41 19.02
CA GLY A 722 51.14 -15.00 19.35
C GLY A 722 50.45 -14.49 20.60
N ILE A 723 49.13 -14.71 20.70
CA ILE A 723 48.37 -14.32 21.89
C ILE A 723 48.85 -15.10 23.09
N ALA A 724 49.14 -16.38 22.90
CA ALA A 724 49.66 -17.20 24.00
C ALA A 724 51.05 -16.76 24.43
N ASN A 725 51.82 -16.17 23.52
CA ASN A 725 53.18 -15.69 23.83
C ASN A 725 53.23 -14.21 24.23
N LEU A 726 52.08 -13.58 24.44
CA LEU A 726 52.03 -12.13 24.61
C LEU A 726 52.48 -11.60 25.95
N THR A 727 52.09 -12.30 27.03
CA THR A 727 52.42 -12.02 28.45
C THR A 727 51.13 -11.93 29.23
N ASN A 728 50.25 -11.02 28.82
CA ASN A 728 48.94 -10.91 29.45
C ASN A 728 47.83 -11.57 28.63
N GLY A 729 48.19 -12.14 27.47
CA GLY A 729 47.23 -12.81 26.60
C GLY A 729 46.12 -11.87 26.14
N PHE A 730 44.88 -12.28 26.34
CA PHE A 730 43.74 -11.44 25.95
C PHE A 730 43.62 -10.18 26.81
N VAL A 731 44.13 -10.20 28.05
CA VAL A 731 44.14 -9.00 28.87
C VAL A 731 45.13 -7.98 28.30
N THR A 732 46.14 -8.46 27.54
CA THR A 732 46.93 -7.58 26.65
C THR A 732 45.93 -6.87 25.80
N GLY A 733 46.17 -5.59 25.60
CA GLY A 733 45.20 -4.79 24.91
C GLY A 733 44.94 -5.40 23.55
N SER A 734 45.94 -5.29 22.66
CA SER A 734 45.74 -5.60 21.28
C SER A 734 46.96 -5.31 20.43
N GLY A 735 47.73 -6.36 20.18
CA GLY A 735 48.97 -6.27 19.44
C GLY A 735 48.99 -5.88 17.96
N LEU A 736 50.18 -6.08 17.38
CA LEU A 736 50.50 -5.75 16.00
C LEU A 736 50.74 -7.04 15.22
N TYR A 737 50.69 -6.96 13.89
CA TYR A 737 50.64 -8.15 13.05
C TYR A 737 51.30 -7.91 11.71
N ASP A 738 52.16 -8.84 11.33
CA ASP A 738 53.02 -8.71 10.18
C ASP A 738 52.31 -9.37 9.03
N PRO A 739 52.01 -8.61 7.97
CA PRO A 739 51.34 -9.25 6.85
C PRO A 739 52.22 -10.08 5.94
N VAL A 740 53.55 -10.04 6.05
CA VAL A 740 54.41 -10.99 5.29
C VAL A 740 54.68 -12.28 6.07
N THR A 741 54.90 -12.15 7.37
CA THR A 741 55.23 -13.30 8.22
C THR A 741 53.99 -13.92 8.92
N TRP A 742 52.87 -13.19 8.98
CA TRP A 742 51.63 -13.67 9.59
C TRP A 742 51.73 -14.01 11.09
N THR A 743 52.49 -13.22 11.83
CA THR A 743 52.69 -13.47 13.27
C THR A 743 52.18 -12.30 14.07
N LEU A 744 51.85 -12.54 15.34
CA LEU A 744 51.17 -11.53 16.14
C LEU A 744 52.00 -11.17 17.37
N GLY A 745 52.47 -9.92 17.42
CA GLY A 745 53.34 -9.43 18.50
C GLY A 745 52.67 -8.39 19.39
N PRO A 746 53.38 -7.86 20.39
CA PRO A 746 52.80 -6.94 21.37
C PRO A 746 52.39 -5.59 20.79
N PRO A 747 51.51 -4.86 21.50
CA PRO A 747 50.99 -3.57 21.02
C PRO A 747 52.04 -2.46 20.97
N PRO A 748 51.70 -1.30 20.37
CA PRO A 748 52.72 -0.28 20.13
C PRO A 748 53.49 0.17 21.39
N SER A 749 52.79 0.19 22.53
CA SER A 749 53.36 0.65 23.80
C SER A 749 53.82 -0.49 24.73
N ASP A 750 54.32 -1.59 24.16
CA ASP A 750 54.84 -2.70 24.96
C ASP A 750 55.84 -3.54 24.17
N PRO A 751 56.83 -2.89 23.54
CA PRO A 751 57.66 -3.61 22.58
C PRO A 751 58.77 -4.38 23.30
N GLY A 752 58.44 -5.62 23.67
CA GLY A 752 59.20 -6.40 24.62
C GLY A 752 58.23 -6.79 25.73
N ASN A 753 57.32 -7.69 25.36
CA ASN A 753 56.23 -8.24 26.21
C ASN A 753 56.18 -7.94 27.76
N ARG A 754 56.39 -6.69 28.17
CA ARG A 754 56.24 -6.30 29.59
C ARG A 754 54.78 -5.86 29.78
N GLY A 755 53.89 -6.87 29.82
CA GLY A 755 52.43 -6.78 29.46
C GLY A 755 51.57 -5.52 29.59
N ASN A 756 50.77 -5.21 28.55
CA ASN A 756 49.80 -4.09 28.58
C ASN A 756 48.50 -4.58 29.18
N VAL A 757 47.67 -3.65 29.65
CA VAL A 757 46.26 -3.92 29.93
C VAL A 757 45.36 -3.00 29.12
N SER A 758 44.52 -3.59 28.27
CA SER A 758 43.34 -2.91 27.75
C SER A 758 42.14 -3.85 27.80
N ILE A 759 41.16 -3.44 28.59
CA ILE A 759 39.93 -4.19 28.74
C ILE A 759 38.85 -3.50 27.91
N SER A 760 37.94 -4.30 27.38
CA SER A 760 36.80 -3.78 26.65
C SER A 760 35.70 -4.81 26.81
N HIS A 761 34.53 -4.31 27.21
CA HIS A 761 33.36 -5.17 27.39
C HIS A 761 32.93 -5.80 26.08
N LEU A 762 33.35 -5.21 24.96
CA LEU A 762 33.00 -5.74 23.65
C LEU A 762 33.76 -7.02 23.29
N ASN A 763 35.05 -7.07 23.60
CA ASN A 763 35.95 -8.15 23.19
C ASN A 763 35.42 -9.63 23.24
N ALA A 764 34.50 -9.94 24.16
CA ALA A 764 33.94 -11.30 24.29
C ALA A 764 32.47 -11.45 23.86
N VAL A 765 31.81 -10.38 23.39
CA VAL A 765 30.40 -10.48 22.97
C VAL A 765 30.11 -10.53 21.44
N PHE A 766 31.17 -10.68 20.62
CA PHE A 766 31.08 -10.76 19.14
C PHE A 766 31.65 -12.07 18.58
N GLY A 767 31.41 -13.18 19.27
CA GLY A 767 31.87 -14.50 18.85
C GLY A 767 33.18 -15.06 19.41
N LEU A 768 33.90 -14.34 20.27
CA LEU A 768 35.21 -14.84 20.80
C LEU A 768 35.13 -16.21 21.52
N PRO A 769 34.25 -16.36 22.52
CA PRO A 769 34.06 -17.67 23.13
C PRO A 769 33.81 -18.81 22.15
N GLU A 770 33.01 -18.54 21.14
CA GLU A 770 32.51 -19.57 20.24
C GLU A 770 33.66 -19.99 19.35
N VAL A 771 34.29 -18.97 18.76
CA VAL A 771 35.39 -19.14 17.82
C VAL A 771 36.54 -19.80 18.51
N VAL A 772 36.76 -19.45 19.77
CA VAL A 772 37.91 -19.97 20.50
C VAL A 772 37.70 -21.43 20.82
N SER A 773 36.54 -21.78 21.38
CA SER A 773 36.28 -23.17 21.73
C SER A 773 36.43 -24.03 20.48
N GLU A 774 35.78 -23.61 19.40
CA GLU A 774 35.84 -24.34 18.14
C GLU A 774 37.28 -24.57 17.67
N ALA A 775 38.09 -23.54 17.83
CA ALA A 775 39.49 -23.53 17.39
C ALA A 775 40.35 -24.42 18.27
N ILE A 776 40.19 -24.28 19.58
CA ILE A 776 40.82 -25.16 20.58
C ILE A 776 40.53 -26.63 20.21
N ALA A 777 39.25 -26.95 20.00
CA ALA A 777 38.84 -28.29 19.60
C ALA A 777 39.51 -28.73 18.33
N TYR A 778 39.60 -27.83 17.35
CA TYR A 778 40.08 -28.20 16.03
C TYR A 778 41.57 -28.54 16.06
N LEU A 779 42.40 -27.57 16.44
CA LEU A 779 43.84 -27.79 16.70
C LEU A 779 44.15 -29.00 17.63
N ALA A 780 43.22 -29.34 18.52
CA ALA A 780 43.32 -30.56 19.33
C ALA A 780 44.64 -30.57 20.10
N ASP A 781 45.57 -31.45 19.73
CA ASP A 781 46.85 -31.55 20.44
C ASP A 781 47.83 -30.53 19.92
N ASP A 782 47.70 -30.17 18.64
CA ASP A 782 48.66 -29.28 17.98
C ASP A 782 48.59 -27.83 18.50
N ILE A 783 47.61 -27.53 19.35
CA ILE A 783 47.44 -26.18 19.94
C ILE A 783 48.70 -25.65 20.64
N PRO A 784 49.18 -24.43 20.25
CA PRO A 784 50.29 -23.74 20.95
C PRO A 784 50.16 -23.71 22.47
N LYS A 785 51.28 -23.95 23.17
CA LYS A 785 51.25 -24.19 24.63
C LYS A 785 50.79 -22.91 25.33
N GLY A 786 49.78 -23.04 26.19
CA GLY A 786 49.30 -21.92 27.00
C GLY A 786 48.31 -20.95 26.37
N PHE A 787 47.85 -21.24 25.15
CA PHE A 787 46.71 -20.52 24.61
C PHE A 787 45.52 -20.79 25.49
N LYS A 788 45.26 -22.07 25.79
CA LYS A 788 44.06 -22.40 26.55
C LYS A 788 44.08 -21.74 27.92
N GLN A 789 45.26 -21.64 28.53
CA GLN A 789 45.41 -20.96 29.82
C GLN A 789 45.14 -19.45 29.72
N ALA A 790 45.73 -18.82 28.70
CA ALA A 790 45.55 -17.40 28.41
C ALA A 790 44.07 -17.03 28.26
N TRP A 791 43.32 -17.93 27.61
CA TRP A 791 41.88 -17.75 27.42
C TRP A 791 41.13 -18.01 28.73
N LEU A 792 41.57 -19.02 29.46
CA LEU A 792 40.98 -19.35 30.77
C LEU A 792 41.18 -18.19 31.73
N ASP A 793 42.36 -17.54 31.66
CA ASP A 793 42.65 -16.33 32.43
C ASP A 793 41.58 -15.27 32.12
N TYR A 794 41.41 -14.95 30.84
CA TYR A 794 40.49 -13.88 30.42
C TYR A 794 39.11 -14.15 30.96
N CYS A 795 38.67 -15.38 30.80
CA CYS A 795 37.37 -15.82 31.30
C CYS A 795 37.19 -15.63 32.80
N TYR A 796 38.17 -16.10 33.57
CA TYR A 796 38.10 -16.01 35.03
C TYR A 796 38.21 -14.53 35.48
N TYR A 797 39.34 -13.89 35.21
CA TYR A 797 39.64 -12.56 35.77
C TYR A 797 38.65 -11.46 35.47
N TYR A 798 37.91 -11.59 34.36
CA TYR A 798 37.02 -10.52 33.93
C TYR A 798 36.17 -10.03 35.10
N HIS A 799 35.48 -10.95 35.79
CA HIS A 799 34.67 -10.56 36.96
C HIS A 799 35.07 -11.27 38.26
N ALA A 800 36.39 -11.29 38.47
CA ALA A 800 37.00 -11.60 39.75
C ALA A 800 36.88 -10.37 40.67
N SER A 801 37.53 -10.41 41.82
CA SER A 801 37.71 -9.20 42.62
C SER A 801 38.71 -8.27 41.93
N ALA A 802 38.64 -7.00 42.31
CA ALA A 802 39.52 -6.00 41.76
C ALA A 802 40.96 -6.25 42.25
N SER A 803 41.05 -6.83 43.46
CA SER A 803 42.31 -7.25 44.05
C SER A 803 42.93 -8.38 43.26
N GLU A 804 42.18 -9.48 43.10
CA GLU A 804 42.55 -10.58 42.20
C GLU A 804 43.09 -10.09 40.84
N GLN A 805 42.45 -9.07 40.27
CA GLN A 805 42.89 -8.46 39.00
C GLN A 805 44.20 -7.66 39.13
N LYS A 806 44.23 -6.74 40.11
CA LYS A 806 45.44 -5.98 40.47
C LYS A 806 46.60 -6.92 40.77
N ASP A 807 46.33 -7.94 41.59
CA ASP A 807 47.30 -8.99 41.97
C ASP A 807 47.94 -9.61 40.72
N ARG A 808 47.10 -10.00 39.77
CA ARG A 808 47.54 -10.74 38.60
C ARG A 808 48.03 -9.83 37.50
N TYR A 809 47.40 -8.68 37.32
CA TYR A 809 47.64 -7.88 36.14
C TYR A 809 48.24 -6.51 36.37
N GLY A 810 48.42 -6.11 37.62
CA GLY A 810 48.94 -4.78 37.96
C GLY A 810 47.83 -3.83 38.33
N VAL A 811 46.92 -3.62 37.39
CA VAL A 811 45.77 -2.73 37.58
C VAL A 811 44.49 -3.55 37.72
N SER A 812 43.46 -2.97 38.30
CA SER A 812 42.14 -3.60 38.32
C SER A 812 41.44 -3.23 37.01
N PHE A 813 40.38 -3.94 36.66
CA PHE A 813 39.67 -3.73 35.40
C PHE A 813 38.56 -2.70 35.59
N SER A 814 38.90 -1.42 35.41
CA SER A 814 38.00 -0.32 35.81
C SER A 814 36.78 -0.09 34.90
N LYS A 815 36.89 -0.46 33.61
CA LYS A 815 35.76 -0.33 32.68
C LYS A 815 35.29 -1.70 32.13
N ILE A 816 34.71 -2.50 33.02
CA ILE A 816 33.97 -3.71 32.62
C ILE A 816 32.49 -3.45 32.82
N SER A 817 31.70 -3.91 31.86
CA SER A 817 30.25 -3.95 32.00
C SER A 817 29.76 -5.19 31.26
N LEU A 818 28.46 -5.28 30.94
CA LEU A 818 27.88 -6.49 30.36
C LEU A 818 28.25 -7.74 31.19
N LEU A 819 27.90 -7.72 32.47
CA LEU A 819 28.20 -8.84 33.36
C LEU A 819 27.33 -10.08 33.13
N GLN A 820 26.03 -9.84 32.90
CA GLN A 820 25.10 -10.91 32.45
C GLN A 820 25.57 -11.47 31.13
N ALA A 821 26.02 -10.58 30.25
CA ALA A 821 26.56 -11.02 28.99
C ALA A 821 27.76 -11.95 29.25
N HIS A 822 28.71 -11.49 30.07
CA HIS A 822 29.97 -12.23 30.31
C HIS A 822 29.82 -13.44 31.22
N SER A 823 28.67 -13.56 31.88
CA SER A 823 28.37 -14.73 32.70
C SER A 823 28.70 -16.04 31.99
N ARG A 824 28.47 -16.07 30.68
CA ARG A 824 28.84 -17.24 29.88
C ARG A 824 30.32 -17.57 29.85
N LEU A 825 31.22 -16.60 30.01
CA LEU A 825 32.67 -16.87 30.13
C LEU A 825 33.04 -17.57 31.44
N ALA A 826 32.28 -17.35 32.50
CA ALA A 826 32.44 -18.11 33.72
C ALA A 826 31.98 -19.53 33.43
N ALA A 827 30.71 -19.66 33.04
CA ALA A 827 30.10 -20.95 32.72
C ALA A 827 31.05 -21.87 31.96
N TYR A 828 31.79 -21.29 31.02
CA TYR A 828 32.85 -22.01 30.32
C TYR A 828 33.91 -22.47 31.31
N ALA A 829 34.70 -21.53 31.83
CA ALA A 829 35.86 -21.87 32.68
C ALA A 829 35.47 -22.75 33.85
N ALA A 830 34.27 -22.56 34.37
CA ALA A 830 33.69 -23.47 35.34
C ALA A 830 33.74 -24.90 34.81
N TYR A 831 33.05 -25.15 33.69
CA TYR A 831 33.02 -26.48 33.07
C TYR A 831 34.44 -26.95 32.85
N GLU A 832 35.25 -26.10 32.24
CA GLU A 832 36.57 -26.53 31.77
C GLU A 832 37.51 -26.87 32.93
N THR A 833 37.29 -26.26 34.10
CA THR A 833 38.09 -26.51 35.32
C THR A 833 37.42 -27.40 36.39
N LYS A 834 36.15 -27.75 36.22
CA LYS A 834 35.44 -28.54 37.22
C LYS A 834 35.47 -27.86 38.59
N ASN A 835 35.12 -26.57 38.56
CA ASN A 835 35.08 -25.71 39.73
C ASN A 835 33.62 -25.20 39.92
N LYS A 836 32.97 -25.71 40.96
CA LYS A 836 31.56 -25.39 41.21
C LYS A 836 31.31 -24.01 41.79
N THR A 837 32.35 -23.38 42.34
CA THR A 837 32.23 -22.01 42.87
C THR A 837 32.27 -21.02 41.72
N LEU A 838 33.12 -21.30 40.72
CA LEU A 838 33.14 -20.50 39.50
C LEU A 838 31.88 -20.73 38.67
N ALA A 839 31.30 -21.93 38.74
CA ALA A 839 30.00 -22.17 38.11
C ALA A 839 28.94 -21.24 38.67
N LEU A 840 28.92 -21.10 39.99
CA LEU A 840 27.98 -20.23 40.67
C LEU A 840 28.19 -18.75 40.34
N ARG A 841 29.40 -18.36 39.94
CA ARG A 841 29.63 -17.00 39.45
C ARG A 841 28.79 -16.67 38.22
N ALA A 842 28.67 -17.68 37.35
CA ALA A 842 27.84 -17.56 36.17
C ALA A 842 26.42 -17.26 36.61
N TRP A 843 25.81 -18.19 37.32
CA TRP A 843 24.41 -18.05 37.67
C TRP A 843 24.09 -16.74 38.43
N LYS A 844 25.02 -16.29 39.28
CA LYS A 844 24.84 -15.07 40.06
C LYS A 844 24.92 -13.85 39.16
N ASP A 845 25.97 -13.77 38.36
CA ASP A 845 26.12 -12.66 37.43
C ASP A 845 24.96 -12.60 36.42
N PHE A 846 24.47 -13.76 35.99
CA PHE A 846 23.30 -13.82 35.13
C PHE A 846 22.02 -13.40 35.87
N TYR A 847 21.76 -14.03 37.02
CA TYR A 847 20.54 -13.77 37.81
C TYR A 847 20.55 -12.41 38.60
N ALA A 848 21.72 -11.90 38.97
CA ALA A 848 21.82 -10.67 39.76
C ALA A 848 23.05 -9.82 39.44
N SER A 849 22.98 -9.12 38.31
CA SER A 849 23.95 -8.09 37.92
C SER A 849 23.29 -7.06 36.96
N ASP A 850 23.60 -7.12 35.66
CA ASP A 850 23.04 -6.18 34.69
C ASP A 850 22.20 -6.91 33.62
N GLY A 851 22.03 -6.29 32.46
CA GLY A 851 21.14 -6.80 31.42
C GLY A 851 19.66 -6.82 31.80
N LEU A 852 19.12 -8.04 31.93
CA LEU A 852 17.68 -8.21 31.97
C LEU A 852 17.11 -8.52 33.33
N LEU A 853 17.69 -9.41 34.11
CA LEU A 853 17.25 -9.59 35.53
C LEU A 853 15.87 -10.24 35.72
N PRO A 854 15.79 -11.18 36.66
CA PRO A 854 14.62 -12.05 36.75
C PRO A 854 13.32 -11.34 37.12
N ASP A 855 13.43 -10.22 37.83
CA ASP A 855 12.29 -9.43 38.30
C ASP A 855 12.00 -8.28 37.33
N ALA A 856 12.61 -8.27 36.15
CA ALA A 856 12.18 -7.30 35.13
C ALA A 856 10.69 -7.56 34.83
N PRO A 857 10.05 -6.66 34.05
CA PRO A 857 8.61 -6.82 33.81
C PRO A 857 8.21 -8.14 33.15
N TRP A 858 8.99 -8.53 32.13
CA TRP A 858 8.75 -9.76 31.38
C TRP A 858 7.33 -9.84 30.85
N ASN A 859 6.93 -8.74 30.22
CA ASN A 859 5.65 -8.63 29.52
C ASN A 859 5.67 -7.43 28.54
N ILE A 860 4.68 -7.41 27.67
CA ILE A 860 4.50 -6.31 26.73
C ILE A 860 3.27 -5.51 27.15
N THR A 861 3.27 -4.23 26.78
CA THR A 861 2.09 -3.37 26.89
C THR A 861 1.60 -3.01 25.49
N HIS A 862 0.28 -2.90 25.35
CA HIS A 862 -0.32 -2.36 24.12
C HIS A 862 -0.37 -0.82 24.17
N VAL A 863 -0.07 -0.17 23.05
CA VAL A 863 -0.11 1.29 22.93
C VAL A 863 -0.99 1.64 21.73
N ASP A 864 -2.23 2.02 22.02
CA ASP A 864 -3.19 2.39 21.02
C ASP A 864 -3.48 3.88 21.15
N GLY A 865 -4.32 4.37 20.24
CA GLY A 865 -4.80 5.74 20.30
C GLY A 865 -3.74 6.76 19.89
N SER A 866 -3.99 8.00 20.31
CA SER A 866 -3.26 9.17 19.81
C SER A 866 -1.78 9.32 20.20
N ASP A 867 -1.20 8.37 20.91
CA ASP A 867 0.23 8.43 21.24
C ASP A 867 1.14 7.99 20.08
N VAL A 868 0.56 7.30 19.11
CA VAL A 868 1.28 6.60 18.05
C VAL A 868 0.54 6.69 16.71
N LEU A 869 1.29 6.56 15.61
CA LEU A 869 0.71 6.45 14.28
C LEU A 869 -0.26 5.27 14.19
N VAL A 870 0.21 4.07 14.58
CA VAL A 870 -0.58 2.82 14.59
C VAL A 870 -0.42 1.98 15.86
N PRO A 871 -1.44 1.18 16.21
CA PRO A 871 -1.36 0.37 17.42
C PRO A 871 -0.07 -0.44 17.48
N VAL A 872 0.65 -0.38 18.59
CA VAL A 872 1.83 -1.25 18.81
C VAL A 872 1.82 -1.93 20.18
N ASP A 873 2.51 -3.07 20.21
CA ASP A 873 2.98 -3.67 21.46
C ASP A 873 4.42 -3.19 21.69
N GLU A 874 4.80 -3.01 22.96
CA GLU A 874 6.16 -2.62 23.32
C GLU A 874 6.61 -3.27 24.60
N ALA A 875 7.92 -3.39 24.71
CA ALA A 875 8.60 -3.77 25.94
C ALA A 875 9.73 -2.78 26.07
N ALA A 876 9.41 -1.64 26.69
CA ALA A 876 10.33 -0.48 26.76
C ALA A 876 11.51 -0.72 27.68
N TRP A 877 11.41 -1.81 28.45
CA TRP A 877 12.40 -2.26 29.43
C TRP A 877 13.55 -3.07 28.84
N LEU A 878 13.40 -3.57 27.61
CA LEU A 878 14.48 -4.29 26.94
C LEU A 878 14.99 -3.57 25.72
N ALA A 879 16.26 -3.79 25.44
CA ALA A 879 16.91 -3.35 24.21
C ALA A 879 17.47 -4.60 23.52
N THR A 880 17.86 -4.47 22.27
CA THR A 880 18.30 -5.64 21.51
C THR A 880 19.58 -6.21 22.07
N ASN A 881 20.47 -5.35 22.57
CA ASN A 881 21.71 -5.83 23.17
C ASN A 881 21.40 -6.69 24.37
N ASP A 882 20.34 -6.31 25.10
CA ASP A 882 19.90 -7.11 26.25
C ASP A 882 19.44 -8.51 25.82
N ILE A 883 18.49 -8.59 24.90
CA ILE A 883 17.95 -9.89 24.51
C ILE A 883 18.97 -10.80 23.84
N ALA A 884 19.96 -10.25 23.15
CA ALA A 884 20.92 -11.09 22.43
C ALA A 884 21.86 -11.79 23.41
N GLN A 885 22.58 -10.99 24.19
CA GLN A 885 23.48 -11.51 25.19
C GLN A 885 22.75 -12.32 26.29
N TYR A 886 21.50 -11.98 26.61
CA TYR A 886 20.71 -12.76 27.57
C TYR A 886 20.52 -14.15 27.03
N GLY A 887 20.10 -14.20 25.76
CA GLY A 887 19.76 -15.43 25.08
C GLY A 887 20.95 -16.34 25.04
N LEU A 888 22.09 -15.79 24.65
CA LEU A 888 23.37 -16.51 24.60
C LEU A 888 23.79 -17.01 25.96
N ALA A 889 23.63 -16.15 26.97
CA ALA A 889 23.90 -16.53 28.35
C ALA A 889 22.99 -17.68 28.78
N VAL A 890 21.70 -17.60 28.46
CA VAL A 890 20.77 -18.67 28.85
C VAL A 890 21.29 -19.99 28.25
N ILE A 891 21.53 -19.99 26.94
CA ILE A 891 21.91 -21.19 26.19
C ILE A 891 23.28 -21.73 26.67
N GLN A 892 24.28 -20.85 26.74
CA GLN A 892 25.65 -21.23 27.13
C GLN A 892 25.82 -21.60 28.62
N ASN A 893 25.17 -20.87 29.54
CA ASN A 893 25.14 -21.27 30.95
C ASN A 893 24.42 -22.62 31.13
N LEU A 894 23.26 -22.80 30.50
CA LEU A 894 22.62 -24.11 30.54
C LEU A 894 23.51 -25.19 29.91
N ALA A 895 24.21 -24.85 28.83
CA ALA A 895 25.09 -25.81 28.17
C ALA A 895 26.14 -26.25 29.15
N TYR A 896 26.93 -25.29 29.61
CA TYR A 896 28.13 -25.59 30.40
C TYR A 896 27.88 -25.92 31.88
N VAL A 897 26.86 -25.31 32.49
CA VAL A 897 26.63 -25.47 33.95
C VAL A 897 25.16 -25.70 34.37
N SER A 898 24.43 -26.50 33.60
CA SER A 898 23.06 -26.91 33.97
C SER A 898 23.07 -27.44 35.38
N ASP A 899 24.08 -28.28 35.69
CA ASP A 899 24.12 -29.07 36.92
C ASP A 899 24.33 -28.24 38.20
N SER A 900 24.79 -27.00 38.06
CA SER A 900 24.93 -26.07 39.19
C SER A 900 23.78 -25.06 39.31
N LEU A 901 22.72 -25.18 38.49
CA LEU A 901 21.65 -24.17 38.44
C LEU A 901 20.71 -24.33 39.62
N ASP A 902 20.23 -25.54 39.81
CA ASP A 902 19.43 -25.89 41.00
C ASP A 902 20.18 -25.68 42.32
N ASP A 903 21.51 -25.86 42.28
CA ASP A 903 22.39 -25.63 43.43
C ASP A 903 22.36 -24.15 43.82
N TYR A 904 22.52 -23.28 42.83
CA TYR A 904 22.38 -21.84 43.00
C TYR A 904 20.98 -21.44 43.53
N GLN A 905 19.92 -21.93 42.87
CA GLN A 905 18.54 -21.62 43.27
C GLN A 905 18.23 -21.99 44.70
N SER A 906 18.73 -23.13 45.17
CA SER A 906 18.33 -23.67 46.48
C SER A 906 18.92 -22.94 47.69
N ASN B 2 -53.29 38.03 14.97
CA ASN B 2 -53.58 36.57 14.70
C ASN B 2 -52.33 35.75 14.37
N CYS B 3 -52.11 34.69 15.14
CA CYS B 3 -50.85 33.96 15.11
C CYS B 3 -51.01 32.55 14.60
N THR B 4 -49.96 32.08 13.92
CA THR B 4 -49.83 30.70 13.52
C THR B 4 -48.41 30.31 13.87
N SER B 5 -48.29 29.37 14.79
CA SER B 5 -47.01 28.92 15.27
C SER B 5 -47.04 27.39 15.38
N SER B 6 -45.97 26.77 14.92
CA SER B 6 -45.74 25.35 15.08
C SER B 6 -44.31 25.23 15.55
N SER B 7 -43.86 23.99 15.76
CA SER B 7 -42.44 23.69 16.04
C SER B 7 -41.92 22.49 15.26
N ALA B 8 -40.60 22.36 15.20
CA ALA B 8 -39.98 21.25 14.45
C ALA B 8 -38.56 20.96 14.93
N THR B 9 -38.30 19.68 15.18
CA THR B 9 -37.14 19.28 15.94
C THR B 9 -36.12 18.59 15.03
N VAL B 10 -34.86 18.80 15.37
CA VAL B 10 -33.76 18.37 14.55
C VAL B 10 -32.79 17.54 15.43
N HIS B 11 -32.18 16.55 14.81
CA HIS B 11 -31.44 15.49 15.47
C HIS B 11 -30.09 15.38 14.83
N TRP B 12 -29.11 14.90 15.60
CA TRP B 12 -27.81 14.55 15.03
C TRP B 12 -27.99 13.38 14.08
N LEU B 13 -27.04 13.20 13.17
CA LEU B 13 -27.16 12.13 12.20
C LEU B 13 -26.88 10.81 12.91
N GLY B 14 -25.65 10.69 13.41
CA GLY B 14 -25.23 9.49 14.14
C GLY B 14 -25.49 9.66 15.61
N ASP B 15 -24.49 9.31 16.41
CA ASP B 15 -24.48 9.61 17.85
C ASP B 15 -24.27 11.11 18.06
N LYS B 16 -24.63 11.58 19.25
CA LYS B 16 -24.28 12.93 19.67
C LYS B 16 -22.78 13.12 19.47
N PRO B 17 -22.38 14.17 18.72
CA PRO B 17 -20.95 14.42 18.59
C PRO B 17 -20.33 14.96 19.89
N THR B 18 -19.11 14.53 20.13
CA THR B 18 -18.25 15.10 21.13
C THR B 18 -17.92 16.58 20.79
N TYR B 19 -17.81 16.89 19.49
CA TYR B 19 -17.40 18.22 19.03
C TYR B 19 -17.91 18.58 17.63
N HIS B 20 -18.40 19.82 17.48
CA HIS B 20 -18.63 20.43 16.17
C HIS B 20 -18.02 21.83 16.03
N ALA B 21 -18.07 22.40 14.82
CA ALA B 21 -17.38 23.66 14.50
C ALA B 21 -18.30 24.67 13.81
N GLY B 22 -19.53 24.70 14.32
CA GLY B 22 -20.70 25.20 13.63
C GLY B 22 -21.29 24.22 12.62
N VAL B 23 -22.60 24.33 12.44
CA VAL B 23 -23.34 23.42 11.58
C VAL B 23 -24.46 24.19 10.86
N THR B 24 -24.66 23.89 9.57
CA THR B 24 -25.81 24.38 8.79
C THR B 24 -26.72 23.19 8.49
N PHE B 25 -28.03 23.42 8.61
CA PHE B 25 -29.03 22.35 8.48
C PHE B 25 -30.35 22.88 7.95
N GLY B 26 -31.09 22.01 7.26
CA GLY B 26 -32.37 22.39 6.66
C GLY B 26 -33.60 21.93 7.42
N LEU B 27 -34.69 22.67 7.26
CA LEU B 27 -35.96 22.30 7.82
C LEU B 27 -37.04 22.56 6.78
N PRO B 28 -37.84 21.55 6.45
CA PRO B 28 -38.95 21.77 5.55
C PRO B 28 -40.14 22.34 6.29
N TRP B 29 -41.09 22.90 5.54
CA TRP B 29 -42.31 23.50 6.08
C TRP B 29 -43.49 23.27 5.16
N PRO B 30 -44.68 23.01 5.74
CA PRO B 30 -45.84 22.65 4.91
C PRO B 30 -46.34 23.83 4.07
N GLN B 31 -46.97 23.47 2.95
CA GLN B 31 -47.42 24.42 1.93
C GLN B 31 -48.41 25.43 2.49
N GLY B 32 -48.21 26.70 2.12
CA GLY B 32 -49.08 27.79 2.51
C GLY B 32 -49.11 28.09 4.00
N LYS B 33 -47.99 27.87 4.68
CA LYS B 33 -47.92 27.96 6.14
C LYS B 33 -47.22 29.22 6.64
N TYR B 34 -46.05 29.52 6.08
CA TYR B 34 -45.20 30.64 6.56
C TYR B 34 -44.79 31.50 5.40
N ARG B 35 -44.85 32.82 5.61
CA ARG B 35 -44.47 33.79 4.59
C ARG B 35 -43.01 34.13 4.83
N PRO B 36 -42.21 34.16 3.75
CA PRO B 36 -40.82 34.60 3.90
C PRO B 36 -40.71 36.07 4.32
N GLN B 37 -39.56 36.47 4.84
CA GLN B 37 -39.29 37.84 5.36
C GLN B 37 -40.14 38.29 6.58
N GLU B 38 -41.10 37.47 7.04
CA GLU B 38 -42.01 37.85 8.14
C GLU B 38 -42.38 36.69 9.10
N THR B 39 -41.49 35.70 9.20
CA THR B 39 -41.68 34.53 10.02
C THR B 39 -40.38 34.42 10.78
N SER B 40 -40.44 34.51 12.11
CA SER B 40 -39.22 34.49 12.95
C SER B 40 -38.97 33.11 13.57
N PHE B 41 -37.70 32.82 13.82
CA PHE B 41 -37.20 31.49 14.20
C PHE B 41 -36.29 31.46 15.46
N SER B 42 -36.74 30.75 16.49
CA SER B 42 -35.99 30.62 17.75
C SER B 42 -35.69 29.16 18.06
N LEU B 43 -34.46 28.90 18.48
CA LEU B 43 -34.02 27.57 18.89
C LEU B 43 -34.52 27.31 20.34
N THR B 44 -33.89 26.37 21.07
CA THR B 44 -33.87 26.43 22.57
C THR B 44 -32.54 25.84 23.10
N LEU B 53 -30.79 32.51 16.47
CA LEU B 53 -30.70 31.49 15.43
C LEU B 53 -30.70 32.04 14.02
N GLN B 54 -29.60 31.80 13.32
CA GLN B 54 -29.48 32.22 11.93
C GLN B 54 -30.46 31.44 11.08
N SER B 55 -31.26 32.14 10.29
CA SER B 55 -32.20 31.47 9.36
C SER B 55 -32.26 32.15 7.97
N TRP B 56 -32.53 31.36 6.94
CA TRP B 56 -32.73 31.89 5.58
C TRP B 56 -33.44 30.91 4.64
N ALA B 57 -34.10 31.43 3.62
CA ALA B 57 -34.94 30.58 2.78
C ALA B 57 -34.13 29.87 1.70
N THR B 58 -34.56 28.65 1.39
CA THR B 58 -33.83 27.77 0.44
C THR B 58 -34.73 27.27 -0.73
N GLY B 59 -35.98 26.99 -0.44
CA GLY B 59 -36.99 26.77 -1.44
C GLY B 59 -38.30 27.35 -0.95
N TYR B 60 -39.21 27.59 -1.88
CA TYR B 60 -40.50 28.20 -1.59
C TYR B 60 -41.51 27.40 -2.34
N TRP B 61 -42.75 27.44 -1.85
CA TRP B 61 -43.84 26.80 -2.55
C TRP B 61 -44.25 27.65 -3.74
N ALA B 62 -45.24 27.21 -4.51
CA ALA B 62 -45.72 27.97 -5.65
C ALA B 62 -46.32 29.33 -5.21
N ASP B 63 -47.16 29.33 -4.18
CA ASP B 63 -47.72 30.59 -3.64
C ASP B 63 -46.72 31.33 -2.76
N GLY B 64 -45.42 31.11 -2.98
CA GLY B 64 -44.39 31.89 -2.32
C GLY B 64 -44.09 31.58 -0.86
N SER B 65 -44.90 30.71 -0.24
CA SER B 65 -44.70 30.38 1.18
C SER B 65 -43.42 29.57 1.32
N LEU B 66 -42.93 29.40 2.54
CA LEU B 66 -41.66 28.71 2.77
C LEU B 66 -41.81 27.19 2.64
N LYS B 67 -40.85 26.60 1.94
CA LYS B 67 -40.85 25.18 1.60
C LYS B 67 -39.67 24.45 2.27
N TRP B 68 -38.47 25.00 2.10
CA TRP B 68 -37.25 24.51 2.76
C TRP B 68 -36.42 25.70 3.25
N THR B 69 -36.14 25.74 4.54
CA THR B 69 -35.23 26.73 5.09
C THR B 69 -33.87 26.10 5.29
N ALA B 70 -32.94 26.94 5.75
CA ALA B 70 -31.63 26.54 6.20
C ALA B 70 -31.30 27.39 7.42
N HIS B 71 -30.45 26.83 8.26
CA HIS B 71 -30.11 27.43 9.56
C HIS B 71 -28.66 27.11 9.89
N ALA B 72 -28.01 28.04 10.56
CA ALA B 72 -26.65 27.85 11.04
C ALA B 72 -26.61 28.16 12.55
N ILE B 73 -25.88 27.32 13.29
CA ILE B 73 -25.60 27.56 14.71
C ILE B 73 -24.11 27.73 14.82
N ALA B 74 -23.68 28.51 15.79
CA ALA B 74 -22.24 28.77 16.00
C ALA B 74 -21.57 27.57 16.68
N GLU B 75 -20.23 27.50 16.61
CA GLU B 75 -19.45 26.48 17.36
C GLU B 75 -19.66 26.70 18.85
N SER B 76 -19.80 25.59 19.55
CA SER B 76 -20.29 25.59 20.91
C SER B 76 -19.72 24.38 21.64
N ASN B 77 -19.30 24.61 22.88
CA ASN B 77 -18.84 23.56 23.78
C ASN B 77 -20.07 22.87 24.39
N GLN B 78 -21.13 23.65 24.61
CA GLN B 78 -22.45 23.11 24.93
C GLN B 78 -23.01 22.44 23.65
N ILE B 79 -23.30 21.14 23.69
CA ILE B 79 -23.80 20.36 22.53
C ILE B 79 -24.93 19.41 22.97
N TYR B 80 -26.13 19.60 22.41
CA TYR B 80 -27.35 19.00 22.94
C TYR B 80 -27.84 17.84 22.05
N ASP B 81 -28.74 17.04 22.62
CA ASP B 81 -29.22 15.80 22.02
C ASP B 81 -30.19 16.09 20.90
N GLN B 82 -31.15 16.96 21.18
CA GLN B 82 -32.01 17.52 20.13
C GLN B 82 -32.01 19.05 20.16
N TYR B 83 -32.38 19.64 19.03
CA TYR B 83 -32.54 21.08 18.87
C TYR B 83 -33.89 21.35 18.26
N THR B 84 -34.64 22.29 18.83
CA THR B 84 -36.01 22.54 18.39
C THR B 84 -36.21 23.98 17.91
N VAL B 85 -36.71 24.11 16.68
CA VAL B 85 -36.94 25.39 16.01
C VAL B 85 -38.44 25.71 15.94
N THR B 86 -38.81 26.86 16.46
CA THR B 86 -40.19 27.31 16.45
C THR B 86 -40.31 28.42 15.43
N ALA B 87 -41.34 28.31 14.61
CA ALA B 87 -41.61 29.29 13.59
C ALA B 87 -42.77 30.15 14.07
N SER B 88 -42.66 31.44 13.77
CA SER B 88 -43.59 32.45 14.24
C SER B 88 -44.03 33.45 13.17
N SER B 89 -45.32 33.40 12.80
CA SER B 89 -45.96 34.36 11.88
C SER B 89 -45.99 35.78 12.49
N LEU B 90 -46.27 36.76 11.65
CA LEU B 90 -46.18 38.19 12.04
C LEU B 90 -47.03 38.48 13.30
N GLY B 91 -48.21 37.86 13.35
CA GLY B 91 -49.13 37.96 14.49
C GLY B 91 -48.60 37.98 15.90
N CYS B 92 -47.46 37.35 16.15
CA CYS B 92 -46.96 37.16 17.51
C CYS B 92 -45.93 38.21 17.94
N SER B 108 -20.79 36.32 17.35
CA SER B 108 -21.20 37.08 16.17
C SER B 108 -20.00 37.53 15.28
N ILE B 109 -19.90 37.00 14.05
CA ILE B 109 -18.70 37.18 13.19
C ILE B 109 -18.61 38.59 12.63
N VAL B 110 -17.37 39.05 12.43
CA VAL B 110 -17.04 40.41 12.01
C VAL B 110 -16.18 40.34 10.75
N VAL B 111 -16.63 41.01 9.68
CA VAL B 111 -15.84 41.16 8.42
C VAL B 111 -15.31 42.61 8.24
N THR B 112 -14.06 42.71 7.79
CA THR B 112 -13.48 44.00 7.44
C THR B 112 -12.95 43.95 6.00
N ASP B 113 -12.87 45.14 5.40
CA ASP B 113 -12.70 45.32 3.97
C ASP B 113 -11.73 46.48 3.67
N ASN B 114 -10.44 46.18 3.63
CA ASN B 114 -9.44 47.14 3.14
C ASN B 114 -9.39 47.05 1.59
N SER B 115 -8.87 48.08 0.93
CA SER B 115 -8.90 48.15 -0.52
C SER B 115 -7.82 47.25 -1.14
N ASP B 116 -7.97 45.94 -0.94
CA ASP B 116 -6.90 44.94 -1.19
C ASP B 116 -7.37 43.53 -0.87
N ALA B 117 -7.80 43.34 0.37
CA ALA B 117 -8.25 42.06 0.84
C ALA B 117 -9.38 42.19 1.83
N LEU B 118 -10.19 41.16 1.91
CA LEU B 118 -11.28 41.06 2.89
C LEU B 118 -10.80 40.18 4.02
N THR B 119 -11.21 40.46 5.27
CA THR B 119 -10.90 39.54 6.39
C THR B 119 -12.13 39.17 7.27
N VAL B 120 -12.37 37.87 7.44
CA VAL B 120 -13.43 37.36 8.32
C VAL B 120 -12.85 37.04 9.68
N ASN B 121 -13.59 37.35 10.75
CA ASN B 121 -13.09 37.18 12.11
C ASN B 121 -14.17 36.59 13.01
N THR B 122 -13.90 35.37 13.48
CA THR B 122 -14.92 34.53 14.10
C THR B 122 -14.99 34.58 15.64
N GLY B 123 -14.06 35.33 16.27
CA GLY B 123 -13.90 35.28 17.72
C GLY B 123 -12.61 34.55 18.08
N GLU B 124 -12.40 33.37 17.50
CA GLU B 124 -11.16 32.62 17.64
C GLU B 124 -10.15 32.90 16.52
N VAL B 125 -10.54 32.69 15.26
CA VAL B 125 -9.64 32.92 14.13
C VAL B 125 -9.95 34.21 13.33
N ALA B 126 -8.92 34.76 12.68
CA ALA B 126 -9.05 35.90 11.76
C ALA B 126 -8.31 35.65 10.43
N VAL B 127 -9.09 35.37 9.36
CA VAL B 127 -8.56 34.97 8.07
C VAL B 127 -8.70 36.12 7.08
N SER B 128 -7.63 36.42 6.35
CA SER B 128 -7.63 37.45 5.32
C SER B 128 -7.52 36.81 3.91
N PHE B 129 -8.54 37.05 3.06
CA PHE B 129 -8.54 36.61 1.66
C PHE B 129 -8.26 37.78 0.68
N PRO B 130 -7.11 37.77 -0.03
CA PRO B 130 -6.87 38.72 -1.12
C PRO B 130 -7.96 38.68 -2.19
N LYS B 131 -8.31 39.87 -2.68
CA LYS B 131 -9.28 40.03 -3.77
C LYS B 131 -8.67 39.71 -5.14
N GLY B 132 -7.34 39.67 -5.22
CA GLY B 132 -6.62 39.24 -6.43
C GLY B 132 -5.32 38.54 -6.08
N GLY B 133 -4.53 38.24 -7.09
CA GLY B 133 -3.22 37.61 -6.91
C GLY B 133 -3.21 36.09 -7.03
N ASN B 134 -2.00 35.53 -6.93
CA ASN B 134 -1.77 34.08 -6.86
C ASN B 134 -1.67 33.55 -5.41
N VAL B 135 -2.22 34.31 -4.44
CA VAL B 135 -2.39 33.90 -3.04
C VAL B 135 -3.82 34.18 -2.57
N ILE B 136 -4.46 33.14 -2.05
CA ILE B 136 -5.92 33.04 -1.82
C ILE B 136 -6.32 33.27 -0.36
N ILE B 137 -5.47 32.86 0.60
CA ILE B 137 -5.53 33.31 2.02
C ILE B 137 -4.19 33.97 2.38
N GLY B 138 -4.26 35.21 2.86
CA GLY B 138 -3.07 36.06 3.06
C GLY B 138 -2.32 35.67 4.30
N ASP B 139 -3.06 35.71 5.41
CA ASP B 139 -2.66 35.08 6.67
C ASP B 139 -3.85 34.72 7.56
N ILE B 140 -3.57 33.83 8.53
CA ILE B 140 -4.56 33.37 9.50
C ILE B 140 -4.03 33.81 10.83
N LYS B 141 -4.92 34.31 11.69
CA LYS B 141 -4.52 34.92 12.98
C LYS B 141 -5.43 34.49 14.13
N THR B 142 -4.78 34.21 15.26
CA THR B 142 -5.44 33.78 16.49
C THR B 142 -5.79 35.03 17.26
N LYS B 143 -6.95 35.04 17.93
CA LYS B 143 -7.46 36.24 18.65
C LYS B 143 -6.39 37.13 19.29
N SER B 144 -5.35 36.51 19.82
CA SER B 144 -4.15 37.23 20.29
C SER B 144 -3.40 38.08 19.24
N GLY B 145 -3.83 38.11 17.99
CA GLY B 145 -3.16 38.88 16.93
C GLY B 145 -1.98 38.15 16.28
N LYS B 146 -1.81 36.86 16.56
CA LYS B 146 -0.58 36.13 16.18
C LYS B 146 -0.78 35.39 14.87
N VAL B 147 0.17 35.54 13.95
CA VAL B 147 0.12 34.89 12.66
C VAL B 147 0.52 33.39 12.80
N ILE B 148 -0.46 32.48 12.69
CA ILE B 148 -0.19 31.01 12.71
C ILE B 148 0.00 30.35 11.33
N GLY B 149 -0.55 30.97 10.29
CA GLY B 149 -0.39 30.50 8.92
C GLY B 149 -0.48 31.67 7.96
N ALA B 150 0.10 31.50 6.77
CA ALA B 150 0.19 32.57 5.78
C ALA B 150 0.34 32.01 4.37
N ASN B 151 0.00 32.86 3.38
CA ASN B 151 0.18 32.56 1.93
C ASN B 151 -0.54 31.30 1.46
N GLY B 152 -1.79 31.17 1.87
CA GLY B 152 -2.64 30.05 1.44
C GLY B 152 -2.71 30.15 -0.07
N ARG B 153 -2.19 29.14 -0.78
CA ARG B 153 -2.17 29.14 -2.24
C ARG B 153 -2.52 27.77 -2.83
N LEU B 154 -3.25 27.80 -3.95
CA LEU B 154 -3.56 26.59 -4.74
C LEU B 154 -2.35 26.25 -5.57
N VAL B 155 -1.86 25.01 -5.48
CA VAL B 155 -0.67 24.59 -6.22
C VAL B 155 -1.13 23.64 -7.32
N LEU B 156 -0.33 23.58 -8.39
CA LEU B 156 -0.54 22.62 -9.46
C LEU B 156 0.74 22.39 -10.21
N GLN B 157 0.96 21.12 -10.58
CA GLN B 157 2.03 20.75 -11.50
C GLN B 157 1.46 19.82 -12.57
N SER B 158 1.93 20.02 -13.81
CA SER B 158 1.51 19.22 -14.95
C SER B 158 2.74 18.71 -15.67
N GLN B 159 2.56 17.69 -16.50
CA GLN B 159 3.56 17.30 -17.48
C GLN B 159 2.91 17.13 -18.84
N ASP B 160 3.74 17.29 -19.89
CA ASP B 160 3.26 17.36 -21.27
C ASP B 160 3.06 15.99 -21.92
N SER B 161 3.90 15.02 -21.55
CA SER B 161 3.79 13.64 -22.04
C SER B 161 4.05 12.64 -20.94
N VAL B 162 3.59 11.41 -21.15
CA VAL B 162 3.89 10.30 -20.25
C VAL B 162 4.51 9.18 -21.06
N PRO B 163 5.61 8.60 -20.56
CA PRO B 163 6.19 7.44 -21.23
C PRO B 163 5.19 6.31 -21.46
N ASP B 164 5.41 5.54 -22.51
CA ASP B 164 4.61 4.36 -22.77
C ASP B 164 4.87 3.30 -21.71
N ASN B 165 6.15 3.10 -21.38
CA ASN B 165 6.56 2.16 -20.33
C ASN B 165 7.90 2.60 -19.69
N PHE B 166 8.35 1.88 -18.66
CA PHE B 166 9.41 2.38 -17.78
C PHE B 166 10.79 2.49 -18.45
N ASP B 167 10.98 1.78 -19.56
CA ASP B 167 12.27 1.78 -20.29
C ASP B 167 12.38 2.96 -21.24
N ASN B 168 11.30 3.74 -21.34
CA ASN B 168 11.10 4.72 -22.39
C ASN B 168 11.55 6.13 -21.97
N ARG B 169 12.14 6.26 -20.79
CA ARG B 169 12.28 7.56 -20.15
C ARG B 169 13.56 8.25 -20.60
N ALA B 170 14.59 7.47 -20.98
CA ALA B 170 15.82 8.03 -21.57
C ALA B 170 15.65 8.45 -23.04
N ASN B 171 14.63 7.90 -23.73
CA ASN B 171 14.24 8.32 -25.09
C ASN B 171 12.80 8.89 -25.14
N SER B 172 12.53 9.85 -24.27
CA SER B 172 11.30 10.65 -24.38
C SER B 172 11.20 11.72 -23.29
N PRO B 173 12.21 12.63 -23.19
CA PRO B 173 12.32 13.61 -22.07
C PRO B 173 10.98 14.30 -21.77
N ILE B 174 10.66 14.48 -20.48
CA ILE B 174 9.32 15.00 -20.07
C ILE B 174 9.42 16.38 -19.44
N GLN B 175 8.65 17.34 -19.97
CA GLN B 175 8.69 18.75 -19.57
C GLN B 175 7.54 19.01 -18.58
N TYR B 176 7.91 19.47 -17.38
CA TYR B 176 6.97 19.74 -16.31
C TYR B 176 6.69 21.24 -16.28
N SER B 177 5.50 21.61 -15.85
CA SER B 177 5.15 23.03 -15.68
C SER B 177 4.44 23.23 -14.36
N ASN B 178 4.79 24.31 -13.67
CA ASN B 178 4.21 24.64 -12.37
C ASN B 178 3.28 25.82 -12.51
N PHE B 179 2.13 25.73 -11.85
CA PHE B 179 1.10 26.75 -11.88
C PHE B 179 0.69 27.06 -10.45
N ASP B 180 0.03 28.21 -10.26
CA ASP B 180 -0.69 28.45 -9.01
C ASP B 180 -1.91 29.38 -9.17
N GLY B 181 -3.06 28.83 -8.82
CA GLY B 181 -4.35 29.49 -8.83
C GLY B 181 -4.44 30.99 -8.65
N ASN B 182 -4.56 31.68 -9.77
CA ASN B 182 -4.82 33.11 -9.81
C ASN B 182 -6.29 33.34 -9.48
N ILE B 183 -6.56 34.47 -8.82
CA ILE B 183 -7.90 34.81 -8.35
C ILE B 183 -8.55 35.74 -9.34
N ASN B 184 -9.85 35.56 -9.54
CA ASN B 184 -10.62 36.44 -10.44
C ASN B 184 -11.77 37.13 -9.76
N GLU B 185 -12.69 36.37 -9.18
CA GLU B 185 -13.79 36.94 -8.39
C GLU B 185 -13.74 36.42 -6.94
N VAL B 186 -14.29 37.21 -6.02
CA VAL B 186 -14.35 36.86 -4.61
C VAL B 186 -15.68 37.36 -4.02
N PHE B 187 -16.56 36.42 -3.64
CA PHE B 187 -17.87 36.74 -3.12
C PHE B 187 -17.90 36.46 -1.63
N VAL B 188 -18.80 37.13 -0.91
CA VAL B 188 -18.94 37.00 0.55
C VAL B 188 -20.39 36.96 0.92
N ASN B 189 -20.93 35.78 1.21
CA ASN B 189 -22.16 35.71 2.00
C ASN B 189 -21.70 35.74 3.45
N GLN B 190 -21.96 36.87 4.11
CA GLN B 190 -21.73 37.03 5.52
C GLN B 190 -23.06 36.94 6.24
N THR B 191 -23.04 36.25 7.37
CA THR B 191 -24.05 36.45 8.37
C THR B 191 -23.47 36.32 9.80
N SER B 192 -24.34 36.18 10.80
CA SER B 192 -23.93 36.35 12.20
C SER B 192 -23.23 35.10 12.77
N ALA B 193 -23.84 33.94 12.54
CA ALA B 193 -23.28 32.61 12.86
C ALA B 193 -22.31 32.04 11.79
N ARG B 194 -22.51 32.38 10.52
CA ARG B 194 -21.80 31.76 9.40
C ARG B 194 -21.41 32.78 8.33
N THR B 195 -20.28 32.56 7.67
CA THR B 195 -19.75 33.49 6.64
C THR B 195 -19.04 32.71 5.53
N LEU B 196 -19.76 32.50 4.43
CA LEU B 196 -19.21 31.88 3.22
C LEU B 196 -18.27 32.87 2.55
N VAL B 197 -17.22 32.38 1.92
CA VAL B 197 -16.30 33.22 1.15
C VAL B 197 -15.91 32.39 -0.07
N THR B 198 -16.32 32.87 -1.25
CA THR B 198 -16.29 32.07 -2.47
C THR B 198 -15.35 32.71 -3.42
N VAL B 199 -14.37 31.95 -3.90
CA VAL B 199 -13.23 32.50 -4.61
C VAL B 199 -13.05 31.71 -5.89
N ARG B 200 -13.30 32.38 -7.02
CA ARG B 200 -13.17 31.75 -8.33
C ARG B 200 -11.88 32.18 -8.99
N GLY B 201 -11.32 31.27 -9.78
CA GLY B 201 -10.12 31.56 -10.55
C GLY B 201 -9.70 30.45 -11.50
N ASN B 202 -8.42 30.41 -11.84
CA ASN B 202 -7.83 29.31 -12.60
C ASN B 202 -6.31 29.33 -12.39
N HIS B 203 -5.60 28.33 -12.92
CA HIS B 203 -4.17 28.09 -12.58
C HIS B 203 -3.19 28.75 -13.58
N THR B 204 -2.62 29.87 -13.16
CA THR B 204 -1.74 30.71 -13.98
C THR B 204 -0.30 30.30 -13.78
N VAL B 205 0.35 29.88 -14.86
CA VAL B 205 1.76 29.41 -14.85
C VAL B 205 2.76 30.32 -14.06
N THR B 206 3.85 29.74 -13.54
CA THR B 206 4.96 30.50 -12.90
C THR B 206 6.32 30.10 -13.49
N ASP B 207 6.73 28.85 -13.27
CA ASP B 207 7.90 28.24 -13.95
C ASP B 207 7.43 27.04 -14.81
N GLY B 208 7.83 27.03 -16.08
CA GLY B 208 7.54 25.92 -16.99
C GLY B 208 7.05 26.34 -18.36
N THR B 209 6.67 25.35 -19.17
CA THR B 209 6.21 25.53 -20.57
C THR B 209 5.10 26.60 -20.72
N ASP B 210 5.50 27.84 -21.00
CA ASP B 210 4.62 29.00 -21.24
C ASP B 210 3.20 28.61 -21.66
N HIS B 211 2.37 28.37 -20.66
CA HIS B 211 1.08 27.70 -20.81
C HIS B 211 -0.02 28.74 -20.66
N ASP B 212 -1.11 28.59 -21.40
CA ASP B 212 -2.30 29.42 -21.16
C ASP B 212 -2.92 29.04 -19.82
N PRO B 213 -3.57 29.98 -19.11
CA PRO B 213 -4.39 29.58 -17.95
C PRO B 213 -5.37 28.43 -18.25
N TRP B 214 -5.46 27.48 -17.32
CA TRP B 214 -6.43 26.38 -17.37
C TRP B 214 -6.86 25.94 -15.97
N LEU B 215 -7.68 24.89 -15.92
CA LEU B 215 -8.08 24.27 -14.66
C LEU B 215 -8.78 25.26 -13.72
N PRO B 216 -9.93 25.79 -14.16
CA PRO B 216 -10.66 26.74 -13.34
C PRO B 216 -11.16 26.12 -12.04
N PHE B 217 -11.29 26.97 -11.03
CA PHE B 217 -11.64 26.51 -9.70
C PHE B 217 -12.69 27.36 -8.95
N VAL B 218 -13.41 26.69 -8.06
CA VAL B 218 -14.21 27.38 -7.07
C VAL B 218 -13.77 26.77 -5.74
N VAL B 219 -13.31 27.62 -4.82
CA VAL B 219 -13.05 27.22 -3.45
C VAL B 219 -14.04 27.93 -2.54
N ARG B 220 -14.86 27.20 -1.80
CA ARG B 220 -15.73 27.84 -0.80
C ARG B 220 -15.19 27.68 0.64
N PHE B 221 -14.87 28.79 1.30
CA PHE B 221 -14.49 28.80 2.73
C PHE B 221 -15.69 29.11 3.65
N TYR B 222 -16.11 28.16 4.47
CA TYR B 222 -17.14 28.36 5.49
C TYR B 222 -16.45 28.63 6.83
N LEU B 223 -16.82 29.73 7.47
CA LEU B 223 -16.26 30.19 8.73
C LEU B 223 -17.41 30.47 9.66
N TYR B 224 -17.47 29.74 10.78
CA TYR B 224 -18.59 29.88 11.71
C TYR B 224 -18.17 30.67 12.95
N ALA B 225 -19.15 31.30 13.59
CA ALA B 225 -18.90 32.14 14.75
C ALA B 225 -18.39 31.24 15.82
N ASN B 226 -17.26 31.61 16.39
CA ASN B 226 -16.68 30.92 17.52
C ASN B 226 -15.56 29.95 17.06
N SER B 227 -15.74 29.18 15.98
CA SER B 227 -14.74 28.18 15.53
C SER B 227 -13.41 28.76 15.09
N ALA B 228 -12.36 27.95 15.22
CA ALA B 228 -11.07 28.16 14.53
C ALA B 228 -10.79 27.01 13.56
N THR B 229 -11.84 26.24 13.28
CA THR B 229 -11.85 25.35 12.12
C THR B 229 -12.62 26.05 10.97
N ILE B 230 -12.17 25.71 9.76
CA ILE B 230 -12.68 26.25 8.52
C ILE B 230 -13.05 25.07 7.60
N LYS B 231 -14.30 25.03 7.10
CA LYS B 231 -14.71 24.10 6.03
C LYS B 231 -14.25 24.69 4.67
N VAL B 232 -13.64 23.88 3.81
CA VAL B 232 -13.05 24.34 2.53
C VAL B 232 -13.53 23.39 1.42
N HIS B 234 -13.30 22.64 -2.12
CA HIS B 234 -12.44 22.91 -3.29
C HIS B 234 -12.91 22.14 -4.51
N SER B 235 -13.50 22.88 -5.45
CA SER B 235 -14.03 22.33 -6.68
C SER B 235 -13.16 22.72 -7.91
N ILE B 236 -13.08 21.83 -8.88
CA ILE B 236 -12.15 22.01 -9.96
C ILE B 236 -12.69 21.30 -11.22
N VAL B 237 -12.69 22.00 -12.36
CA VAL B 237 -13.17 21.45 -13.64
C VAL B 237 -11.96 21.15 -14.50
N PHE B 238 -11.85 19.92 -15.05
CA PHE B 238 -10.73 19.60 -15.95
C PHE B 238 -11.05 20.17 -17.34
N ASP B 239 -10.20 21.09 -17.81
CA ASP B 239 -10.34 21.68 -19.13
C ASP B 239 -8.96 21.70 -19.80
N GLY B 240 -8.51 20.52 -20.19
CA GLY B 240 -7.17 20.32 -20.75
C GLY B 240 -7.09 19.32 -21.89
N ASP B 241 -5.91 19.27 -22.50
CA ASP B 241 -5.64 18.50 -23.72
C ASP B 241 -5.51 16.99 -23.47
N GLU B 242 -5.15 16.29 -24.54
CA GLU B 242 -4.50 14.98 -24.48
C GLU B 242 -3.04 15.07 -23.93
N ASN B 243 -2.44 16.27 -23.94
CA ASN B 243 -1.11 16.56 -23.35
C ASN B 243 -1.10 17.15 -21.93
N ASP B 244 -2.25 17.55 -21.40
CA ASP B 244 -2.33 18.07 -20.03
C ASP B 244 -2.51 16.92 -19.05
N PHE B 245 -1.39 16.41 -18.53
CA PHE B 245 -1.36 15.38 -17.48
C PHE B 245 -1.03 16.01 -16.15
N ILE B 246 -2.00 16.07 -15.23
CA ILE B 246 -1.77 16.58 -13.87
C ILE B 246 -0.93 15.59 -13.03
N THR B 247 0.29 16.02 -12.66
CA THR B 247 1.14 15.28 -11.72
C THR B 247 0.80 15.54 -10.26
N GLY B 248 0.53 16.80 -9.93
CA GLY B 248 0.21 17.13 -8.56
C GLY B 248 -0.74 18.29 -8.40
N LEU B 249 -1.72 18.09 -7.53
CA LEU B 249 -2.69 19.12 -7.17
C LEU B 249 -2.59 19.33 -5.65
N GLY B 250 -2.24 20.54 -5.19
CA GLY B 250 -2.17 20.87 -3.75
C GLY B 250 -2.85 22.15 -3.23
N ILE B 251 -3.13 22.18 -1.92
CA ILE B 251 -3.39 23.40 -1.14
C ILE B 251 -2.19 23.59 -0.20
N ARG B 252 -1.51 24.74 -0.31
CA ARG B 252 -0.23 25.00 0.42
C ARG B 252 -0.29 26.26 1.32
N PHE B 253 0.32 26.14 2.51
CA PHE B 253 0.39 27.19 3.52
C PHE B 253 1.80 27.32 4.09
N ASP B 254 2.12 28.54 4.52
CA ASP B 254 3.39 28.85 5.18
C ASP B 254 3.10 28.95 6.66
N VAL B 255 3.82 28.18 7.47
CA VAL B 255 3.77 28.34 8.93
C VAL B 255 5.00 29.16 9.29
N PRO B 256 4.79 30.30 10.00
CA PRO B 256 5.80 31.24 10.47
C PRO B 256 6.95 30.69 11.28
N LEU B 257 6.68 30.08 12.43
CA LEU B 257 7.73 29.52 13.34
C LEU B 257 9.20 30.11 13.42
N LYS B 258 9.34 31.44 13.48
CA LYS B 258 10.67 32.09 13.42
C LYS B 258 11.53 31.93 14.69
N GLY B 259 11.13 32.57 15.79
CA GLY B 259 11.88 32.53 17.05
C GLY B 259 11.38 31.46 18.00
N GLU B 260 11.01 30.30 17.42
CA GLU B 260 10.64 29.10 18.14
C GLU B 260 11.87 28.22 18.08
N GLU B 261 12.36 27.79 19.25
CA GLU B 261 13.57 27.00 19.28
C GLU B 261 13.26 25.63 18.58
N TYR B 262 14.24 25.05 17.89
CA TYR B 262 14.02 23.82 17.14
C TYR B 262 13.25 22.76 17.94
N TYR B 263 13.77 22.38 19.11
CA TYR B 263 13.09 21.42 20.04
C TYR B 263 11.67 21.81 20.55
N ASP B 264 11.23 23.04 20.30
CA ASP B 264 9.86 23.47 20.57
C ASP B 264 8.94 23.51 19.34
N ARG B 265 9.45 23.09 18.18
CA ARG B 265 8.67 23.02 16.91
C ARG B 265 8.13 21.62 16.69
N HIS B 266 6.81 21.52 16.54
CA HIS B 266 6.18 20.20 16.45
C HIS B 266 5.66 19.84 15.05
N ILE B 267 5.56 18.54 14.82
CA ILE B 267 5.05 17.96 13.58
C ILE B 267 4.07 16.86 13.97
N ARG B 268 2.93 16.79 13.33
CA ARG B 268 2.07 15.64 13.49
C ARG B 268 1.54 15.12 12.17
N PHE B 269 1.18 13.85 12.18
CA PHE B 269 0.43 13.24 11.11
C PHE B 269 -0.61 12.36 11.76
N ALA B 270 -1.87 12.46 11.34
CA ALA B 270 -2.82 11.43 11.71
C ALA B 270 -2.42 10.17 10.93
N GLY B 271 -2.46 9.04 11.61
CA GLY B 271 -2.27 7.73 11.01
C GLY B 271 -3.59 6.97 11.06
N VAL B 272 -3.55 5.75 11.58
CA VAL B 272 -4.67 4.82 11.45
C VAL B 272 -5.53 4.77 12.70
N ASP B 273 -6.83 4.81 12.46
CA ASP B 273 -7.86 4.51 13.45
C ASP B 273 -7.73 5.29 14.78
N GLY B 274 -7.70 6.62 14.66
CA GLY B 274 -7.60 7.53 15.80
C GLY B 274 -6.19 7.76 16.31
N GLY B 275 -5.21 7.31 15.55
CA GLY B 275 -3.80 7.46 15.91
C GLY B 275 -3.22 8.76 15.41
N ILE B 276 -2.20 9.26 16.11
CA ILE B 276 -1.48 10.45 15.72
C ILE B 276 0.02 10.21 15.94
N PHE B 277 0.79 10.55 14.92
CA PHE B 277 2.26 10.47 14.91
C PHE B 277 2.73 11.77 15.58
N ASN B 278 3.84 11.75 16.35
CA ASN B 278 4.23 12.87 17.26
C ASN B 278 5.73 13.07 17.43
N GLU B 279 6.36 13.84 16.54
CA GLU B 279 7.77 14.19 16.71
C GLU B 279 7.98 15.70 16.84
N ALA B 280 9.23 16.12 16.78
CA ALA B 280 9.58 17.52 16.66
C ALA B 280 10.84 17.60 15.86
N VAL B 281 11.06 18.74 15.21
CA VAL B 281 12.35 19.03 14.57
C VAL B 281 13.24 19.04 15.78
N GLN B 282 14.37 18.35 15.74
CA GLN B 282 15.22 18.23 16.96
C GLN B 282 14.58 17.37 18.08
N GLY B 283 14.81 16.05 17.98
CA GLY B 283 14.44 15.07 19.00
C GLY B 283 15.26 15.17 20.29
N ILE B 284 14.55 15.24 21.41
CA ILE B 284 15.15 15.26 22.76
C ILE B 284 14.90 13.92 23.48
N THR B 285 13.86 13.21 23.04
CA THR B 285 13.63 11.83 23.38
C THR B 285 14.52 10.93 22.50
N GLY B 286 14.79 9.72 23.00
CA GLY B 286 15.56 8.69 22.28
C GLY B 286 17.07 8.83 22.32
N LEU B 287 17.56 9.82 23.05
CA LEU B 287 18.98 10.17 23.06
C LEU B 287 19.79 9.28 24.00
N ARG B 288 21.10 9.26 23.79
CA ARG B 288 22.05 8.57 24.67
C ARG B 288 21.98 9.12 26.09
N ARG B 289 22.11 10.44 26.20
CA ARG B 289 21.92 11.12 27.46
C ARG B 289 20.47 11.55 27.65
N ASP B 290 20.02 11.52 28.89
CA ASP B 290 18.67 11.91 29.24
C ASP B 290 18.65 13.34 29.81
N PRO B 291 17.90 14.25 29.17
CA PRO B 291 17.82 15.61 29.72
C PRO B 291 17.00 15.66 31.01
N GLY B 292 15.97 14.81 31.10
CA GLY B 292 15.05 14.76 32.26
C GLY B 292 13.63 14.33 31.89
N GLU B 293 13.13 13.28 32.52
CA GLU B 293 11.81 12.71 32.19
C GLU B 293 10.73 13.75 31.96
N GLU B 294 10.73 14.85 32.73
CA GLU B 294 9.80 15.98 32.49
C GLU B 294 10.00 16.64 31.10
N ILE B 295 11.26 16.97 30.79
CA ILE B 295 11.63 17.57 29.49
C ILE B 295 11.11 16.71 28.34
N ARG B 296 11.66 15.52 28.17
CA ARG B 296 11.19 14.53 27.19
C ARG B 296 9.66 14.50 27.09
N ALA B 297 9.00 14.29 28.22
CA ALA B 297 7.55 14.08 28.22
C ALA B 297 6.78 15.35 27.88
N ALA B 298 7.46 16.50 27.94
CA ALA B 298 6.93 17.74 27.39
C ALA B 298 7.00 17.76 25.86
N GLN B 299 8.13 17.37 25.30
CA GLN B 299 8.25 17.35 23.83
C GLN B 299 7.17 16.45 23.26
N PHE B 300 7.02 15.26 23.82
CA PHE B 300 5.97 14.36 23.35
C PHE B 300 4.55 14.94 23.50
N ALA B 301 4.31 15.73 24.53
CA ALA B 301 3.00 16.39 24.71
C ALA B 301 2.80 17.66 23.89
N GLY B 302 3.87 18.17 23.26
CA GLY B 302 3.80 19.37 22.44
C GLY B 302 3.78 20.66 23.24
N GLN B 303 4.69 20.76 24.21
CA GLN B 303 4.73 21.89 25.13
C GLN B 303 6.07 22.54 25.04
N LYS B 304 6.14 23.78 25.52
CA LYS B 304 7.39 24.50 25.52
C LYS B 304 8.28 23.84 26.56
N LEU B 305 9.46 23.42 26.10
CA LEU B 305 10.42 22.78 26.97
C LEU B 305 11.01 23.85 27.87
N ALA B 306 11.29 23.44 29.11
CA ALA B 306 11.87 24.31 30.12
C ALA B 306 13.24 24.83 29.68
N ASP B 307 13.67 25.91 30.34
CA ASP B 307 14.95 26.56 30.07
C ASP B 307 16.11 25.56 29.88
N THR B 308 17.02 25.81 28.94
CA THR B 308 18.29 25.01 28.79
C THR B 308 19.08 24.86 30.10
N GLU B 309 19.00 25.87 30.95
CA GLU B 309 19.62 25.82 32.26
C GLU B 309 19.03 24.69 33.14
N THR B 310 17.73 24.41 33.06
CA THR B 310 17.15 23.30 33.87
C THR B 310 17.49 21.87 33.34
N TRP B 311 18.07 21.79 32.15
CA TRP B 311 18.46 20.52 31.56
C TRP B 311 19.71 19.90 32.23
N GLU B 312 19.90 18.62 31.92
CA GLU B 312 21.12 17.90 32.23
C GLU B 312 22.17 18.38 31.20
N PRO B 313 23.30 18.97 31.66
CA PRO B 313 24.24 19.60 30.71
C PRO B 313 24.96 18.72 29.69
N ARG B 314 24.80 17.39 29.79
CA ARG B 314 25.35 16.51 28.76
C ARG B 314 24.43 16.41 27.55
N VAL B 315 23.13 16.69 27.76
CA VAL B 315 22.19 16.87 26.65
C VAL B 315 22.13 18.31 26.16
N SER B 316 22.29 19.29 27.05
CA SER B 316 22.03 20.72 26.71
C SER B 316 23.14 21.41 25.94
N THR B 317 24.40 21.08 26.24
CA THR B 317 25.49 21.27 25.27
C THR B 317 25.15 20.26 24.21
N ARG B 318 26.01 20.04 23.23
CA ARG B 318 25.76 18.94 22.28
C ARG B 318 24.47 18.99 21.42
N LEU B 319 23.44 19.78 21.79
CA LEU B 319 22.31 20.12 20.90
C LEU B 319 22.71 20.42 19.42
N LYS B 320 23.86 21.05 19.22
CA LYS B 320 24.44 21.22 17.89
C LYS B 320 24.77 19.93 17.09
N TRP B 321 24.88 18.78 17.77
CA TRP B 321 25.14 17.50 17.08
C TRP B 321 23.89 16.62 16.89
N ILE B 322 22.76 17.02 17.48
CA ILE B 322 21.52 16.29 17.28
C ILE B 322 20.88 16.84 16.01
N PRO B 323 20.65 15.99 15.01
CA PRO B 323 20.12 16.56 13.76
C PRO B 323 18.70 17.21 13.82
N THR B 324 18.43 18.09 12.85
CA THR B 324 17.17 18.80 12.65
C THR B 324 16.44 18.23 11.44
N TRP B 325 15.16 17.90 11.62
CA TRP B 325 14.40 17.21 10.59
C TRP B 325 13.48 18.20 9.93
N ALA B 326 13.93 18.69 8.77
CA ALA B 326 13.27 19.77 8.03
C ALA B 326 12.02 19.31 7.35
N ASP B 327 12.17 18.23 6.58
CA ASP B 327 11.17 17.79 5.62
C ASP B 327 10.54 16.44 6.05
N TYR B 328 9.23 16.36 5.85
CA TYR B 328 8.45 15.18 6.18
C TYR B 328 7.46 14.96 5.02
N GLY B 329 7.36 13.72 4.55
CA GLY B 329 6.42 13.35 3.48
C GLY B 329 5.62 12.08 3.70
N LEU B 330 4.30 12.21 3.88
CA LEU B 330 3.37 11.08 3.95
C LEU B 330 2.61 10.92 2.62
N THR B 331 2.98 9.91 1.82
CA THR B 331 2.23 9.54 0.61
C THR B 331 1.24 8.39 0.88
N GLN B 332 0.05 8.49 0.30
CA GLN B 332 -0.95 7.42 0.27
C GLN B 332 -1.32 7.17 -1.20
N LEU B 333 -0.52 6.32 -1.87
CA LEU B 333 -0.69 6.03 -3.31
C LEU B 333 -1.50 4.77 -3.64
N THR B 334 -1.96 4.03 -2.62
CA THR B 334 -2.93 2.94 -2.76
C THR B 334 -4.06 3.17 -1.76
N ALA B 335 -5.11 2.35 -1.81
CA ALA B 335 -6.20 2.43 -0.84
C ALA B 335 -5.90 1.67 0.47
N ASP B 336 -4.81 0.90 0.50
CA ASP B 336 -4.49 0.06 1.66
C ASP B 336 -3.15 0.34 2.31
N GLY B 337 -2.29 1.15 1.69
CA GLY B 337 -0.94 1.35 2.20
C GLY B 337 -0.34 2.72 1.95
N PHE B 338 0.00 3.42 3.05
CA PHE B 338 0.77 4.69 2.99
C PHE B 338 2.19 4.56 3.50
N GLY B 339 3.10 5.36 2.92
CA GLY B 339 4.48 5.54 3.40
C GLY B 339 4.65 6.80 4.26
N LEU B 340 5.82 6.88 4.91
CA LEU B 340 6.17 8.05 5.75
C LEU B 340 7.70 8.22 5.75
N LYS B 341 8.20 9.45 5.74
CA LYS B 341 9.63 9.68 5.55
C LYS B 341 10.08 11.07 5.98
N LYS B 342 11.38 11.16 6.27
CA LYS B 342 11.96 12.34 6.88
C LYS B 342 13.32 12.59 6.30
N ARG B 343 13.73 13.84 6.35
CA ARG B 343 14.98 14.26 5.75
C ARG B 343 15.53 15.41 6.56
N THR B 344 16.82 15.35 6.84
CA THR B 344 17.47 16.41 7.59
C THR B 344 17.31 17.71 6.83
N LYS B 345 17.80 17.72 5.59
CA LYS B 345 17.53 18.78 4.62
C LYS B 345 17.77 18.29 3.21
N ALA B 346 17.30 19.05 2.22
CA ALA B 346 17.47 18.64 0.81
C ALA B 346 18.95 18.52 0.42
N GLY B 347 19.24 17.50 -0.40
CA GLY B 347 20.61 17.11 -0.72
C GLY B 347 21.03 15.80 -0.06
N GLN B 348 20.41 15.49 1.08
CA GLN B 348 20.67 14.24 1.80
C GLN B 348 19.54 13.24 1.50
N SER B 349 19.77 11.97 1.84
CA SER B 349 18.74 10.94 1.68
C SER B 349 17.63 11.12 2.69
N TRP B 350 16.51 10.45 2.41
CA TRP B 350 15.38 10.35 3.33
C TRP B 350 15.61 9.13 4.22
N VAL B 351 15.02 9.15 5.41
CA VAL B 351 15.00 7.97 6.29
C VAL B 351 13.54 7.49 6.40
N ASN B 352 13.33 6.18 6.22
CA ASN B 352 11.97 5.62 6.20
C ASN B 352 11.41 5.67 7.61
N ILE B 353 10.12 5.93 7.71
CA ILE B 353 9.45 6.02 9.00
C ILE B 353 8.44 4.89 9.12
N PRO B 354 8.42 4.21 10.27
CA PRO B 354 7.40 3.21 10.52
C PRO B 354 6.04 3.73 10.13
N SER B 355 5.39 3.04 9.20
CA SER B 355 4.19 3.52 8.56
C SER B 355 3.11 2.47 8.79
N GLY B 356 2.06 2.51 7.96
CA GLY B 356 0.95 1.56 8.10
C GLY B 356 -0.01 1.68 6.93
N THR B 357 -1.29 1.47 7.20
CA THR B 357 -2.27 1.16 6.17
C THR B 357 -2.99 2.36 5.57
N ARG B 358 -3.85 2.99 6.36
CA ARG B 358 -4.83 3.97 5.89
C ARG B 358 -4.82 5.23 6.74
N ALA B 359 -3.96 6.18 6.33
CA ALA B 359 -3.81 7.49 6.97
C ALA B 359 -5.14 8.24 6.92
N GLU B 360 -5.54 8.83 8.04
CA GLU B 360 -6.84 9.51 8.12
C GLU B 360 -6.70 10.97 7.70
N GLY B 361 -5.48 11.35 7.33
CA GLY B 361 -5.25 12.48 6.43
C GLY B 361 -5.27 13.86 7.01
N LEU B 362 -4.60 14.03 8.14
CA LEU B 362 -4.33 15.33 8.73
C LEU B 362 -2.84 15.45 8.94
N ALA B 363 -2.36 16.68 9.02
CA ALA B 363 -1.01 17.00 9.40
C ALA B 363 -1.03 18.34 10.13
N TYR B 364 -0.12 18.50 11.09
CA TYR B 364 0.05 19.74 11.85
C TYR B 364 1.50 20.16 11.68
N LEU B 365 1.68 21.47 11.51
CA LEU B 365 2.96 22.12 11.66
C LEU B 365 2.75 23.32 12.55
N GLY B 366 3.73 23.60 13.39
CA GLY B 366 3.68 24.73 14.33
C GLY B 366 4.65 24.59 15.50
N GLY B 367 4.34 25.31 16.58
CA GLY B 367 5.27 25.45 17.70
C GLY B 367 4.58 25.63 19.02
N ALA B 368 5.37 25.55 20.08
CA ALA B 368 4.83 25.67 21.44
C ALA B 368 4.37 27.09 21.74
N THR B 369 5.20 28.07 21.35
CA THR B 369 4.92 29.49 21.54
C THR B 369 4.32 30.12 20.28
N GLN B 370 4.90 29.84 19.11
CA GLN B 370 4.46 30.46 17.84
C GLN B 370 3.10 29.92 17.28
N GLY B 371 2.56 28.84 17.86
CA GLY B 371 1.32 28.23 17.37
C GLY B 371 1.47 27.65 15.98
N GLY B 372 0.34 27.33 15.36
CA GLY B 372 0.39 26.78 14.01
C GLY B 372 -0.89 26.20 13.48
N LEU B 373 -0.74 25.53 12.34
CA LEU B 373 -1.85 25.20 11.47
C LEU B 373 -1.92 23.72 11.29
N ALA B 374 -3.12 23.22 11.03
CA ALA B 374 -3.30 21.84 10.60
C ALA B 374 -4.30 21.76 9.47
N VAL B 375 -3.86 21.15 8.37
CA VAL B 375 -4.73 20.87 7.22
C VAL B 375 -5.14 19.40 7.22
N GLY B 376 -6.29 19.11 6.64
CA GLY B 376 -6.71 17.74 6.40
C GLY B 376 -7.75 17.66 5.29
N LEU B 377 -7.80 16.49 4.65
CA LEU B 377 -8.79 16.17 3.62
C LEU B 377 -9.75 15.05 4.11
N ARG B 378 -11.04 15.34 4.18
CA ARG B 378 -12.03 14.28 4.47
C ARG B 378 -11.89 13.05 3.51
N ASP B 379 -12.15 11.86 4.02
CA ASP B 379 -11.93 10.60 3.29
C ASP B 379 -10.57 10.44 2.60
N PHE B 380 -9.54 11.06 3.16
CA PHE B 380 -8.16 11.11 2.60
C PHE B 380 -7.66 9.86 1.86
N TRP B 381 -7.60 8.72 2.55
CA TRP B 381 -7.10 7.48 1.90
C TRP B 381 -8.05 6.89 0.87
N LYS B 382 -9.33 7.26 0.92
CA LYS B 382 -10.30 6.79 -0.06
C LYS B 382 -10.20 7.54 -1.38
N ARG B 383 -9.49 8.66 -1.41
CA ARG B 383 -9.46 9.52 -2.56
C ARG B 383 -8.04 9.54 -3.09
N TYR B 384 -7.44 8.36 -3.14
CA TYR B 384 -6.02 8.20 -3.43
C TYR B 384 -5.79 8.53 -4.92
N PRO B 385 -4.61 9.03 -5.31
CA PRO B 385 -3.44 9.16 -4.47
C PRO B 385 -3.31 10.54 -3.84
N VAL B 386 -3.11 10.56 -2.53
CA VAL B 386 -2.99 11.80 -1.79
C VAL B 386 -1.75 11.77 -0.91
N GLY B 387 -1.22 12.95 -0.63
CA GLY B 387 -0.05 13.11 0.22
C GLY B 387 -0.30 14.23 1.19
N LEU B 388 0.60 14.35 2.17
CA LEU B 388 0.71 15.50 3.06
C LEU B 388 2.19 15.75 3.26
N ASP B 389 2.65 16.96 2.94
CA ASP B 389 4.07 17.28 3.05
C ASP B 389 4.27 18.38 4.06
N ILE B 390 5.48 18.39 4.64
CA ILE B 390 5.92 19.44 5.51
C ILE B 390 7.33 19.75 5.12
N SER B 391 7.63 21.02 4.91
CA SER B 391 8.96 21.36 4.46
C SER B 391 9.50 22.62 5.12
N ASN B 392 10.83 22.68 5.14
CA ASN B 392 11.61 23.78 5.68
C ASN B 392 11.24 24.10 7.12
N ALA B 393 11.12 23.04 7.92
CA ALA B 393 10.81 23.19 9.32
C ALA B 393 12.06 23.68 10.06
N ALA B 394 13.25 23.43 9.49
CA ALA B 394 14.51 23.94 10.04
C ALA B 394 14.72 25.40 9.70
N SER B 395 13.99 25.88 8.69
CA SER B 395 14.03 27.28 8.27
C SER B 395 13.20 28.19 9.17
N ASP B 396 13.20 29.49 8.82
CA ASP B 396 12.42 30.51 9.52
C ASP B 396 10.92 30.41 9.24
N THR B 397 10.54 30.11 7.99
CA THR B 397 9.12 29.85 7.61
C THR B 397 8.99 28.47 6.96
N GLY B 398 8.01 27.70 7.41
CA GLY B 398 7.84 26.31 6.98
C GLY B 398 6.61 26.11 6.12
N GLU B 399 6.72 25.26 5.10
CA GLU B 399 5.60 24.96 4.19
C GLU B 399 4.81 23.79 4.76
N LEU B 400 3.49 23.81 4.56
CA LEU B 400 2.59 22.70 4.92
C LEU B 400 1.57 22.47 3.78
N THR B 401 1.84 21.46 2.96
CA THR B 401 1.00 21.13 1.82
C THR B 401 0.10 19.92 2.09
N LEU B 402 -1.14 20.03 1.60
CA LEU B 402 -2.03 18.89 1.38
C LEU B 402 -2.08 18.71 -0.13
N TRP B 403 -1.50 17.63 -0.63
CA TRP B 403 -1.63 17.24 -2.02
C TRP B 403 -2.90 16.45 -2.24
N LEU B 404 -3.82 17.01 -3.04
CA LEU B 404 -5.11 16.38 -3.43
C LEU B 404 -4.94 15.31 -4.51
N TYR B 405 -3.88 15.46 -5.30
CA TYR B 405 -3.37 14.42 -6.17
C TYR B 405 -1.87 14.35 -5.96
N SER B 406 -1.32 13.16 -5.79
CA SER B 406 0.09 13.07 -5.34
C SER B 406 1.12 13.05 -6.46
N PRO B 407 2.02 14.06 -6.51
CA PRO B 407 3.16 13.96 -7.44
C PRO B 407 3.96 12.65 -7.37
N ALA B 408 3.85 11.93 -6.26
CA ALA B 408 4.43 10.60 -6.14
C ALA B 408 3.75 9.54 -7.03
N ALA B 409 2.44 9.71 -7.25
CA ALA B 409 1.69 8.84 -8.14
C ALA B 409 2.09 9.02 -9.62
N GLU B 410 1.57 8.14 -10.48
CA GLU B 410 1.59 8.34 -11.92
C GLU B 410 0.59 9.45 -12.23
N PRO B 411 0.84 10.23 -13.29
CA PRO B 411 0.19 11.52 -13.38
C PRO B 411 -1.13 11.44 -14.12
N LEU B 412 -2.20 11.19 -13.38
CA LEU B 412 -3.59 11.36 -13.83
C LEU B 412 -3.87 11.30 -15.34
N ASP B 413 -4.02 10.06 -15.82
CA ASP B 413 -4.18 9.77 -17.23
C ASP B 413 -5.65 9.76 -17.65
N LEU B 414 -6.17 10.92 -18.05
CA LEU B 414 -7.59 11.03 -18.44
C LEU B 414 -7.94 10.65 -19.92
N ARG B 415 -6.94 10.17 -20.67
CA ARG B 415 -7.11 9.74 -22.07
C ARG B 415 -8.15 8.60 -22.25
N PRO B 416 -8.48 8.25 -23.49
CA PRO B 416 -9.40 7.13 -23.72
C PRO B 416 -8.72 5.76 -23.56
N PHE B 417 -9.48 4.76 -23.10
CA PHE B 417 -8.90 3.45 -22.85
C PHE B 417 -8.79 2.55 -24.05
N HIS B 418 -9.34 2.96 -25.19
CA HIS B 418 -9.00 2.31 -26.47
C HIS B 418 -9.04 3.25 -27.66
N ASP B 419 -8.38 2.82 -28.73
CA ASP B 419 -8.27 3.61 -29.96
C ASP B 419 -9.41 3.40 -30.96
N GLY B 420 -10.44 2.65 -30.57
CA GLY B 420 -11.69 2.56 -31.33
C GLY B 420 -11.87 1.16 -31.85
N LEU B 421 -10.75 0.41 -31.89
CA LEU B 421 -10.72 -1.01 -32.21
C LEU B 421 -10.95 -1.29 -33.71
N GLY B 422 -10.69 -0.29 -34.54
CA GLY B 422 -11.03 -0.31 -35.97
C GLY B 422 -12.49 0.03 -36.31
N GLN B 423 -13.24 0.60 -35.36
CA GLN B 423 -14.64 0.98 -35.58
C GLN B 423 -14.72 2.23 -36.41
N ASP B 424 -15.43 2.14 -37.53
CA ASP B 424 -15.57 3.23 -38.51
C ASP B 424 -17.06 3.48 -38.78
N GLY B 425 -17.56 4.64 -38.35
CA GLY B 425 -18.98 4.99 -38.51
C GLY B 425 -20.01 4.21 -37.68
N TYR B 426 -21.21 4.79 -37.58
CA TYR B 426 -22.30 4.26 -36.78
C TYR B 426 -22.63 2.76 -36.93
N GLU B 427 -22.33 2.18 -38.10
CA GLU B 427 -22.60 0.76 -38.38
C GLU B 427 -21.95 -0.08 -37.29
N ASP B 428 -20.62 0.07 -37.22
CA ASP B 428 -19.76 -0.63 -36.24
C ASP B 428 -20.10 -0.31 -34.82
N GLN B 429 -20.14 0.99 -34.51
CA GLN B 429 -20.33 1.48 -33.15
C GLN B 429 -21.50 0.76 -32.47
N LEU B 430 -22.64 0.78 -33.15
CA LEU B 430 -23.84 0.10 -32.67
C LEU B 430 -23.75 -1.43 -32.59
N ASP B 431 -22.91 -2.02 -33.45
CA ASP B 431 -22.71 -3.46 -33.51
C ASP B 431 -21.91 -3.96 -32.32
N ALA B 432 -20.85 -3.22 -32.00
CA ALA B 432 -20.03 -3.43 -30.79
C ALA B 432 -20.88 -3.35 -29.52
N LEU B 433 -21.74 -2.35 -29.46
CA LEU B 433 -22.77 -2.23 -28.41
C LEU B 433 -23.49 -3.54 -28.10
N GLU B 434 -23.66 -4.40 -29.09
CA GLU B 434 -24.38 -5.66 -28.87
C GLU B 434 -23.52 -6.72 -28.12
N ILE B 435 -22.19 -6.52 -28.06
CA ILE B 435 -21.28 -7.43 -27.33
C ILE B 435 -20.63 -6.81 -26.03
N THR B 436 -19.96 -5.65 -26.15
CA THR B 436 -19.30 -4.97 -25.01
C THR B 436 -20.22 -3.99 -24.28
N PHE B 437 -21.43 -3.83 -24.79
CA PHE B 437 -22.40 -2.89 -24.24
C PHE B 437 -21.96 -1.41 -24.16
N GLU B 438 -21.03 -0.96 -25.01
CA GLU B 438 -20.75 0.48 -25.11
C GLU B 438 -21.06 1.08 -26.47
N ASP B 439 -21.57 2.30 -26.43
CA ASP B 439 -21.93 3.10 -27.59
C ASP B 439 -20.71 4.01 -27.81
N TRP B 440 -19.81 3.66 -28.72
CA TRP B 440 -18.60 4.45 -28.95
C TRP B 440 -18.85 5.60 -29.90
N GLU B 441 -17.87 6.50 -29.99
CA GLU B 441 -17.72 7.45 -31.11
C GLU B 441 -16.38 8.19 -30.93
N PRO B 442 -15.66 8.50 -32.02
CA PRO B 442 -14.47 9.34 -31.85
C PRO B 442 -14.75 10.74 -31.32
N GLY B 443 -13.94 11.19 -30.37
CA GLY B 443 -14.02 12.55 -29.81
C GLY B 443 -14.87 12.66 -28.56
N PHE B 444 -15.66 11.61 -28.30
CA PHE B 444 -16.57 11.50 -27.15
C PHE B 444 -15.93 10.78 -25.93
N ASP B 445 -14.74 10.24 -26.13
CA ASP B 445 -13.98 9.62 -25.07
C ASP B 445 -13.29 10.71 -24.25
N THR B 446 -13.94 11.86 -24.08
CA THR B 446 -13.25 13.02 -23.57
C THR B 446 -13.80 13.38 -22.19
N PRO B 447 -12.90 13.74 -21.24
CA PRO B 447 -13.27 14.18 -19.92
C PRO B 447 -13.28 15.71 -19.85
N TYR B 448 -13.24 16.39 -21.00
CA TYR B 448 -13.28 17.84 -21.03
C TYR B 448 -14.60 18.27 -20.43
N GLY B 449 -14.53 18.98 -19.31
CA GLY B 449 -15.71 19.56 -18.68
C GLY B 449 -16.28 18.79 -17.50
N ILE B 450 -15.64 17.71 -17.05
CA ILE B 450 -15.98 17.06 -15.78
C ILE B 450 -15.34 17.86 -14.64
N ALA B 451 -15.93 17.75 -13.44
CA ALA B 451 -15.41 18.41 -12.25
C ALA B 451 -15.25 17.45 -11.06
N ARG B 452 -14.62 17.94 -9.99
CA ARG B 452 -14.50 17.17 -8.76
C ARG B 452 -14.32 18.04 -7.51
N THR B 453 -15.24 17.89 -6.54
CA THR B 453 -15.19 18.65 -5.29
C THR B 453 -14.54 17.86 -4.15
N SER B 454 -13.36 18.33 -3.70
CA SER B 454 -12.65 17.82 -2.51
C SER B 454 -12.98 18.64 -1.24
N GLU B 455 -13.56 18.00 -0.22
CA GLU B 455 -13.87 18.63 1.10
C GLU B 455 -12.66 18.66 2.06
N VAL B 456 -12.05 19.83 2.18
CA VAL B 456 -10.85 20.06 3.00
C VAL B 456 -11.22 20.74 4.35
N TYR B 457 -10.36 20.60 5.36
CA TYR B 457 -10.46 21.42 6.57
C TYR B 457 -9.11 22.01 6.99
N LEU B 458 -9.17 23.22 7.55
CA LEU B 458 -8.03 23.90 8.16
C LEU B 458 -8.29 24.11 9.66
N PHE B 459 -7.24 24.04 10.48
CA PHE B 459 -7.36 24.13 11.94
C PHE B 459 -6.22 24.98 12.51
N ALA B 460 -6.57 26.11 13.13
CA ALA B 460 -5.61 27.08 13.63
C ALA B 460 -5.50 26.96 15.15
N PHE B 461 -4.25 26.98 15.63
CA PHE B 461 -3.95 26.70 17.04
C PHE B 461 -2.98 27.75 17.57
N ASP B 462 -3.27 28.25 18.78
CA ASP B 462 -2.43 29.28 19.39
C ASP B 462 -1.07 28.74 19.81
N GLN B 463 -1.09 27.49 20.30
CA GLN B 463 0.09 26.68 20.60
C GLN B 463 -0.19 25.23 20.10
N THR B 464 0.85 24.46 19.80
CA THR B 464 0.66 23.03 19.48
C THR B 464 -0.31 22.36 20.45
N PRO B 465 -1.43 21.85 19.95
CA PRO B 465 -2.40 21.37 20.91
C PRO B 465 -2.06 19.96 21.35
N THR B 466 -2.91 19.49 22.28
CA THR B 466 -2.87 18.13 22.78
C THR B 466 -3.05 17.26 21.55
N SER B 467 -2.28 16.19 21.45
CA SER B 467 -2.50 15.23 20.39
C SER B 467 -3.76 14.38 20.58
N ASP B 468 -4.46 14.44 21.71
CA ASP B 468 -5.86 13.93 21.78
C ASP B 468 -6.89 14.87 21.13
N LYS B 469 -6.53 16.14 20.93
CA LYS B 469 -7.39 17.09 20.24
C LYS B 469 -7.22 16.92 18.71
N LEU B 470 -5.98 16.85 18.25
CA LEU B 470 -5.73 16.50 16.86
C LEU B 470 -6.46 15.19 16.49
N ALA B 471 -6.49 14.21 17.38
CA ALA B 471 -7.21 12.97 17.09
C ALA B 471 -8.71 13.19 16.96
N SER B 472 -9.30 13.98 17.87
CA SER B 472 -10.74 14.27 17.80
C SER B 472 -11.11 15.14 16.56
N LEU B 473 -10.17 15.97 16.10
CA LEU B 473 -10.39 16.81 14.91
C LEU B 473 -10.28 16.01 13.60
N THR B 474 -9.28 15.13 13.52
CA THR B 474 -9.19 14.15 12.45
C THR B 474 -10.44 13.28 12.42
N ALA B 475 -10.96 12.93 13.59
CA ALA B 475 -12.27 12.25 13.64
C ALA B 475 -13.37 13.17 13.16
N TYR B 476 -13.28 14.47 13.47
CA TYR B 476 -14.28 15.48 13.08
C TYR B 476 -14.47 15.45 11.59
N ASN B 478 -13.33 13.44 9.04
CA ASN B 478 -13.65 12.20 8.36
C ASN B 478 -15.08 11.75 8.66
N ASP B 479 -15.76 12.42 9.58
CA ASP B 479 -17.19 12.21 9.79
C ASP B 479 -17.80 13.49 10.32
N PRO B 480 -17.86 14.54 9.47
CA PRO B 480 -18.37 15.81 9.97
C PRO B 480 -19.81 15.64 10.41
N PRO B 481 -20.19 16.15 11.59
CA PRO B 481 -21.54 15.92 12.08
C PRO B 481 -22.63 16.73 11.34
N VAL B 482 -23.84 16.21 11.43
CA VAL B 482 -24.92 16.55 10.56
C VAL B 482 -26.19 16.61 11.38
N LEU B 483 -26.91 17.70 11.26
CA LEU B 483 -28.17 17.90 11.95
C LEU B 483 -29.23 17.76 10.85
N VAL B 484 -30.14 16.79 11.01
CA VAL B 484 -31.19 16.46 10.01
C VAL B 484 -32.58 16.40 10.67
N ALA B 485 -33.63 16.73 9.93
CA ALA B 485 -34.98 16.73 10.50
C ALA B 485 -35.50 15.31 10.81
N GLU B 486 -36.62 15.23 11.52
CA GLU B 486 -37.33 13.95 11.75
C GLU B 486 -37.99 13.47 10.47
N PRO B 487 -37.80 12.19 10.09
CA PRO B 487 -38.54 11.60 8.96
C PRO B 487 -40.09 11.71 8.98
N LYS B 488 -40.72 11.53 10.14
CA LYS B 488 -42.19 11.68 10.25
C LYS B 488 -42.60 13.10 9.85
N TYR B 489 -41.81 14.10 10.23
CA TYR B 489 -42.11 15.51 9.94
C TYR B 489 -41.80 15.87 8.47
N ILE B 490 -40.71 15.36 7.92
CA ILE B 490 -40.42 15.60 6.50
C ILE B 490 -41.55 15.02 5.61
N HIS B 491 -42.00 13.80 5.91
CA HIS B 491 -43.17 13.22 5.23
C HIS B 491 -44.43 14.06 5.43
N GLU B 492 -44.66 14.51 6.64
CA GLU B 492 -45.83 15.33 6.97
C GLU B 492 -45.85 16.66 6.16
N THR B 493 -44.70 17.34 6.05
CA THR B 493 -44.61 18.61 5.28
C THR B 493 -44.85 18.45 3.78
N GLN B 494 -44.60 17.27 3.22
CA GLN B 494 -44.60 17.03 1.76
C GLN B 494 -43.54 17.87 0.96
N ALA B 495 -42.47 18.33 1.61
CA ALA B 495 -41.40 19.12 0.95
C ALA B 495 -40.47 18.31 0.03
N LEU B 496 -40.25 17.04 0.33
CA LEU B 496 -39.60 16.13 -0.60
C LEU B 496 -40.61 15.01 -0.79
N GLY B 497 -41.30 14.99 -1.93
CA GLY B 497 -42.19 13.89 -2.29
C GLY B 497 -43.35 13.49 -1.37
N GLU B 498 -44.36 12.86 -1.97
CA GLU B 498 -45.35 12.07 -1.25
C GLU B 498 -45.14 10.60 -1.58
N TYR B 499 -44.05 10.29 -2.29
CA TYR B 499 -43.82 8.97 -2.91
C TYR B 499 -42.92 8.09 -2.05
N TRP B 500 -43.08 8.21 -0.72
CA TRP B 500 -42.28 7.50 0.27
C TRP B 500 -42.86 7.67 1.66
N ALA B 501 -42.80 6.59 2.44
CA ALA B 501 -43.27 6.57 3.82
C ALA B 501 -42.38 5.70 4.72
N LEU B 502 -42.51 5.93 6.02
CA LEU B 502 -41.63 5.36 7.01
C LEU B 502 -41.92 3.86 7.11
N PRO B 503 -40.91 3.04 7.49
CA PRO B 503 -41.06 1.59 7.49
C PRO B 503 -42.26 1.02 8.23
N GLY B 504 -42.66 1.61 9.36
CA GLY B 504 -43.81 1.13 10.17
C GLY B 504 -44.55 -0.09 9.65
N SER B 505 -43.95 -1.28 9.86
CA SER B 505 -44.39 -2.56 9.23
C SER B 505 -45.50 -3.28 10.01
N ALA B 506 -46.62 -3.59 9.35
CA ALA B 506 -47.75 -4.31 9.99
C ALA B 506 -48.00 -5.74 9.46
N SER B 507 -47.56 -6.05 8.23
CA SER B 507 -47.61 -7.43 7.71
C SER B 507 -46.28 -8.15 7.97
N PRO B 508 -46.28 -9.50 7.84
CA PRO B 508 -45.01 -10.23 7.77
C PRO B 508 -44.34 -10.04 6.39
N ALA B 509 -45.16 -9.79 5.37
CA ALA B 509 -44.68 -9.57 3.99
C ALA B 509 -43.99 -8.23 3.84
N ALA B 510 -44.38 -7.27 4.67
CA ALA B 510 -43.77 -5.93 4.67
C ALA B 510 -42.37 -5.95 5.25
N ALA B 511 -42.23 -6.54 6.43
CA ALA B 511 -40.94 -6.59 7.13
C ALA B 511 -39.85 -7.34 6.36
N THR B 512 -40.21 -8.37 5.59
CA THR B 512 -39.24 -9.06 4.72
C THR B 512 -38.83 -8.20 3.50
N LEU B 513 -39.66 -7.23 3.13
CA LEU B 513 -39.25 -6.21 2.15
C LEU B 513 -38.27 -5.26 2.79
N GLU B 514 -38.60 -4.79 4.00
CA GLU B 514 -37.68 -3.96 4.76
C GLU B 514 -36.32 -4.68 4.96
N ASP B 515 -36.37 -5.98 5.27
CA ASP B 515 -35.14 -6.76 5.45
C ASP B 515 -34.33 -6.84 4.18
N ARG B 516 -35.03 -6.93 3.05
CA ARG B 516 -34.37 -7.01 1.74
C ARG B 516 -33.68 -5.70 1.32
N LEU B 517 -34.32 -4.56 1.61
CA LEU B 517 -33.67 -3.26 1.44
C LEU B 517 -32.40 -3.19 2.30
N GLN B 518 -32.46 -3.66 3.55
CA GLN B 518 -31.28 -3.72 4.43
C GLN B 518 -30.23 -4.69 3.92
N PHE B 519 -30.65 -5.82 3.35
CA PHE B 519 -29.72 -6.74 2.68
C PHE B 519 -28.96 -6.07 1.53
N ILE B 520 -29.71 -5.40 0.66
CA ILE B 520 -29.18 -4.65 -0.50
C ILE B 520 -28.23 -3.54 -0.05
N PHE B 521 -28.60 -2.85 1.03
CA PHE B 521 -27.81 -1.71 1.46
C PHE B 521 -26.47 -2.15 2.01
N ASP B 522 -26.47 -3.23 2.78
CA ASP B 522 -25.23 -3.82 3.29
C ASP B 522 -24.36 -4.31 2.13
N PHE B 523 -24.92 -5.18 1.28
CA PHE B 523 -24.15 -5.75 0.19
C PHE B 523 -23.41 -4.67 -0.59
N TYR B 524 -24.10 -3.58 -0.96
CA TYR B 524 -23.47 -2.47 -1.69
C TYR B 524 -22.39 -1.75 -0.87
N LYS B 525 -22.69 -1.47 0.39
CA LYS B 525 -21.77 -0.76 1.27
C LYS B 525 -20.48 -1.55 1.45
N GLY B 526 -20.58 -2.87 1.54
CA GLY B 526 -19.40 -3.73 1.61
C GLY B 526 -18.61 -3.81 0.32
N GLN B 527 -19.32 -3.88 -0.81
CA GLN B 527 -18.68 -3.99 -2.12
C GLN B 527 -17.68 -2.87 -2.45
N ILE B 528 -17.92 -1.69 -1.89
CA ILE B 528 -17.02 -0.55 -2.05
C ILE B 528 -15.67 -0.84 -1.41
N GLU B 529 -15.71 -1.37 -0.18
CA GLU B 529 -14.51 -1.79 0.56
C GLU B 529 -13.85 -3.00 -0.11
N GLN B 530 -14.66 -4.01 -0.45
CA GLN B 530 -14.13 -5.25 -0.99
C GLN B 530 -13.50 -5.09 -2.35
N ARG B 531 -14.19 -4.35 -3.21
CA ARG B 531 -13.78 -4.16 -4.59
C ARG B 531 -12.94 -2.90 -4.76
N ARG B 532 -12.67 -2.22 -3.64
CA ARG B 532 -11.80 -1.05 -3.60
C ARG B 532 -12.28 0.06 -4.56
N TRP B 533 -13.55 0.46 -4.40
CA TRP B 533 -14.12 1.56 -5.20
C TRP B 533 -13.75 2.91 -4.58
N TYR B 534 -12.45 3.17 -4.68
CA TYR B 534 -11.76 4.25 -4.02
C TYR B 534 -10.89 4.94 -5.07
N GLY B 535 -10.63 6.22 -4.85
CA GLY B 535 -9.79 7.02 -5.76
C GLY B 535 -10.27 8.45 -5.95
N PHE B 536 -9.35 9.28 -6.40
CA PHE B 536 -9.56 10.72 -6.65
C PHE B 536 -10.88 11.00 -7.37
N LEU B 537 -11.07 10.35 -8.51
CA LEU B 537 -12.33 10.50 -9.25
C LEU B 537 -13.28 9.32 -8.99
N ASP B 538 -12.73 8.13 -8.71
CA ASP B 538 -13.57 6.93 -8.56
C ASP B 538 -14.51 6.95 -7.34
N TYR B 539 -14.02 7.40 -6.17
CA TYR B 539 -14.78 7.21 -4.92
C TYR B 539 -16.17 7.89 -4.92
N GLY B 540 -17.21 7.07 -4.70
CA GLY B 540 -18.60 7.55 -4.71
C GLY B 540 -19.50 6.69 -5.56
N ASP B 541 -18.94 6.14 -6.65
CA ASP B 541 -19.66 5.30 -7.60
C ASP B 541 -19.53 3.83 -7.25
N PHE B 542 -20.36 3.03 -7.88
CA PHE B 542 -20.30 1.58 -7.80
C PHE B 542 -20.43 1.10 -9.23
N HIS B 544 -21.94 -1.58 -12.46
CA HIS B 544 -23.23 -1.86 -13.10
C HIS B 544 -23.65 -3.34 -13.02
N THR B 545 -22.80 -4.26 -13.49
CA THR B 545 -23.15 -5.67 -13.62
C THR B 545 -21.96 -6.59 -13.33
N TYR B 546 -22.24 -7.79 -12.82
CA TYR B 546 -21.20 -8.73 -12.36
C TYR B 546 -20.82 -9.77 -13.40
N ASP B 547 -19.59 -10.29 -13.30
CA ASP B 547 -19.07 -11.37 -14.17
C ASP B 547 -18.92 -12.70 -13.38
N PRO B 548 -19.98 -13.54 -13.35
CA PRO B 548 -19.97 -14.70 -12.43
C PRO B 548 -18.84 -15.76 -12.63
N ASP B 549 -18.17 -15.75 -13.77
CA ASP B 549 -17.04 -16.66 -14.02
C ASP B 549 -15.78 -16.18 -13.34
N ARG B 550 -15.50 -14.88 -13.51
CA ARG B 550 -14.29 -14.27 -12.92
C ARG B 550 -14.44 -13.91 -11.42
N HIS B 551 -15.66 -13.69 -10.96
CA HIS B 551 -15.92 -13.22 -9.61
C HIS B 551 -15.35 -11.81 -9.47
N THR B 552 -15.97 -10.89 -10.20
CA THR B 552 -15.51 -9.51 -10.33
C THR B 552 -16.59 -8.77 -11.05
N TRP B 553 -16.84 -7.53 -10.61
CA TRP B 553 -17.68 -6.65 -11.39
C TRP B 553 -17.02 -6.40 -12.75
N ARG B 554 -17.82 -5.93 -13.70
CA ARG B 554 -17.42 -5.94 -15.10
C ARG B 554 -16.69 -4.66 -15.40
N TYR B 555 -15.57 -4.53 -14.71
CA TYR B 555 -14.75 -3.32 -14.72
C TYR B 555 -14.10 -3.00 -16.09
N ASP B 556 -14.17 -3.94 -17.04
CA ASP B 556 -13.42 -3.86 -18.32
C ASP B 556 -14.23 -4.17 -19.62
N VAL B 557 -15.57 -4.24 -19.51
CA VAL B 557 -16.43 -4.39 -20.68
C VAL B 557 -17.49 -3.29 -20.74
N GLY B 558 -17.16 -2.25 -21.50
CA GLY B 558 -18.06 -1.14 -21.80
C GLY B 558 -19.02 -0.75 -20.69
N GLY B 559 -20.31 -0.86 -20.94
CA GLY B 559 -21.32 -0.33 -20.05
C GLY B 559 -21.69 -1.22 -18.86
N TYR B 560 -20.91 -2.27 -18.63
CA TYR B 560 -21.13 -3.09 -17.47
C TYR B 560 -20.26 -2.66 -16.27
N ALA B 561 -19.39 -1.68 -16.51
CA ALA B 561 -18.50 -1.12 -15.49
C ALA B 561 -19.20 0.03 -14.75
N TRP B 562 -18.62 1.24 -14.74
CA TRP B 562 -19.10 2.27 -13.82
C TRP B 562 -20.53 2.61 -14.17
N ASP B 563 -21.38 2.65 -13.14
CA ASP B 563 -22.83 2.68 -13.26
C ASP B 563 -23.43 4.09 -13.46
N ASN B 564 -22.65 5.16 -13.32
CA ASN B 564 -23.10 6.55 -13.60
C ASN B 564 -24.64 6.72 -13.54
N SER B 565 -25.20 6.40 -12.37
CA SER B 565 -26.59 6.61 -12.06
C SER B 565 -27.64 5.84 -12.88
N GLU B 566 -27.23 4.89 -13.73
CA GLU B 566 -28.23 4.27 -14.60
C GLU B 566 -29.33 3.51 -13.84
N LEU B 567 -30.57 3.79 -14.22
CA LEU B 567 -31.79 3.39 -13.50
C LEU B 567 -31.85 3.94 -12.07
N SER B 568 -31.30 5.14 -11.86
CA SER B 568 -31.67 5.98 -10.70
C SER B 568 -31.38 5.40 -9.31
N PRO B 569 -30.17 4.86 -9.08
CA PRO B 569 -29.83 4.40 -7.72
C PRO B 569 -29.74 5.56 -6.73
N ASP B 570 -29.24 6.72 -7.20
CA ASP B 570 -29.18 7.97 -6.43
C ASP B 570 -30.54 8.23 -5.81
N LEU B 571 -31.59 7.94 -6.59
CA LEU B 571 -32.97 8.16 -6.22
C LEU B 571 -33.48 7.15 -5.18
N PHE B 572 -32.96 5.92 -5.22
CA PHE B 572 -33.30 4.88 -4.21
C PHE B 572 -32.62 5.14 -2.88
N PHE B 573 -31.31 5.29 -2.91
CA PHE B 573 -30.51 5.56 -1.71
C PHE B 573 -31.00 6.77 -0.90
N TRP B 574 -31.13 7.94 -1.55
CA TRP B 574 -31.63 9.17 -0.88
C TRP B 574 -33.05 9.03 -0.36
N LEU B 575 -33.85 8.16 -0.99
CA LEU B 575 -35.15 7.81 -0.42
C LEU B 575 -35.01 6.91 0.80
N TYR B 576 -34.18 5.88 0.73
CA TYR B 576 -33.91 5.02 1.88
C TYR B 576 -33.50 5.83 3.12
N PHE B 577 -32.62 6.82 2.95
CA PHE B 577 -32.28 7.72 4.05
C PHE B 577 -33.48 8.53 4.57
N LEU B 578 -34.28 9.09 3.67
CA LEU B 578 -35.48 9.81 4.08
C LEU B 578 -36.32 9.02 5.06
N ARG B 579 -36.51 7.72 4.77
CA ARG B 579 -37.42 6.86 5.53
C ARG B 579 -36.82 6.50 6.88
N THR B 580 -35.57 6.01 6.81
CA THR B 580 -34.85 5.49 7.96
C THR B 580 -34.26 6.59 8.82
N GLY B 581 -33.45 7.43 8.22
CA GLY B 581 -32.59 8.33 8.95
C GLY B 581 -31.26 7.67 9.23
N SER B 582 -30.98 6.52 8.60
CA SER B 582 -29.70 5.83 8.83
C SER B 582 -28.50 6.69 8.44
N LYS B 583 -27.58 6.90 9.38
CA LYS B 583 -26.36 7.68 9.11
C LYS B 583 -25.57 7.07 7.97
N ASP B 584 -25.56 5.74 7.91
CA ASP B 584 -24.89 5.01 6.83
C ASP B 584 -25.48 5.36 5.46
N ALA B 585 -26.82 5.34 5.42
CA ALA B 585 -27.56 5.71 4.22
C ALA B 585 -27.13 7.11 3.77
N TYR B 586 -27.35 8.12 4.62
CA TYR B 586 -26.90 9.50 4.35
C TYR B 586 -25.50 9.55 3.75
N ARG B 587 -24.57 8.81 4.33
CA ARG B 587 -23.16 8.92 3.97
C ARG B 587 -22.83 8.31 2.62
N PHE B 588 -23.48 7.18 2.35
CA PHE B 588 -23.37 6.44 1.07
C PHE B 588 -23.97 7.26 -0.07
N ALA B 589 -25.16 7.78 0.20
CA ALA B 589 -25.88 8.62 -0.73
C ALA B 589 -25.09 9.90 -0.97
N GLU B 590 -24.64 10.51 0.11
CA GLU B 590 -23.76 11.67 0.01
C GLU B 590 -22.63 11.44 -0.97
N ALA B 591 -21.84 10.41 -0.74
CA ALA B 591 -20.58 10.25 -1.51
C ALA B 591 -20.84 9.96 -2.99
N LEU B 592 -22.00 9.36 -3.26
CA LEU B 592 -22.51 9.11 -4.60
C LEU B 592 -22.85 10.42 -5.33
N THR B 593 -23.73 11.19 -4.70
CA THR B 593 -24.12 12.50 -5.20
C THR B 593 -22.91 13.41 -5.35
N ARG B 594 -21.88 13.20 -4.52
CA ARG B 594 -20.60 13.92 -4.67
C ARG B 594 -19.78 13.49 -5.87
N HIS B 595 -20.20 12.40 -6.50
CA HIS B 595 -19.46 11.82 -7.62
C HIS B 595 -20.24 11.96 -8.92
N THR B 596 -21.49 11.50 -8.90
CA THR B 596 -22.31 11.54 -10.09
C THR B 596 -22.54 13.00 -10.53
N GLY B 597 -22.81 13.90 -9.60
CA GLY B 597 -23.00 15.33 -9.91
C GLY B 597 -21.79 16.06 -10.51
N GLU B 598 -20.60 15.51 -10.28
CA GLU B 598 -19.33 16.18 -10.53
C GLU B 598 -18.51 15.54 -11.63
N VAL B 599 -18.26 14.24 -11.53
CA VAL B 599 -17.34 13.58 -12.47
C VAL B 599 -18.06 12.98 -13.70
N ASP B 600 -19.30 12.53 -13.53
CA ASP B 600 -20.06 11.94 -14.64
C ASP B 600 -20.70 13.02 -15.56
N VAL B 601 -21.16 14.12 -14.95
CA VAL B 601 -21.69 15.31 -15.64
C VAL B 601 -20.62 16.23 -16.29
N TYR B 602 -21.01 16.85 -17.40
CA TYR B 602 -20.23 17.93 -18.07
C TYR B 602 -20.65 19.32 -17.55
N HIS B 603 -19.65 20.17 -17.33
CA HIS B 603 -19.80 21.48 -16.65
C HIS B 603 -19.49 22.69 -17.51
N ILE B 604 -18.68 22.48 -18.56
CA ILE B 604 -18.41 23.49 -19.57
C ILE B 604 -18.46 22.87 -21.00
N GLY B 605 -18.31 23.73 -22.02
CA GLY B 605 -18.35 23.29 -23.42
C GLY B 605 -19.76 23.08 -23.98
N ASP B 606 -19.80 22.51 -25.18
CA ASP B 606 -21.05 22.31 -25.94
C ASP B 606 -22.05 21.33 -25.29
N TRP B 607 -21.53 20.26 -24.67
CA TRP B 607 -22.35 19.25 -23.99
C TRP B 607 -22.65 19.59 -22.51
N LYS B 608 -22.30 20.80 -22.04
CA LYS B 608 -22.58 21.19 -20.66
C LYS B 608 -24.04 20.89 -20.28
N GLY B 609 -24.25 20.12 -19.22
CA GLY B 609 -25.60 19.74 -18.78
C GLY B 609 -25.94 18.28 -19.02
N LEU B 610 -25.17 17.63 -19.91
CA LEU B 610 -25.33 16.21 -20.20
C LEU B 610 -24.34 15.42 -19.36
N GLY B 611 -24.81 14.32 -18.79
CA GLY B 611 -23.92 13.33 -18.16
C GLY B 611 -23.55 12.19 -19.10
N THR B 612 -22.29 11.78 -19.08
CA THR B 612 -21.86 10.59 -19.83
C THR B 612 -22.50 9.33 -19.23
N ARG B 613 -22.89 8.41 -20.11
CA ARG B 613 -23.50 7.12 -19.74
C ARG B 613 -22.48 6.11 -19.23
N HIS B 614 -23.00 5.25 -18.36
CA HIS B 614 -22.23 4.20 -17.71
C HIS B 614 -21.21 3.42 -18.58
N GLY B 615 -19.96 3.36 -18.12
CA GLY B 615 -18.86 2.86 -18.95
C GLY B 615 -17.65 2.44 -18.13
N VAL B 616 -16.60 1.98 -18.81
CA VAL B 616 -15.32 1.60 -18.19
C VAL B 616 -14.65 2.80 -17.54
N GLN B 617 -14.63 3.93 -18.25
CA GLN B 617 -14.29 5.21 -17.67
C GLN B 617 -15.61 5.93 -17.42
N HIS B 618 -15.55 6.97 -16.59
CA HIS B 618 -16.74 7.77 -16.24
C HIS B 618 -17.17 8.74 -17.36
N TRP B 619 -16.34 8.80 -18.40
CA TRP B 619 -16.51 9.63 -19.59
C TRP B 619 -16.18 8.88 -20.91
N SER B 620 -16.23 7.55 -20.90
CA SER B 620 -15.80 6.75 -22.06
C SER B 620 -16.90 6.70 -23.12
N ASP B 621 -18.12 6.40 -22.66
CA ASP B 621 -19.26 6.11 -23.52
C ASP B 621 -19.69 7.34 -24.31
N SER B 622 -19.91 7.20 -25.61
CA SER B 622 -20.27 8.34 -26.46
C SER B 622 -21.71 8.84 -26.31
N ALA B 623 -22.55 8.09 -25.60
CA ALA B 623 -23.90 8.54 -25.31
C ALA B 623 -23.92 9.49 -24.13
N LYS B 624 -23.81 10.80 -24.42
CA LYS B 624 -23.90 11.87 -23.42
C LYS B 624 -25.37 12.32 -23.37
N GLN B 625 -26.02 12.21 -22.23
CA GLN B 625 -27.47 12.39 -22.12
C GLN B 625 -27.94 13.11 -20.85
N ALA B 626 -29.22 13.45 -20.82
CA ALA B 626 -29.81 14.20 -19.72
C ALA B 626 -30.36 13.33 -18.61
N ARG B 627 -30.87 12.15 -18.97
CA ARG B 627 -31.23 11.06 -18.01
C ARG B 627 -30.22 10.82 -16.86
N ILE B 628 -28.93 10.93 -17.17
CA ILE B 628 -27.87 10.82 -16.17
C ILE B 628 -27.83 12.09 -15.32
N SER B 629 -27.72 13.25 -15.94
CA SER B 629 -27.55 14.52 -15.25
C SER B 629 -28.76 14.93 -14.41
N GLN B 630 -29.94 14.40 -14.78
CA GLN B 630 -31.19 14.48 -14.01
C GLN B 630 -31.06 15.17 -12.63
N PRO B 631 -31.39 16.47 -12.56
CA PRO B 631 -31.31 17.27 -11.35
C PRO B 631 -32.04 16.69 -10.15
N GLN B 632 -33.12 15.91 -10.35
CA GLN B 632 -33.81 15.22 -9.25
C GLN B 632 -32.86 14.45 -8.36
N TYR B 633 -31.84 13.85 -8.97
CA TYR B 633 -30.84 13.10 -8.24
C TYR B 633 -30.15 13.91 -7.12
N ARG B 634 -30.00 15.23 -7.30
CA ARG B 634 -29.37 16.09 -6.28
C ARG B 634 -30.36 16.88 -5.43
N LYS B 635 -31.67 16.69 -5.63
CA LYS B 635 -32.65 17.57 -5.02
C LYS B 635 -32.69 17.41 -3.51
N TYR B 636 -32.46 16.18 -3.05
CA TYR B 636 -32.68 15.82 -1.66
C TYR B 636 -31.46 16.24 -0.85
N PHE B 637 -30.28 15.94 -1.37
CA PHE B 637 -29.03 16.37 -0.73
C PHE B 637 -28.87 17.87 -0.68
N PHE B 638 -29.50 18.56 -1.63
CA PHE B 638 -29.47 20.02 -1.65
C PHE B 638 -30.25 20.59 -0.48
N TYR B 639 -31.49 20.17 -0.32
CA TYR B 639 -32.35 20.76 0.71
C TYR B 639 -31.96 20.30 2.13
N LEU B 640 -31.74 18.98 2.30
CA LEU B 640 -31.11 18.44 3.53
C LEU B 640 -29.70 18.95 3.40
N SER B 641 -29.11 19.43 4.49
CA SER B 641 -27.82 20.14 4.45
C SER B 641 -27.97 21.66 4.40
N GLY B 642 -29.16 22.16 4.08
CA GLY B 642 -29.38 23.61 3.98
C GLY B 642 -28.71 24.25 2.77
N GLY B 643 -29.06 23.72 1.61
CA GLY B 643 -28.63 24.28 0.35
C GLY B 643 -27.13 24.34 0.26
N ASP B 644 -26.49 23.17 0.21
CA ASP B 644 -25.06 23.11 -0.10
C ASP B 644 -24.82 24.01 -1.32
N GLU B 645 -23.93 24.97 -1.14
CA GLU B 645 -23.71 26.04 -2.10
C GLU B 645 -22.93 25.58 -3.32
N ARG B 646 -22.24 24.45 -3.24
CA ARG B 646 -21.67 23.83 -4.42
C ARG B 646 -22.72 23.05 -5.17
N VAL B 647 -23.61 22.34 -4.48
CA VAL B 647 -24.71 21.62 -5.17
C VAL B 647 -25.71 22.59 -5.77
N GLY B 648 -25.95 23.70 -5.08
CA GLY B 648 -26.77 24.77 -5.62
C GLY B 648 -26.26 25.29 -6.95
N GLU B 649 -24.94 25.45 -7.06
CA GLU B 649 -24.30 25.91 -8.29
C GLU B 649 -24.52 24.93 -9.42
N LEU B 650 -24.42 23.63 -9.11
CA LEU B 650 -24.58 22.58 -10.12
C LEU B 650 -26.00 22.51 -10.65
N LEU B 651 -26.98 22.74 -9.79
CA LEU B 651 -28.38 22.70 -10.19
C LEU B 651 -28.74 23.83 -11.13
N GLU B 652 -27.95 24.90 -11.06
CA GLU B 652 -28.07 26.02 -11.96
C GLU B 652 -27.51 25.58 -13.29
N GLU B 653 -26.28 25.06 -13.27
CA GLU B 653 -25.59 24.57 -14.48
C GLU B 653 -26.51 23.76 -15.41
N LEU B 654 -27.34 22.92 -14.81
CA LEU B 654 -28.21 22.03 -15.55
C LEU B 654 -29.38 22.72 -16.26
N LEU B 655 -29.60 24.01 -15.99
CA LEU B 655 -30.59 24.81 -16.73
C LEU B 655 -30.20 25.05 -18.21
N ASP B 656 -28.91 24.94 -18.54
CA ASP B 656 -28.45 24.96 -19.94
C ASP B 656 -28.36 23.57 -20.58
N THR B 657 -29.10 22.59 -20.03
CA THR B 657 -29.19 21.25 -20.61
C THR B 657 -29.97 21.28 -21.95
N ASP B 658 -31.10 22.01 -21.99
CA ASP B 658 -31.89 22.12 -23.22
C ASP B 658 -31.07 22.74 -24.39
N LYS B 659 -30.31 23.79 -24.10
CA LYS B 659 -29.34 24.37 -25.07
C LYS B 659 -28.59 23.26 -25.87
N THR B 660 -28.28 22.12 -25.26
CA THR B 660 -27.51 21.05 -25.95
C THR B 660 -28.25 20.21 -27.00
N TYR B 661 -29.57 20.32 -27.09
CA TYR B 661 -30.32 19.49 -28.06
C TYR B 661 -30.25 19.98 -29.52
N GLY B 662 -29.95 21.27 -29.73
CA GLY B 662 -29.54 21.77 -31.04
C GLY B 662 -28.03 21.66 -31.28
N GLU B 663 -27.32 21.01 -30.36
CA GLU B 663 -25.89 20.74 -30.46
C GLU B 663 -25.54 19.24 -30.56
N LEU B 664 -26.38 18.37 -30.02
CA LEU B 664 -26.13 16.92 -30.10
C LEU B 664 -27.46 16.19 -30.04
N ASP B 665 -27.50 15.07 -30.75
CA ASP B 665 -28.69 14.27 -30.91
C ASP B 665 -28.46 12.97 -30.12
N PRO B 666 -29.22 12.74 -29.03
CA PRO B 666 -29.13 11.45 -28.36
C PRO B 666 -29.69 10.28 -29.21
N GLN B 667 -30.60 10.56 -30.15
CA GLN B 667 -31.10 9.54 -31.05
C GLN B 667 -30.43 9.51 -32.44
N ARG B 668 -29.37 10.27 -32.67
CA ARG B 668 -28.59 10.09 -33.91
C ARG B 668 -28.14 8.66 -33.93
N LYS B 669 -27.52 8.22 -35.01
CA LYS B 669 -27.06 6.83 -35.12
C LYS B 669 -28.16 5.71 -34.97
N VAL B 670 -29.10 5.81 -34.01
CA VAL B 670 -30.38 5.06 -34.03
C VAL B 670 -31.55 5.76 -34.82
N ARG B 671 -31.22 6.67 -35.77
CA ARG B 671 -32.23 7.44 -36.53
C ARG B 671 -32.31 7.04 -38.02
N THR B 672 -33.50 6.59 -38.46
CA THR B 672 -33.77 6.24 -39.88
C THR B 672 -34.12 7.48 -40.75
N ASP B 673 -34.28 8.65 -40.13
CA ASP B 673 -34.52 9.94 -40.83
C ASP B 673 -33.20 10.57 -41.30
N GLY B 674 -33.31 11.67 -42.05
CA GLY B 674 -32.14 12.47 -42.44
C GLY B 674 -31.75 13.56 -41.45
N TRP B 675 -32.63 13.82 -40.46
CA TRP B 675 -32.55 14.94 -39.49
C TRP B 675 -31.19 15.26 -38.87
N GLU B 676 -30.96 16.54 -38.61
CA GLU B 676 -29.71 17.01 -38.00
C GLU B 676 -29.96 18.28 -37.20
N PRO B 677 -29.32 18.42 -36.01
CA PRO B 677 -29.66 19.55 -35.13
C PRO B 677 -28.87 20.85 -35.42
N SER B 678 -29.54 21.99 -35.24
CA SER B 678 -28.87 23.30 -35.10
C SER B 678 -29.64 24.15 -34.06
N PRO B 679 -28.96 25.09 -33.34
CA PRO B 679 -29.61 25.92 -32.29
C PRO B 679 -30.79 26.78 -32.77
N ASN B 680 -31.76 27.03 -31.88
CA ASN B 680 -32.95 27.81 -32.19
C ASN B 680 -33.78 27.24 -33.38
N SER B 681 -33.73 25.91 -33.56
CA SER B 681 -34.54 25.16 -34.54
C SER B 681 -35.02 23.88 -33.84
N THR B 682 -36.32 23.60 -33.92
CA THR B 682 -36.99 22.65 -33.01
C THR B 682 -36.32 21.28 -32.95
N VAL B 683 -36.40 20.65 -31.78
CA VAL B 683 -35.80 19.33 -31.52
C VAL B 683 -36.86 18.41 -30.90
N SER B 684 -36.60 17.10 -30.95
CA SER B 684 -37.43 16.07 -30.32
C SER B 684 -36.84 15.65 -28.97
N PHE B 685 -37.70 15.61 -27.93
CA PHE B 685 -37.37 15.06 -26.61
C PHE B 685 -38.22 13.84 -26.37
N GLY B 686 -37.60 12.77 -25.87
CA GLY B 686 -38.34 11.71 -25.22
C GLY B 686 -38.96 12.29 -23.96
N LEU B 687 -40.27 12.16 -23.81
CA LEU B 687 -41.00 12.75 -22.68
C LEU B 687 -40.56 12.18 -21.33
N GLY B 688 -39.85 11.05 -21.31
CA GLY B 688 -39.22 10.52 -20.09
C GLY B 688 -37.71 10.61 -20.09
N THR B 689 -37.08 10.10 -21.14
CA THR B 689 -35.60 10.07 -21.28
C THR B 689 -34.91 11.48 -21.34
N ASP B 690 -35.66 12.46 -21.82
CA ASP B 690 -35.14 13.82 -21.95
C ASP B 690 -35.90 14.83 -21.07
N TRP B 691 -37.23 14.79 -21.12
CA TRP B 691 -38.04 15.77 -20.40
C TRP B 691 -37.98 15.65 -18.89
N SER B 692 -37.90 14.43 -18.34
CA SER B 692 -37.98 14.27 -16.88
C SER B 692 -36.89 15.08 -16.19
N GLY B 693 -35.68 15.05 -16.76
CA GLY B 693 -34.55 15.85 -16.26
C GLY B 693 -34.61 17.36 -16.44
N LEU B 694 -35.26 17.81 -17.51
CA LEU B 694 -35.40 19.24 -17.75
C LEU B 694 -36.46 19.80 -16.79
N ALA B 695 -37.59 19.11 -16.71
CA ALA B 695 -38.69 19.45 -15.81
C ALA B 695 -38.20 19.57 -14.39
N ALA B 696 -37.42 18.57 -13.97
CA ALA B 696 -36.83 18.52 -12.64
C ALA B 696 -35.97 19.75 -12.39
N GLY B 697 -35.00 19.98 -13.26
CA GLY B 697 -34.12 21.17 -13.21
C GLY B 697 -34.85 22.50 -13.15
N TRP B 698 -35.92 22.60 -13.95
CA TRP B 698 -36.75 23.82 -14.01
C TRP B 698 -37.59 23.97 -12.76
N LEU B 699 -38.15 22.87 -12.25
CA LEU B 699 -38.98 22.91 -11.04
C LEU B 699 -38.20 23.32 -9.80
N ILE B 700 -36.92 22.96 -9.77
CA ILE B 700 -35.99 23.33 -8.70
C ILE B 700 -35.67 24.84 -8.73
N GLU B 701 -35.12 25.34 -9.85
CA GLU B 701 -34.83 26.80 -10.00
C GLU B 701 -36.05 27.62 -9.66
N TRP B 702 -37.21 27.16 -10.11
CA TRP B 702 -38.47 27.77 -9.72
C TRP B 702 -38.63 27.74 -8.21
N GLU B 703 -38.60 26.54 -7.61
CA GLU B 703 -38.76 26.37 -6.15
C GLU B 703 -37.83 27.31 -5.37
N ARG B 704 -36.56 27.32 -5.77
CA ARG B 704 -35.53 28.20 -5.17
C ARG B 704 -35.67 29.70 -5.46
N ARG B 705 -36.33 30.05 -6.57
CA ARG B 705 -36.47 31.44 -7.00
C ARG B 705 -35.09 32.04 -7.34
N GLY B 706 -34.39 31.38 -8.25
CA GLY B 706 -33.05 31.79 -8.65
C GLY B 706 -33.07 32.81 -9.76
N PRO B 707 -31.86 33.23 -10.22
CA PRO B 707 -31.72 34.17 -11.34
C PRO B 707 -32.50 33.83 -12.61
N ARG B 708 -33.04 32.61 -12.73
CA ARG B 708 -33.84 32.20 -13.89
C ARG B 708 -35.15 31.51 -13.54
N TRP B 709 -35.77 31.86 -12.43
CA TRP B 709 -36.99 31.14 -12.04
C TRP B 709 -38.17 31.40 -12.97
N GLU B 710 -38.37 32.68 -13.32
CA GLU B 710 -39.50 33.11 -14.13
C GLU B 710 -39.43 32.34 -15.46
N GLU B 711 -38.22 32.33 -16.02
CA GLU B 711 -37.92 31.49 -17.19
C GLU B 711 -38.29 30.05 -16.91
N ALA B 712 -37.76 29.49 -15.84
CA ALA B 712 -37.93 28.07 -15.56
C ALA B 712 -39.39 27.65 -15.45
N LYS B 713 -40.15 28.41 -14.67
CA LYS B 713 -41.58 28.17 -14.47
C LYS B 713 -42.31 28.18 -15.81
N THR B 714 -42.00 29.15 -16.68
CA THR B 714 -42.69 29.24 -17.99
C THR B 714 -42.37 28.01 -18.84
N LYS B 715 -41.08 27.72 -19.04
CA LYS B 715 -40.65 26.48 -19.73
C LYS B 715 -41.31 25.19 -19.21
N LEU B 716 -41.28 24.98 -17.90
CA LEU B 716 -41.90 23.83 -17.25
C LEU B 716 -43.41 23.85 -17.55
N THR B 717 -44.09 24.88 -17.08
CA THR B 717 -45.56 24.96 -17.17
C THR B 717 -46.10 24.95 -18.62
N ASN B 718 -45.31 25.44 -19.58
CA ASN B 718 -45.64 25.25 -20.99
C ASN B 718 -45.63 23.77 -21.35
N THR B 719 -44.46 23.17 -21.15
CA THR B 719 -44.22 21.83 -21.60
C THR B 719 -45.17 20.85 -20.91
N ILE B 720 -45.59 21.16 -19.69
CA ILE B 720 -46.66 20.41 -19.02
C ILE B 720 -47.95 20.51 -19.84
N ALA B 721 -48.42 21.73 -20.10
CA ALA B 721 -49.68 21.97 -20.85
C ALA B 721 -49.62 21.36 -22.24
N GLY B 722 -48.46 21.54 -22.91
CA GLY B 722 -48.13 20.89 -24.17
C GLY B 722 -48.46 19.41 -24.21
N ILE B 723 -48.06 18.69 -23.17
CA ILE B 723 -48.31 17.25 -23.05
C ILE B 723 -49.80 16.93 -22.90
N ALA B 724 -50.51 17.67 -22.04
CA ALA B 724 -51.94 17.38 -21.79
C ALA B 724 -52.79 17.46 -23.07
N ASN B 725 -52.34 18.27 -24.03
CA ASN B 725 -52.96 18.36 -25.36
C ASN B 725 -52.02 17.71 -26.36
N LEU B 726 -51.90 16.38 -26.25
CA LEU B 726 -51.31 15.55 -27.29
C LEU B 726 -52.24 14.40 -27.73
N THR B 727 -53.53 14.48 -27.34
CA THR B 727 -54.57 13.47 -27.62
C THR B 727 -54.35 12.18 -26.83
N ASN B 728 -53.18 11.56 -27.00
CA ASN B 728 -52.74 10.43 -26.17
C ASN B 728 -51.83 10.80 -24.97
N GLY B 729 -51.18 11.96 -25.02
CA GLY B 729 -50.42 12.44 -23.87
C GLY B 729 -49.09 11.73 -23.72
N PHE B 730 -48.83 11.22 -22.52
CA PHE B 730 -47.58 10.51 -22.24
C PHE B 730 -47.39 9.27 -23.08
N VAL B 731 -48.51 8.70 -23.53
CA VAL B 731 -48.49 7.54 -24.41
C VAL B 731 -47.89 7.91 -25.79
N THR B 732 -48.00 9.18 -26.22
CA THR B 732 -47.29 9.64 -27.44
C THR B 732 -45.82 9.48 -27.12
N GLY B 733 -45.01 9.24 -28.14
CA GLY B 733 -43.60 8.92 -27.93
C GLY B 733 -42.78 10.06 -27.35
N SER B 734 -42.22 10.84 -28.26
CA SER B 734 -41.46 12.01 -27.93
C SER B 734 -42.36 13.24 -28.12
N GLY B 735 -41.78 14.42 -27.89
CA GLY B 735 -42.42 15.69 -28.18
C GLY B 735 -41.64 16.48 -29.23
N LEU B 736 -42.14 17.68 -29.54
CA LEU B 736 -41.54 18.62 -30.50
C LEU B 736 -41.38 19.98 -29.80
N TYR B 737 -40.19 20.20 -29.24
CA TYR B 737 -39.90 21.38 -28.43
C TYR B 737 -39.36 22.49 -29.32
N ASP B 738 -39.93 23.67 -29.14
CA ASP B 738 -39.52 24.86 -29.87
C ASP B 738 -38.64 25.72 -28.94
N PRO B 739 -37.31 25.68 -29.12
CA PRO B 739 -36.43 26.59 -28.36
C PRO B 739 -36.77 28.07 -28.43
N VAL B 740 -37.41 28.53 -29.51
CA VAL B 740 -37.74 29.96 -29.64
C VAL B 740 -38.97 30.29 -28.79
N THR B 741 -40.02 29.49 -28.90
CA THR B 741 -41.28 29.78 -28.21
C THR B 741 -41.40 29.04 -26.88
N TRP B 742 -40.51 28.08 -26.61
CA TRP B 742 -40.53 27.26 -25.38
C TRP B 742 -41.87 26.52 -25.23
N THR B 743 -42.23 25.82 -26.31
CA THR B 743 -43.52 25.10 -26.39
C THR B 743 -43.27 23.64 -26.81
N LEU B 744 -44.29 22.78 -26.63
CA LEU B 744 -44.18 21.34 -26.95
C LEU B 744 -45.43 20.75 -27.65
N GLY B 745 -45.22 20.39 -28.92
CA GLY B 745 -46.28 19.84 -29.77
C GLY B 745 -46.02 18.41 -30.22
N PRO B 746 -46.84 17.90 -31.17
CA PRO B 746 -46.70 16.50 -31.58
C PRO B 746 -45.40 16.28 -32.37
N PRO B 747 -44.88 15.04 -32.36
CA PRO B 747 -43.53 14.74 -32.88
C PRO B 747 -43.45 14.63 -34.40
N PRO B 748 -42.22 14.67 -34.97
CA PRO B 748 -42.13 14.45 -36.40
C PRO B 748 -42.56 13.02 -36.70
N SER B 749 -43.36 12.84 -37.74
CA SER B 749 -44.11 11.61 -37.99
C SER B 749 -45.45 11.59 -37.21
N ASP B 750 -45.91 12.75 -36.74
CA ASP B 750 -47.32 12.92 -36.31
C ASP B 750 -47.86 14.36 -36.24
N PRO B 751 -47.33 15.32 -37.05
CA PRO B 751 -47.88 16.69 -36.88
C PRO B 751 -49.40 16.72 -37.11
N GLY B 752 -50.07 17.74 -36.57
CA GLY B 752 -51.54 17.81 -36.69
C GLY B 752 -52.31 16.92 -35.71
N ASN B 753 -51.62 16.47 -34.65
CA ASN B 753 -52.02 15.36 -33.75
C ASN B 753 -52.64 14.14 -34.43
N ARG B 754 -53.97 14.01 -34.39
CA ARG B 754 -54.63 12.74 -34.71
C ARG B 754 -54.29 11.70 -33.62
N GLY B 755 -53.00 11.34 -33.51
CA GLY B 755 -52.47 10.55 -32.38
C GLY B 755 -51.19 9.79 -32.70
N ASN B 756 -50.17 9.91 -31.83
CA ASN B 756 -48.98 9.01 -31.87
C ASN B 756 -49.01 8.16 -30.63
N VAL B 757 -48.43 6.95 -30.72
CA VAL B 757 -48.29 5.99 -29.61
C VAL B 757 -46.92 5.34 -29.81
N SER B 758 -45.94 5.76 -29.02
CA SER B 758 -44.58 5.21 -29.03
C SER B 758 -44.13 5.06 -27.54
N ILE B 759 -43.72 3.83 -27.18
CA ILE B 759 -43.42 3.49 -25.81
C ILE B 759 -42.04 2.88 -25.70
N SER B 760 -41.23 3.47 -24.83
CA SER B 760 -39.97 2.90 -24.41
C SER B 760 -40.02 2.70 -22.89
N HIS B 761 -39.50 1.55 -22.47
CA HIS B 761 -39.40 1.18 -21.06
C HIS B 761 -38.43 2.08 -20.28
N LEU B 762 -37.54 2.75 -21.01
CA LEU B 762 -36.58 3.66 -20.39
C LEU B 762 -37.16 4.99 -19.82
N ASN B 763 -38.42 5.33 -20.11
CA ASN B 763 -38.93 6.67 -19.78
C ASN B 763 -39.24 6.89 -18.30
N ALA B 764 -40.01 5.97 -17.72
CA ALA B 764 -40.43 6.07 -16.32
C ALA B 764 -39.36 5.73 -15.27
N VAL B 765 -38.22 5.14 -15.67
CA VAL B 765 -37.17 4.73 -14.72
C VAL B 765 -36.10 5.78 -14.37
N PHE B 766 -35.98 6.85 -15.15
CA PHE B 766 -34.96 7.90 -14.90
C PHE B 766 -35.49 9.21 -14.22
N GLY B 767 -36.47 9.08 -13.33
CA GLY B 767 -37.01 10.23 -12.58
C GLY B 767 -38.47 10.55 -12.83
N LEU B 768 -39.00 10.22 -14.01
CA LEU B 768 -40.35 10.64 -14.42
C LEU B 768 -41.37 10.72 -13.27
N PRO B 769 -41.66 9.58 -12.59
CA PRO B 769 -42.77 9.55 -11.63
C PRO B 769 -42.57 10.43 -10.40
N GLU B 770 -41.34 10.85 -10.15
CA GLU B 770 -41.04 11.74 -9.03
C GLU B 770 -41.15 13.21 -9.45
N VAL B 771 -40.79 13.54 -10.69
CA VAL B 771 -40.91 14.93 -11.20
C VAL B 771 -42.37 15.31 -11.49
N VAL B 772 -43.10 14.41 -12.13
CA VAL B 772 -44.52 14.61 -12.40
C VAL B 772 -45.25 14.65 -11.08
N SER B 773 -44.97 13.71 -10.19
CA SER B 773 -45.64 13.66 -8.89
C SER B 773 -45.47 14.98 -8.13
N GLU B 774 -44.26 15.55 -8.22
CA GLU B 774 -43.94 16.79 -7.50
C GLU B 774 -44.50 18.04 -8.18
N ALA B 775 -44.50 18.05 -9.51
CA ALA B 775 -44.99 19.21 -10.26
C ALA B 775 -46.50 19.36 -10.09
N ILE B 776 -47.23 18.25 -10.15
CA ILE B 776 -48.68 18.26 -9.98
C ILE B 776 -49.03 18.86 -8.64
N ALA B 777 -48.35 18.38 -7.59
CA ALA B 777 -48.57 18.84 -6.22
C ALA B 777 -48.13 20.29 -6.03
N TYR B 778 -47.05 20.67 -6.71
CA TYR B 778 -46.52 22.01 -6.64
C TYR B 778 -47.39 23.02 -7.32
N LEU B 779 -48.07 22.60 -8.40
CA LEU B 779 -48.94 23.49 -9.20
C LEU B 779 -50.38 23.64 -8.70
N ALA B 780 -50.91 22.60 -8.07
CA ALA B 780 -52.32 22.50 -7.63
C ALA B 780 -53.33 22.84 -8.76
N ASP B 781 -54.08 23.94 -8.64
CA ASP B 781 -55.19 24.24 -9.56
C ASP B 781 -54.74 24.84 -10.90
N ASP B 782 -53.52 25.33 -10.94
CA ASP B 782 -52.91 25.84 -12.16
C ASP B 782 -52.47 24.71 -13.08
N ILE B 783 -52.60 23.45 -12.63
CA ILE B 783 -52.34 22.29 -13.48
C ILE B 783 -53.21 22.36 -14.76
N PRO B 784 -52.56 22.47 -15.96
CA PRO B 784 -53.30 22.56 -17.23
C PRO B 784 -54.25 21.40 -17.57
N LYS B 785 -55.25 21.70 -18.40
CA LYS B 785 -56.04 20.70 -19.15
C LYS B 785 -56.35 19.44 -18.32
N GLY B 786 -55.99 18.26 -18.84
CA GLY B 786 -56.02 17.00 -18.08
C GLY B 786 -54.65 16.35 -18.17
N PHE B 787 -53.61 17.10 -17.80
CA PHE B 787 -52.25 16.58 -17.63
C PHE B 787 -52.22 15.47 -16.60
N LYS B 788 -52.98 15.69 -15.53
CA LYS B 788 -53.15 14.74 -14.43
C LYS B 788 -53.72 13.40 -14.92
N GLN B 789 -54.66 13.45 -15.86
CA GLN B 789 -55.10 12.25 -16.59
C GLN B 789 -54.00 11.72 -17.52
N ALA B 790 -53.40 12.61 -18.32
CA ALA B 790 -52.34 12.22 -19.25
C ALA B 790 -51.26 11.43 -18.55
N TRP B 791 -50.99 11.78 -17.29
CA TRP B 791 -50.14 10.97 -16.43
C TRP B 791 -50.84 9.67 -16.03
N LEU B 792 -51.95 9.78 -15.30
CA LEU B 792 -52.71 8.62 -14.79
C LEU B 792 -52.85 7.49 -15.82
N ASP B 793 -53.12 7.87 -17.07
CA ASP B 793 -53.25 6.92 -18.16
C ASP B 793 -51.97 6.07 -18.27
N TYR B 794 -50.83 6.69 -18.58
CA TYR B 794 -49.54 5.95 -18.72
C TYR B 794 -49.27 5.02 -17.54
N CYS B 795 -49.64 5.43 -16.34
CA CYS B 795 -49.54 4.57 -15.17
C CYS B 795 -50.44 3.34 -15.25
N TYR B 796 -51.74 3.53 -15.47
CA TYR B 796 -52.66 2.39 -15.63
C TYR B 796 -52.30 1.54 -16.87
N TYR B 797 -52.14 2.18 -18.02
CA TYR B 797 -52.02 1.45 -19.29
C TYR B 797 -50.68 0.76 -19.57
N TYR B 798 -49.61 1.07 -18.84
CA TYR B 798 -48.31 0.46 -19.12
C TYR B 798 -48.34 -1.08 -19.06
N HIS B 799 -49.21 -1.65 -18.23
CA HIS B 799 -49.35 -3.10 -18.17
C HIS B 799 -50.80 -3.50 -17.89
N ALA B 800 -51.74 -2.87 -18.61
CA ALA B 800 -53.12 -3.37 -18.68
C ALA B 800 -53.11 -4.47 -19.73
N SER B 801 -54.26 -5.10 -19.98
CA SER B 801 -54.32 -6.11 -21.05
C SER B 801 -54.23 -5.44 -22.43
N ALA B 802 -53.65 -6.14 -23.40
CA ALA B 802 -53.52 -5.62 -24.77
C ALA B 802 -54.89 -5.31 -25.43
N SER B 803 -55.94 -5.94 -24.92
CA SER B 803 -57.32 -5.57 -25.24
C SER B 803 -57.71 -4.16 -24.72
N GLU B 804 -57.29 -3.80 -23.50
CA GLU B 804 -57.51 -2.42 -22.99
C GLU B 804 -56.58 -1.38 -23.66
N GLN B 805 -55.49 -1.86 -24.27
CA GLN B 805 -54.60 -1.03 -25.09
C GLN B 805 -55.05 -0.88 -26.55
N LYS B 806 -56.26 -1.39 -26.86
CA LYS B 806 -57.05 -1.02 -28.03
C LYS B 806 -58.22 -0.09 -27.65
N ASP B 807 -59.06 -0.53 -26.69
CA ASP B 807 -60.27 0.20 -26.22
C ASP B 807 -60.00 1.69 -25.98
N ARG B 808 -58.96 1.99 -25.19
CA ARG B 808 -58.28 3.29 -25.22
C ARG B 808 -57.11 3.15 -26.19
N TYR B 809 -56.85 4.17 -27.00
CA TYR B 809 -55.65 4.26 -27.87
C TYR B 809 -55.69 3.54 -29.24
N GLY B 810 -55.93 2.22 -29.24
CA GLY B 810 -56.03 1.42 -30.48
C GLY B 810 -54.71 0.97 -31.11
N VAL B 811 -53.80 0.35 -30.36
CA VAL B 811 -52.56 -0.20 -30.98
C VAL B 811 -51.65 -0.99 -30.05
N SER B 812 -52.24 -1.89 -29.23
CA SER B 812 -51.54 -2.80 -28.28
C SER B 812 -50.02 -2.62 -28.12
N PHE B 813 -49.58 -2.08 -26.97
CA PHE B 813 -48.16 -1.71 -26.69
C PHE B 813 -47.19 -2.90 -26.79
N SER B 814 -45.88 -2.63 -26.81
CA SER B 814 -44.86 -3.71 -26.75
C SER B 814 -43.66 -3.33 -25.85
N ILE B 816 -44.47 -2.82 -22.15
CA ILE B 816 -43.92 -4.11 -21.74
C ILE B 816 -42.38 -4.18 -21.93
N SER B 817 -41.63 -4.15 -20.82
CA SER B 817 -40.18 -4.46 -20.72
C SER B 817 -39.53 -4.43 -19.29
N LEU B 818 -39.96 -3.55 -18.37
CA LEU B 818 -39.48 -3.56 -16.96
C LEU B 818 -40.61 -3.51 -15.93
N LEU B 819 -41.27 -4.65 -15.76
CA LEU B 819 -42.58 -4.69 -15.13
C LEU B 819 -42.56 -4.49 -13.62
N GLN B 820 -41.52 -5.04 -12.96
CA GLN B 820 -41.34 -4.88 -11.51
C GLN B 820 -41.04 -3.43 -11.19
N ALA B 821 -40.24 -2.79 -12.04
CA ALA B 821 -39.94 -1.37 -11.91
C ALA B 821 -41.19 -0.51 -12.14
N HIS B 822 -41.93 -0.78 -13.21
CA HIS B 822 -43.11 0.02 -13.51
C HIS B 822 -44.30 -0.29 -12.58
N SER B 823 -44.19 -1.32 -11.74
CA SER B 823 -45.17 -1.56 -10.66
C SER B 823 -45.48 -0.32 -9.77
N ARG B 824 -44.45 0.52 -9.56
CA ARG B 824 -44.53 1.83 -8.86
C ARG B 824 -45.59 2.77 -9.43
N LEU B 825 -45.65 2.79 -10.77
CA LEU B 825 -46.55 3.67 -11.51
C LEU B 825 -48.01 3.22 -11.31
N ALA B 826 -48.23 1.91 -11.46
CA ALA B 826 -49.55 1.34 -11.19
C ALA B 826 -50.00 1.60 -9.75
N ALA B 827 -49.08 1.49 -8.80
CA ALA B 827 -49.35 1.80 -7.38
C ALA B 827 -49.71 3.26 -7.15
N TYR B 828 -49.05 4.17 -7.88
CA TYR B 828 -49.34 5.61 -7.78
C TYR B 828 -50.78 5.92 -8.20
N ALA B 829 -51.14 5.43 -9.38
CA ALA B 829 -52.49 5.57 -9.91
C ALA B 829 -53.50 4.96 -8.94
N ALA B 830 -53.19 3.80 -8.39
CA ALA B 830 -54.11 3.10 -7.50
C ALA B 830 -54.50 3.94 -6.27
N TYR B 831 -53.53 4.63 -5.67
CA TYR B 831 -53.77 5.55 -4.54
C TYR B 831 -54.52 6.81 -4.95
N GLU B 832 -54.16 7.34 -6.12
CA GLU B 832 -54.76 8.57 -6.62
C GLU B 832 -56.21 8.33 -7.11
N THR B 833 -56.45 7.17 -7.73
CA THR B 833 -57.80 6.77 -8.16
C THR B 833 -58.71 6.35 -7.01
N LYS B 834 -58.10 5.73 -5.97
CA LYS B 834 -58.77 4.73 -5.11
C LYS B 834 -59.33 3.59 -6.00
N ASN B 835 -58.44 2.70 -6.47
CA ASN B 835 -58.78 1.57 -7.39
C ASN B 835 -58.05 0.24 -7.06
N LYS B 836 -58.63 -0.58 -6.17
CA LYS B 836 -57.98 -1.81 -5.67
C LYS B 836 -57.70 -2.87 -6.72
N THR B 837 -58.43 -2.86 -7.85
CA THR B 837 -58.09 -3.68 -9.03
C THR B 837 -56.64 -3.40 -9.45
N LEU B 838 -56.31 -2.11 -9.53
CA LEU B 838 -55.00 -1.67 -9.98
C LEU B 838 -53.90 -1.97 -8.96
N ALA B 839 -54.23 -1.74 -7.69
CA ALA B 839 -53.26 -1.94 -6.59
C ALA B 839 -52.76 -3.38 -6.54
N LEU B 840 -53.71 -4.32 -6.69
CA LEU B 840 -53.39 -5.74 -6.69
C LEU B 840 -52.55 -6.12 -7.92
N ARG B 841 -52.81 -5.47 -9.05
CA ARG B 841 -52.00 -5.66 -10.25
C ARG B 841 -50.59 -5.10 -10.05
N ALA B 842 -50.50 -4.00 -9.30
CA ALA B 842 -49.21 -3.40 -8.95
C ALA B 842 -48.39 -4.36 -8.09
N TRP B 843 -49.03 -4.96 -7.09
CA TRP B 843 -48.35 -5.98 -6.27
C TRP B 843 -48.01 -7.24 -7.08
N LYS B 844 -48.96 -7.77 -7.86
CA LYS B 844 -48.70 -8.96 -8.70
C LYS B 844 -47.55 -8.75 -9.70
N ASP B 845 -47.37 -7.52 -10.20
CA ASP B 845 -46.18 -7.21 -11.00
C ASP B 845 -44.89 -7.15 -10.16
N PHE B 846 -45.01 -6.67 -8.92
CA PHE B 846 -43.84 -6.55 -8.02
C PHE B 846 -43.27 -7.91 -7.60
N TYR B 847 -44.16 -8.79 -7.17
CA TYR B 847 -43.79 -10.13 -6.74
C TYR B 847 -43.66 -11.15 -7.93
N ALA B 848 -44.50 -11.02 -8.97
CA ALA B 848 -44.63 -12.09 -9.99
C ALA B 848 -44.16 -11.79 -11.42
N SER B 849 -43.44 -10.68 -11.65
CA SER B 849 -42.96 -10.32 -13.01
C SER B 849 -41.45 -10.50 -13.13
N ASP B 850 -40.72 -9.48 -13.63
CA ASP B 850 -39.26 -9.57 -13.83
C ASP B 850 -38.50 -9.04 -12.60
N GLY B 851 -37.36 -8.37 -12.80
CA GLY B 851 -36.69 -7.65 -11.71
C GLY B 851 -35.97 -8.64 -10.84
N LEU B 852 -36.20 -8.58 -9.52
CA LEU B 852 -35.62 -9.58 -8.62
C LEU B 852 -36.46 -10.86 -8.44
N LEU B 853 -37.61 -10.81 -7.75
CA LEU B 853 -38.50 -11.98 -7.51
C LEU B 853 -38.37 -12.50 -6.10
N PRO B 854 -39.49 -12.81 -5.44
CA PRO B 854 -39.44 -13.19 -4.03
C PRO B 854 -38.71 -14.52 -3.78
N ASP B 855 -38.83 -15.46 -4.72
CA ASP B 855 -38.09 -16.74 -4.67
C ASP B 855 -36.63 -16.64 -5.05
N ALA B 856 -36.12 -15.43 -5.33
CA ALA B 856 -34.72 -15.25 -5.70
C ALA B 856 -33.78 -15.71 -4.57
N PRO B 857 -32.48 -15.90 -4.89
CA PRO B 857 -31.49 -16.39 -3.91
C PRO B 857 -31.40 -15.62 -2.58
N TRP B 858 -31.42 -14.29 -2.67
CA TRP B 858 -31.45 -13.39 -1.53
C TRP B 858 -30.43 -13.75 -0.43
N ASN B 859 -29.19 -13.94 -0.84
CA ASN B 859 -28.07 -14.09 0.11
C ASN B 859 -26.78 -13.81 -0.63
N ILE B 860 -25.68 -13.75 0.10
CA ILE B 860 -24.36 -13.59 -0.50
C ILE B 860 -23.58 -14.90 -0.44
N THR B 861 -22.70 -15.08 -1.40
CA THR B 861 -21.81 -16.21 -1.43
C THR B 861 -20.42 -15.67 -1.25
N HIS B 862 -19.68 -16.20 -0.28
CA HIS B 862 -18.27 -15.88 -0.13
C HIS B 862 -17.39 -16.63 -1.17
N VAL B 863 -16.32 -15.98 -1.62
CA VAL B 863 -15.45 -16.49 -2.66
C VAL B 863 -14.00 -16.23 -2.27
N ASP B 864 -13.17 -17.28 -2.27
CA ASP B 864 -11.75 -17.14 -1.97
C ASP B 864 -10.93 -18.23 -2.67
N GLY B 865 -9.69 -18.42 -2.21
CA GLY B 865 -8.78 -19.38 -2.81
C GLY B 865 -8.23 -18.81 -4.10
N SER B 866 -7.80 -19.70 -5.00
CA SER B 866 -7.24 -19.33 -6.31
C SER B 866 -8.27 -18.83 -7.35
N ASP B 867 -9.56 -18.89 -7.03
CA ASP B 867 -10.58 -18.31 -7.88
C ASP B 867 -10.59 -16.77 -7.97
N VAL B 868 -9.94 -16.08 -7.05
CA VAL B 868 -9.91 -14.61 -7.00
C VAL B 868 -8.59 -14.04 -6.46
N LEU B 869 -8.40 -12.73 -6.62
CA LEU B 869 -7.17 -12.05 -6.14
C LEU B 869 -7.22 -11.87 -4.64
N VAL B 870 -8.34 -11.36 -4.17
CA VAL B 870 -8.58 -11.15 -2.76
C VAL B 870 -9.95 -11.71 -2.45
N PRO B 871 -10.10 -12.36 -1.28
CA PRO B 871 -11.39 -12.99 -0.94
C PRO B 871 -12.51 -11.97 -0.98
N VAL B 872 -13.69 -12.40 -1.44
CA VAL B 872 -14.82 -11.49 -1.65
C VAL B 872 -16.19 -12.15 -1.51
N ASP B 873 -17.15 -11.37 -1.05
CA ASP B 873 -18.56 -11.75 -1.10
C ASP B 873 -19.14 -11.33 -2.47
N GLU B 874 -20.29 -11.90 -2.81
CA GLU B 874 -20.94 -11.63 -4.10
C GLU B 874 -22.42 -12.02 -4.12
N ALA B 875 -23.14 -11.40 -5.05
CA ALA B 875 -24.41 -11.92 -5.56
C ALA B 875 -24.41 -11.60 -7.06
N ALA B 876 -24.23 -12.65 -7.86
CA ALA B 876 -24.25 -12.54 -9.32
C ALA B 876 -25.68 -12.69 -9.83
N TRP B 877 -26.59 -13.09 -8.94
CA TRP B 877 -28.02 -13.10 -9.22
C TRP B 877 -28.67 -11.72 -9.27
N LEU B 878 -27.93 -10.66 -8.92
CA LEU B 878 -28.42 -9.28 -8.99
C LEU B 878 -27.43 -8.39 -9.73
N ALA B 879 -27.93 -7.22 -10.08
CA ALA B 879 -27.11 -6.17 -10.69
C ALA B 879 -27.70 -4.84 -10.29
N THR B 880 -27.00 -3.75 -10.61
CA THR B 880 -27.32 -2.44 -10.03
C THR B 880 -28.61 -1.85 -10.61
N ASN B 881 -28.92 -2.18 -11.87
CA ASN B 881 -30.25 -1.96 -12.44
C ASN B 881 -31.38 -2.54 -11.58
N ASP B 882 -31.22 -3.82 -11.22
CA ASP B 882 -32.21 -4.59 -10.43
C ASP B 882 -32.52 -3.92 -9.11
N ILE B 883 -31.46 -3.67 -8.34
CA ILE B 883 -31.59 -3.20 -6.96
C ILE B 883 -32.17 -1.80 -6.89
N ALA B 884 -31.83 -0.93 -7.85
CA ALA B 884 -32.34 0.45 -7.83
C ALA B 884 -33.84 0.47 -8.01
N GLN B 885 -34.29 -0.24 -9.04
CA GLN B 885 -35.70 -0.30 -9.39
C GLN B 885 -36.50 -1.22 -8.46
N TYR B 886 -35.84 -2.25 -7.93
CA TYR B 886 -36.41 -3.03 -6.82
C TYR B 886 -36.60 -2.17 -5.58
N GLY B 887 -35.60 -1.35 -5.27
CA GLY B 887 -35.64 -0.47 -4.10
C GLY B 887 -36.69 0.62 -4.20
N LEU B 888 -36.72 1.33 -5.32
CA LEU B 888 -37.78 2.32 -5.60
C LEU B 888 -39.20 1.70 -5.54
N ALA B 889 -39.33 0.50 -6.10
CA ALA B 889 -40.58 -0.25 -6.10
C ALA B 889 -41.08 -0.64 -4.71
N VAL B 890 -40.17 -1.05 -3.83
CA VAL B 890 -40.54 -1.35 -2.44
C VAL B 890 -41.10 -0.08 -1.81
N ILE B 891 -40.29 0.98 -1.82
CA ILE B 891 -40.63 2.22 -1.11
C ILE B 891 -41.94 2.85 -1.65
N GLN B 892 -42.13 2.81 -2.97
CA GLN B 892 -43.29 3.48 -3.59
C GLN B 892 -44.58 2.64 -3.49
N ASN B 893 -44.48 1.33 -3.66
CA ASN B 893 -45.67 0.48 -3.53
C ASN B 893 -46.09 0.44 -2.05
N LEU B 894 -45.13 0.49 -1.13
CA LEU B 894 -45.49 0.55 0.30
C LEU B 894 -46.15 1.88 0.69
N ALA B 895 -45.64 2.98 0.14
CA ALA B 895 -46.16 4.32 0.43
C ALA B 895 -47.59 4.49 -0.08
N TYR B 896 -47.74 4.20 -1.36
CA TYR B 896 -49.02 4.39 -2.02
C TYR B 896 -50.05 3.33 -1.58
N VAL B 897 -49.71 2.04 -1.71
CA VAL B 897 -50.72 0.97 -1.67
C VAL B 897 -50.43 -0.21 -0.74
N SER B 898 -49.87 0.07 0.44
CA SER B 898 -49.64 -1.00 1.43
C SER B 898 -50.94 -1.66 1.94
N ASP B 899 -52.04 -0.92 1.97
CA ASP B 899 -53.36 -1.48 2.30
C ASP B 899 -53.67 -2.73 1.51
N SER B 900 -53.41 -2.65 0.21
CA SER B 900 -53.68 -3.73 -0.72
C SER B 900 -52.79 -4.96 -0.54
N LEU B 901 -51.61 -4.80 0.10
CA LEU B 901 -50.67 -5.90 0.34
C LEU B 901 -51.28 -7.01 1.20
N ASP B 902 -51.91 -6.65 2.31
CA ASP B 902 -52.60 -7.65 3.14
C ASP B 902 -53.60 -8.38 2.25
N ASP B 903 -54.64 -7.63 1.82
CA ASP B 903 -55.75 -8.15 0.98
C ASP B 903 -55.28 -8.98 -0.22
N TYR B 904 -54.21 -8.52 -0.88
CA TYR B 904 -53.53 -9.25 -1.95
C TYR B 904 -53.21 -10.72 -1.63
N GLN B 905 -52.56 -10.95 -0.50
CA GLN B 905 -51.98 -12.26 -0.17
C GLN B 905 -53.06 -13.36 -0.15
N SER B 906 -53.12 -14.10 -1.26
CA SER B 906 -54.23 -15.00 -1.57
C SER B 906 -53.82 -16.45 -1.29
#